data_1QDB
#
_entry.id   1QDB
#
_cell.length_a   107.484
_cell.length_b   185.344
_cell.length_c   92.192
_cell.angle_alpha   90.00
_cell.angle_beta   90.00
_cell.angle_gamma   90.00
#
_symmetry.space_group_name_H-M   'P 21 21 2'
#
loop_
_entity.id
_entity.type
_entity.pdbx_description
1 polymer 'CYTOCHROME C NITRITE REDUCTASE'
2 non-polymer 'CALCIUM ION'
3 non-polymer 'SULFATE ION'
4 non-polymer 'HEME C'
5 water water
#
_entity_poly.entity_id   1
_entity_poly.type   'polypeptide(L)'
_entity_poly.pdbx_seq_one_letter_code
;GIAGKEKSEEWAKYYPRQFDSWKKTKEYDSFTDMLAKDPALVIAWSGYAFSKDYNSPRGHYYALQDNVNSLRTGAPVDAK
TGPLPTACWTCKSPDVPRLIEEDGELEYFTGKWAKYGSQIVNVIGCANCHDDKTAELKVRVPHLNRGLQAAGLKTFEEST
HQDKRTLVCAQCHVEYYFKKTEWKDAKGADKTAMVVTLPWANGVGKDGNAGVEGMIKYYDEINFSDWTHNISKTPMLKAQ
HPGFEFWKSGIHGQKGVSCADCHMPYTQEGSVKYSDHQVKENPLDSMDQSCMNCHRESESKLRGIVHQKYERKEFLNKVA
FDNIGKAHLETGKAIEAGASDEELKEVRKLIRHGQFKADMAIAAHGNYFHAPEETLRLLAAGSDDAQKARLLLVKILAKH
GVMDYIAPDFDTKDKAQKLAKVDIAALAAEKMKFKQTLEQEWKKEAKAKGRANPELYKDVDTINDGKSSWNKK
;
_entity_poly.pdbx_strand_id   A,B,C
#
loop_
_chem_comp.id
_chem_comp.type
_chem_comp.name
_chem_comp.formula
CA non-polymer 'CALCIUM ION' 'Ca 2'
HEC non-polymer 'HEME C' 'C34 H34 Fe N4 O4'
SO4 non-polymer 'SULFATE ION' 'O4 S -2'
#
# COMPACT_ATOMS: atom_id res chain seq x y z
N GLY A 1 -15.71 -51.05 11.44
CA GLY A 1 -15.41 -51.28 10.00
C GLY A 1 -16.64 -51.56 9.17
N ILE A 2 -16.53 -51.41 7.85
CA ILE A 2 -17.65 -51.63 6.95
C ILE A 2 -17.31 -52.65 5.86
N ALA A 3 -18.04 -53.76 5.84
CA ALA A 3 -17.83 -54.81 4.85
C ALA A 3 -18.48 -54.33 3.55
N GLY A 4 -17.80 -54.53 2.43
CA GLY A 4 -18.32 -54.09 1.15
C GLY A 4 -18.27 -52.58 1.11
N LYS A 5 -17.16 -52.06 1.64
CA LYS A 5 -16.84 -50.64 1.76
C LYS A 5 -17.00 -49.86 0.46
N GLU A 6 -16.62 -50.49 -0.65
CA GLU A 6 -16.73 -49.88 -1.97
C GLU A 6 -18.18 -49.64 -2.37
N LYS A 7 -19.11 -50.35 -1.73
CA LYS A 7 -20.52 -50.18 -2.01
C LYS A 7 -21.05 -49.14 -1.03
N SER A 8 -21.22 -47.92 -1.53
CA SER A 8 -21.69 -46.80 -0.71
C SER A 8 -23.03 -47.04 -0.03
N GLU A 9 -23.84 -47.95 -0.59
CA GLU A 9 -25.14 -48.27 -0.03
C GLU A 9 -24.95 -48.78 1.41
N GLU A 10 -23.89 -49.53 1.61
CA GLU A 10 -23.54 -50.10 2.91
C GLU A 10 -23.39 -49.06 4.03
N TRP A 11 -22.93 -47.87 3.68
CA TRP A 11 -22.72 -46.79 4.66
C TRP A 11 -24.03 -46.12 5.07
N ALA A 12 -25.04 -46.25 4.21
CA ALA A 12 -26.33 -45.61 4.44
C ALA A 12 -26.95 -45.81 5.82
N LYS A 13 -26.83 -47.01 6.38
CA LYS A 13 -27.42 -47.28 7.70
C LYS A 13 -26.75 -46.46 8.81
N TYR A 14 -25.44 -46.24 8.67
CA TYR A 14 -24.67 -45.46 9.65
C TYR A 14 -24.76 -43.95 9.42
N TYR A 15 -24.76 -43.53 8.16
CA TYR A 15 -24.82 -42.12 7.81
C TYR A 15 -25.84 -41.86 6.71
N PRO A 16 -27.13 -41.88 7.07
CA PRO A 16 -28.22 -41.66 6.10
C PRO A 16 -28.26 -40.27 5.42
N ARG A 17 -27.99 -39.22 6.18
CA ARG A 17 -28.01 -37.86 5.65
C ARG A 17 -26.93 -37.61 4.58
N GLN A 18 -25.73 -38.12 4.82
CA GLN A 18 -24.65 -37.98 3.88
C GLN A 18 -24.90 -38.86 2.67
N PHE A 19 -25.42 -40.07 2.90
CA PHE A 19 -25.71 -40.96 1.79
C PHE A 19 -26.80 -40.39 0.88
N ASP A 20 -27.90 -39.94 1.48
CA ASP A 20 -29.00 -39.37 0.72
C ASP A 20 -28.59 -38.14 -0.09
N SER A 21 -27.79 -37.24 0.51
CA SER A 21 -27.34 -36.04 -0.20
C SER A 21 -26.31 -36.41 -1.27
N TRP A 22 -25.48 -37.40 -0.97
CA TRP A 22 -24.47 -37.88 -1.91
C TRP A 22 -25.13 -38.39 -3.19
N LYS A 23 -26.21 -39.15 -3.05
CA LYS A 23 -26.88 -39.70 -4.23
C LYS A 23 -27.58 -38.64 -5.07
N LYS A 24 -27.90 -37.50 -4.46
CA LYS A 24 -28.58 -36.42 -5.17
C LYS A 24 -27.79 -35.78 -6.32
N THR A 25 -26.52 -36.16 -6.52
CA THR A 25 -25.78 -35.60 -7.64
C THR A 25 -26.34 -36.22 -8.92
N LYS A 26 -27.32 -37.12 -8.72
CA LYS A 26 -28.03 -37.79 -9.78
C LYS A 26 -28.78 -36.70 -10.55
N GLU A 27 -29.16 -35.64 -9.83
CA GLU A 27 -29.90 -34.51 -10.39
C GLU A 27 -29.14 -33.69 -11.42
N TYR A 28 -27.82 -33.80 -11.39
CA TYR A 28 -26.95 -33.09 -12.34
C TYR A 28 -26.78 -34.06 -13.50
N ASP A 29 -27.84 -34.21 -14.30
CA ASP A 29 -27.84 -35.16 -15.40
C ASP A 29 -27.54 -34.61 -16.79
N SER A 30 -27.19 -33.34 -16.86
CA SER A 30 -26.90 -32.71 -18.15
C SER A 30 -25.45 -32.33 -18.35
N PHE A 31 -24.96 -32.56 -19.56
CA PHE A 31 -23.61 -32.19 -19.94
C PHE A 31 -23.68 -31.53 -21.31
N THR A 32 -22.65 -30.77 -21.65
CA THR A 32 -22.61 -30.10 -22.95
C THR A 32 -21.54 -30.75 -23.81
N ASP A 33 -21.87 -31.03 -25.07
CA ASP A 33 -20.92 -31.61 -26.00
C ASP A 33 -20.01 -30.42 -26.32
N MET A 34 -18.82 -30.42 -25.72
CA MET A 34 -17.87 -29.34 -25.92
C MET A 34 -17.28 -29.30 -27.32
N LEU A 35 -17.20 -30.46 -27.97
CA LEU A 35 -16.68 -30.48 -29.34
C LEU A 35 -17.69 -29.83 -30.28
N ALA A 36 -18.98 -29.91 -29.95
CA ALA A 36 -20.02 -29.29 -30.77
C ALA A 36 -20.12 -27.80 -30.46
N LYS A 37 -19.91 -27.46 -29.20
CA LYS A 37 -19.97 -26.06 -28.79
C LYS A 37 -18.78 -25.28 -29.34
N ASP A 38 -17.59 -25.84 -29.13
CA ASP A 38 -16.33 -25.24 -29.56
C ASP A 38 -15.53 -26.21 -30.43
N PRO A 39 -15.92 -26.36 -31.71
CA PRO A 39 -15.25 -27.28 -32.64
C PRO A 39 -13.76 -27.06 -32.87
N ALA A 40 -13.26 -25.86 -32.57
CA ALA A 40 -11.83 -25.61 -32.70
C ALA A 40 -11.08 -26.62 -31.82
N LEU A 41 -11.73 -27.10 -30.76
CA LEU A 41 -11.13 -28.08 -29.84
C LEU A 41 -10.76 -29.38 -30.57
N VAL A 42 -11.58 -29.76 -31.54
CA VAL A 42 -11.33 -30.97 -32.35
C VAL A 42 -9.99 -30.83 -33.07
N ILE A 43 -9.73 -29.65 -33.62
CA ILE A 43 -8.46 -29.44 -34.33
C ILE A 43 -7.30 -29.45 -33.35
N ALA A 44 -7.47 -28.81 -32.19
CA ALA A 44 -6.41 -28.77 -31.18
C ALA A 44 -5.99 -30.18 -30.74
N TRP A 45 -6.97 -31.07 -30.59
CA TRP A 45 -6.72 -32.44 -30.16
C TRP A 45 -6.75 -33.49 -31.28
N SER A 46 -6.51 -33.02 -32.50
CA SER A 46 -6.50 -33.90 -33.67
C SER A 46 -5.43 -34.96 -33.52
N GLY A 47 -5.85 -36.21 -33.64
CA GLY A 47 -4.92 -37.32 -33.49
C GLY A 47 -4.96 -37.89 -32.08
N TYR A 48 -5.84 -37.35 -31.24
CA TYR A 48 -5.95 -37.80 -29.84
C TYR A 48 -7.40 -38.16 -29.54
N ALA A 49 -7.63 -38.91 -28.47
CA ALA A 49 -8.98 -39.34 -28.08
C ALA A 49 -9.96 -38.20 -27.88
N PHE A 50 -9.46 -37.09 -27.36
CA PHE A 50 -10.32 -35.94 -27.12
C PHE A 50 -10.95 -35.34 -28.38
N SER A 51 -10.41 -35.65 -29.55
CA SER A 51 -11.01 -35.14 -30.79
C SER A 51 -12.23 -35.98 -31.17
N LYS A 52 -12.44 -37.07 -30.43
CA LYS A 52 -13.56 -37.98 -30.67
C LYS A 52 -14.78 -37.62 -29.87
N ASP A 53 -14.56 -37.44 -28.56
CA ASP A 53 -15.64 -37.17 -27.64
C ASP A 53 -15.07 -36.41 -26.43
N TYR A 54 -15.75 -35.34 -26.04
CA TYR A 54 -15.33 -34.54 -24.89
C TYR A 54 -16.51 -33.68 -24.43
N ASN A 55 -17.08 -34.04 -23.29
CA ASN A 55 -18.22 -33.32 -22.75
C ASN A 55 -17.87 -32.60 -21.46
N SER A 56 -18.69 -31.63 -21.08
CA SER A 56 -18.50 -30.93 -19.84
C SER A 56 -18.83 -31.94 -18.72
N PRO A 57 -18.39 -31.67 -17.48
CA PRO A 57 -18.68 -32.60 -16.39
C PRO A 57 -20.13 -32.57 -15.93
N ARG A 58 -20.60 -33.71 -15.44
CA ARG A 58 -21.93 -33.77 -14.84
C ARG A 58 -21.81 -34.53 -13.51
N GLY A 59 -22.93 -34.68 -12.81
CA GLY A 59 -22.92 -35.35 -11.51
C GLY A 59 -21.95 -36.49 -11.25
N HIS A 60 -21.40 -36.52 -10.03
CA HIS A 60 -20.46 -37.58 -9.61
C HIS A 60 -21.13 -38.94 -9.78
N TYR A 61 -22.46 -38.94 -9.65
CA TYR A 61 -23.31 -40.13 -9.79
C TYR A 61 -23.08 -40.86 -11.12
N TYR A 62 -22.82 -40.10 -12.18
CA TYR A 62 -22.61 -40.67 -13.52
C TYR A 62 -21.15 -40.86 -13.92
N ALA A 63 -20.23 -40.57 -13.01
CA ALA A 63 -18.81 -40.65 -13.30
C ALA A 63 -18.31 -41.95 -13.93
N LEU A 64 -18.64 -43.06 -13.30
CA LEU A 64 -18.22 -44.38 -13.76
C LEU A 64 -18.83 -44.74 -15.12
N GLN A 65 -20.12 -44.53 -15.27
CA GLN A 65 -20.83 -44.84 -16.51
C GLN A 65 -20.42 -43.93 -17.67
N ASP A 66 -20.15 -42.66 -17.38
CA ASP A 66 -19.72 -41.74 -18.42
C ASP A 66 -18.32 -42.10 -18.91
N ASN A 67 -17.51 -42.65 -18.02
CA ASN A 67 -16.15 -43.09 -18.37
C ASN A 67 -16.29 -44.29 -19.31
N VAL A 68 -17.36 -45.06 -19.11
CA VAL A 68 -17.66 -46.24 -19.92
C VAL A 68 -18.32 -45.82 -21.25
N ASN A 69 -19.21 -44.84 -21.19
CA ASN A 69 -19.93 -44.35 -22.37
C ASN A 69 -19.14 -43.51 -23.37
N SER A 70 -18.07 -42.90 -22.90
CA SER A 70 -17.21 -42.05 -23.71
C SER A 70 -16.54 -42.77 -24.86
N LEU A 71 -16.51 -42.14 -26.03
CA LEU A 71 -15.84 -42.74 -27.18
C LEU A 71 -14.35 -42.89 -26.89
N ARG A 72 -13.83 -42.09 -25.95
CA ARG A 72 -12.41 -42.15 -25.62
C ARG A 72 -11.90 -43.52 -25.17
N THR A 73 -12.70 -44.23 -24.38
CA THR A 73 -12.29 -45.55 -23.91
C THR A 73 -12.46 -46.62 -24.99
N GLY A 74 -13.16 -46.26 -26.07
CA GLY A 74 -13.34 -47.17 -27.19
C GLY A 74 -14.25 -48.36 -26.98
N ALA A 75 -13.99 -49.39 -27.78
CA ALA A 75 -14.79 -50.60 -27.73
C ALA A 75 -13.91 -51.84 -27.71
N PRO A 76 -13.51 -52.28 -26.51
CA PRO A 76 -12.66 -53.47 -26.35
C PRO A 76 -13.47 -54.74 -26.65
N VAL A 77 -12.77 -55.80 -27.04
CA VAL A 77 -13.40 -57.09 -27.36
C VAL A 77 -13.26 -58.00 -26.14
N ASP A 78 -12.14 -57.83 -25.43
CA ASP A 78 -11.82 -58.60 -24.23
C ASP A 78 -11.01 -57.71 -23.28
N ALA A 79 -10.35 -58.33 -22.30
CA ALA A 79 -9.55 -57.59 -21.32
C ALA A 79 -8.15 -57.23 -21.83
N LYS A 80 -7.87 -57.53 -23.09
CA LYS A 80 -6.55 -57.24 -23.65
C LYS A 80 -6.63 -56.29 -24.86
N THR A 81 -7.84 -55.82 -25.17
CA THR A 81 -8.05 -54.90 -26.28
C THR A 81 -8.56 -53.54 -25.80
N GLY A 82 -8.71 -52.61 -26.73
CA GLY A 82 -9.17 -51.27 -26.39
C GLY A 82 -8.02 -50.30 -26.49
N PRO A 83 -8.29 -49.00 -26.72
CA PRO A 83 -7.22 -48.00 -26.83
C PRO A 83 -6.54 -47.52 -25.53
N LEU A 84 -7.33 -47.35 -24.48
CA LEU A 84 -6.81 -46.82 -23.21
C LEU A 84 -6.54 -47.84 -22.09
N PRO A 85 -5.56 -47.55 -21.21
CA PRO A 85 -5.11 -48.35 -20.07
C PRO A 85 -5.96 -48.31 -18.80
N THR A 86 -5.53 -49.08 -17.79
CA THR A 86 -6.24 -49.16 -16.52
C THR A 86 -6.32 -47.82 -15.79
N ALA A 87 -5.29 -47.00 -15.95
CA ALA A 87 -5.24 -45.69 -15.30
C ALA A 87 -6.50 -44.84 -15.51
N CYS A 88 -7.26 -45.12 -16.57
CA CYS A 88 -8.48 -44.38 -16.84
C CYS A 88 -9.60 -44.62 -15.83
N TRP A 89 -9.42 -45.63 -14.98
CA TRP A 89 -10.43 -45.92 -13.95
C TRP A 89 -10.17 -45.15 -12.66
N THR A 90 -8.90 -44.81 -12.46
CA THR A 90 -8.38 -44.16 -11.25
C THR A 90 -9.19 -43.13 -10.47
N CYS A 91 -9.90 -42.25 -11.16
CA CYS A 91 -10.67 -41.22 -10.49
C CYS A 91 -12.15 -41.34 -10.73
N LYS A 92 -12.64 -42.59 -10.76
CA LYS A 92 -14.04 -42.80 -11.04
C LYS A 92 -14.71 -43.77 -10.06
N SER A 93 -13.94 -44.41 -9.19
CA SER A 93 -14.53 -45.41 -8.30
C SER A 93 -13.74 -45.82 -7.05
N PRO A 94 -14.47 -46.16 -5.98
CA PRO A 94 -13.83 -46.58 -4.73
C PRO A 94 -13.20 -47.97 -4.88
N ASP A 95 -13.50 -48.65 -5.99
CA ASP A 95 -12.94 -49.98 -6.25
C ASP A 95 -11.47 -49.83 -6.67
N VAL A 96 -11.07 -48.60 -6.97
CA VAL A 96 -9.69 -48.32 -7.38
C VAL A 96 -8.72 -48.47 -6.21
N PRO A 97 -8.93 -47.73 -5.10
CA PRO A 97 -8.00 -47.89 -3.98
C PRO A 97 -8.05 -49.33 -3.44
N ARG A 98 -9.19 -49.99 -3.63
CA ARG A 98 -9.37 -51.38 -3.20
C ARG A 98 -8.36 -52.25 -3.94
N LEU A 99 -8.40 -52.19 -5.28
CA LEU A 99 -7.49 -52.97 -6.12
C LEU A 99 -6.02 -52.65 -5.90
N ILE A 100 -5.72 -51.39 -5.59
CA ILE A 100 -4.34 -50.97 -5.35
C ILE A 100 -3.85 -51.59 -4.03
N GLU A 101 -4.75 -51.65 -3.05
CA GLU A 101 -4.43 -52.23 -1.74
C GLU A 101 -4.30 -53.76 -1.80
N GLU A 102 -5.14 -54.39 -2.63
CA GLU A 102 -5.12 -55.84 -2.78
C GLU A 102 -4.00 -56.38 -3.66
N ASP A 103 -3.90 -55.86 -4.89
CA ASP A 103 -2.90 -56.34 -5.85
C ASP A 103 -1.64 -55.50 -6.01
N GLY A 104 -1.65 -54.30 -5.43
CA GLY A 104 -0.50 -53.42 -5.54
C GLY A 104 -0.75 -52.30 -6.56
N GLU A 105 -0.08 -51.17 -6.37
CA GLU A 105 -0.23 -50.02 -7.26
C GLU A 105 0.21 -50.32 -8.70
N LEU A 106 1.44 -50.80 -8.86
CA LEU A 106 1.99 -51.13 -10.18
C LEU A 106 1.14 -52.12 -10.95
N GLU A 107 0.63 -53.14 -10.29
CA GLU A 107 -0.21 -54.14 -10.95
C GLU A 107 -1.52 -53.48 -11.38
N TYR A 108 -2.05 -52.61 -10.53
CA TYR A 108 -3.30 -51.92 -10.87
C TYR A 108 -3.10 -51.09 -12.14
N PHE A 109 -1.95 -50.43 -12.26
CA PHE A 109 -1.63 -49.60 -13.42
C PHE A 109 -1.07 -50.37 -14.63
N THR A 110 -1.18 -51.70 -14.59
CA THR A 110 -0.70 -52.53 -15.70
C THR A 110 -1.86 -53.15 -16.45
N GLY A 111 -1.84 -53.03 -17.77
CA GLY A 111 -2.90 -53.59 -18.58
C GLY A 111 -3.87 -52.60 -19.21
N LYS A 112 -4.84 -53.15 -19.90
CA LYS A 112 -5.86 -52.37 -20.59
C LYS A 112 -7.02 -51.98 -19.69
N TRP A 113 -7.67 -50.88 -20.03
CA TRP A 113 -8.83 -50.39 -19.30
C TRP A 113 -9.85 -51.52 -19.12
N ALA A 114 -10.06 -52.30 -20.19
CA ALA A 114 -11.01 -53.41 -20.16
C ALA A 114 -10.68 -54.48 -19.09
N LYS A 115 -9.41 -54.56 -18.69
CA LYS A 115 -8.94 -55.51 -17.68
C LYS A 115 -9.75 -55.53 -16.39
N TYR A 116 -10.18 -54.36 -15.93
CA TYR A 116 -10.94 -54.25 -14.69
C TYR A 116 -12.40 -53.92 -14.91
N GLY A 117 -12.86 -54.05 -16.14
CA GLY A 117 -14.25 -53.73 -16.43
C GLY A 117 -15.27 -54.38 -15.51
N SER A 118 -14.94 -55.56 -15.00
CA SER A 118 -15.83 -56.30 -14.09
C SER A 118 -15.52 -56.06 -12.61
N GLN A 119 -14.35 -55.52 -12.33
CA GLN A 119 -13.91 -55.23 -10.95
C GLN A 119 -14.28 -53.83 -10.46
N ILE A 120 -14.07 -52.84 -11.33
CA ILE A 120 -14.37 -51.45 -11.00
C ILE A 120 -15.80 -51.16 -11.41
N VAL A 121 -16.70 -51.38 -10.46
CA VAL A 121 -18.12 -51.25 -10.70
C VAL A 121 -18.95 -50.36 -9.80
N ASN A 122 -18.32 -49.68 -8.85
CA ASN A 122 -19.05 -48.77 -7.95
C ASN A 122 -18.57 -47.37 -8.26
N VAL A 123 -19.49 -46.41 -8.33
CA VAL A 123 -19.13 -45.03 -8.65
C VAL A 123 -18.57 -44.26 -7.44
N ILE A 124 -17.80 -43.20 -7.73
CA ILE A 124 -17.19 -42.31 -6.74
C ILE A 124 -18.01 -42.37 -5.46
N GLY A 125 -17.46 -43.00 -4.43
CA GLY A 125 -18.24 -43.14 -3.20
C GLY A 125 -17.57 -42.75 -1.89
N CYS A 126 -18.26 -43.08 -0.79
CA CYS A 126 -17.80 -42.78 0.56
C CYS A 126 -16.35 -43.18 0.82
N ALA A 127 -15.98 -44.37 0.36
CA ALA A 127 -14.63 -44.91 0.55
C ALA A 127 -13.51 -44.14 -0.17
N ASN A 128 -13.87 -43.29 -1.13
CA ASN A 128 -12.87 -42.50 -1.83
C ASN A 128 -12.39 -41.35 -0.94
N CYS A 129 -13.18 -40.98 0.06
CA CYS A 129 -12.81 -39.86 0.92
C CYS A 129 -12.83 -40.08 2.42
N HIS A 130 -13.26 -41.26 2.87
CA HIS A 130 -13.38 -41.53 4.29
C HIS A 130 -12.86 -42.88 4.76
N ASP A 131 -12.46 -42.92 6.03
CA ASP A 131 -12.01 -44.14 6.67
C ASP A 131 -13.31 -44.85 7.08
N ASP A 132 -13.42 -46.14 6.78
CA ASP A 132 -14.62 -46.91 7.10
C ASP A 132 -14.87 -47.11 8.60
N LYS A 133 -13.82 -46.99 9.41
CA LYS A 133 -13.93 -47.17 10.86
C LYS A 133 -14.36 -45.90 11.58
N THR A 134 -13.68 -44.80 11.28
CA THR A 134 -13.92 -43.51 11.93
C THR A 134 -14.64 -42.43 11.13
N ALA A 135 -14.72 -42.61 9.82
CA ALA A 135 -15.36 -41.65 8.92
C ALA A 135 -14.52 -40.37 8.74
N GLU A 136 -13.28 -40.40 9.24
CA GLU A 136 -12.39 -39.25 9.09
C GLU A 136 -12.00 -39.15 7.62
N LEU A 137 -11.67 -37.93 7.17
CA LEU A 137 -11.27 -37.72 5.78
C LEU A 137 -10.02 -38.54 5.53
N LYS A 138 -9.96 -39.15 4.35
CA LYS A 138 -8.83 -40.01 4.02
C LYS A 138 -8.68 -40.16 2.51
N VAL A 139 -7.43 -40.23 2.05
CA VAL A 139 -7.11 -40.42 0.65
C VAL A 139 -6.31 -41.71 0.55
N ARG A 140 -6.76 -42.63 -0.31
CA ARG A 140 -6.09 -43.91 -0.46
C ARG A 140 -5.33 -44.10 -1.76
N VAL A 141 -5.37 -43.09 -2.64
CA VAL A 141 -4.63 -43.19 -3.89
C VAL A 141 -3.29 -42.50 -3.70
N PRO A 142 -2.19 -43.26 -3.87
CA PRO A 142 -0.83 -42.77 -3.71
C PRO A 142 -0.32 -41.67 -4.64
N HIS A 143 -1.04 -41.39 -5.74
CA HIS A 143 -0.56 -40.34 -6.65
C HIS A 143 -0.60 -38.95 -6.01
N LEU A 144 -1.61 -38.68 -5.19
CA LEU A 144 -1.74 -37.39 -4.52
C LEU A 144 -0.54 -37.03 -3.66
N ASN A 145 -0.19 -37.85 -2.67
CA ASN A 145 0.95 -37.56 -1.81
C ASN A 145 2.25 -37.43 -2.59
N ARG A 146 2.38 -38.25 -3.63
CA ARG A 146 3.58 -38.21 -4.46
C ARG A 146 3.69 -36.82 -5.13
N GLY A 147 2.58 -36.30 -5.64
CA GLY A 147 2.59 -34.99 -6.25
C GLY A 147 2.82 -33.89 -5.23
N LEU A 148 2.13 -33.97 -4.09
CA LEU A 148 2.30 -32.97 -3.03
C LEU A 148 3.77 -32.87 -2.60
N GLN A 149 4.43 -34.01 -2.38
CA GLN A 149 5.83 -33.97 -1.97
C GLN A 149 6.73 -33.44 -3.11
N ALA A 150 6.37 -33.78 -4.35
CA ALA A 150 7.14 -33.29 -5.49
C ALA A 150 7.03 -31.76 -5.53
N ALA A 151 5.87 -31.22 -5.14
CA ALA A 151 5.64 -29.78 -5.12
C ALA A 151 6.16 -29.09 -3.87
N GLY A 152 6.74 -29.85 -2.94
CA GLY A 152 7.26 -29.26 -1.72
C GLY A 152 6.17 -28.92 -0.71
N LEU A 153 5.04 -29.59 -0.84
CA LEU A 153 3.90 -29.39 0.05
C LEU A 153 3.77 -30.57 0.98
N LYS A 154 3.00 -30.40 2.05
CA LYS A 154 2.78 -31.48 3.01
C LYS A 154 1.86 -32.55 2.43
N THR A 155 2.03 -33.78 2.92
CA THR A 155 1.20 -34.90 2.49
C THR A 155 -0.18 -34.68 3.08
N PHE A 156 -1.15 -35.43 2.60
CA PHE A 156 -2.52 -35.32 3.09
C PHE A 156 -2.54 -35.48 4.62
N GLU A 157 -1.83 -36.49 5.11
CA GLU A 157 -1.78 -36.82 6.53
C GLU A 157 -1.13 -35.75 7.41
N GLU A 158 -0.20 -34.99 6.85
CA GLU A 158 0.50 -33.94 7.57
C GLU A 158 -0.23 -32.59 7.49
N SER A 159 -1.29 -32.54 6.69
CA SER A 159 -2.07 -31.31 6.48
C SER A 159 -3.14 -31.07 7.53
N THR A 160 -3.72 -29.87 7.54
CA THR A 160 -4.76 -29.54 8.48
C THR A 160 -6.11 -29.98 7.94
N HIS A 161 -7.12 -29.98 8.82
CA HIS A 161 -8.48 -30.36 8.45
C HIS A 161 -8.96 -29.52 7.26
N GLN A 162 -8.79 -28.21 7.34
CA GLN A 162 -9.20 -27.34 6.24
C GLN A 162 -8.48 -27.70 4.95
N ASP A 163 -7.20 -28.05 5.04
CA ASP A 163 -6.42 -28.47 3.86
C ASP A 163 -7.04 -29.73 3.24
N LYS A 164 -7.42 -30.68 4.11
CA LYS A 164 -8.02 -31.94 3.68
C LYS A 164 -9.37 -31.77 3.01
N ARG A 165 -10.15 -30.78 3.45
CA ARG A 165 -11.44 -30.50 2.87
C ARG A 165 -11.28 -30.10 1.39
N THR A 166 -10.03 -29.81 1.00
CA THR A 166 -9.71 -29.46 -0.38
C THR A 166 -9.00 -30.65 -1.05
N LEU A 167 -8.06 -31.24 -0.33
CA LEU A 167 -7.29 -32.37 -0.85
C LEU A 167 -8.10 -33.60 -1.22
N VAL A 168 -9.25 -33.84 -0.59
CA VAL A 168 -10.06 -35.01 -0.96
C VAL A 168 -10.67 -34.77 -2.36
N CYS A 169 -10.59 -33.53 -2.82
CA CYS A 169 -11.11 -33.17 -4.16
C CYS A 169 -9.92 -33.23 -5.13
N ALA A 170 -8.77 -32.77 -4.64
CA ALA A 170 -7.54 -32.76 -5.42
C ALA A 170 -7.05 -34.15 -5.79
N GLN A 171 -7.53 -35.19 -5.10
CA GLN A 171 -7.08 -36.54 -5.46
C GLN A 171 -7.51 -36.88 -6.88
N CYS A 172 -8.48 -36.14 -7.40
CA CYS A 172 -8.99 -36.34 -8.77
C CYS A 172 -8.95 -35.09 -9.65
N HIS A 173 -9.35 -33.94 -9.09
CA HIS A 173 -9.40 -32.69 -9.84
C HIS A 173 -8.05 -31.99 -9.97
N VAL A 174 -7.12 -32.67 -10.62
CA VAL A 174 -5.77 -32.19 -10.83
C VAL A 174 -5.29 -32.61 -12.23
N GLU A 175 -4.24 -31.95 -12.71
CA GLU A 175 -3.63 -32.28 -14.00
C GLU A 175 -2.69 -33.46 -13.73
N TYR A 176 -2.53 -34.35 -14.71
CA TYR A 176 -1.69 -35.53 -14.55
C TYR A 176 -1.23 -36.06 -15.90
N TYR A 177 -0.38 -37.08 -15.88
CA TYR A 177 0.06 -37.76 -17.10
C TYR A 177 0.29 -39.21 -16.72
N PHE A 178 0.41 -40.08 -17.72
CA PHE A 178 0.66 -41.49 -17.48
C PHE A 178 2.15 -41.72 -17.62
N LYS A 179 2.79 -42.09 -16.52
CA LYS A 179 4.23 -42.36 -16.53
C LYS A 179 4.51 -43.83 -16.80
N LYS A 180 5.18 -44.10 -17.92
CA LYS A 180 5.54 -45.46 -18.32
C LYS A 180 6.54 -45.98 -17.31
N THR A 181 6.13 -46.99 -16.54
CA THR A 181 7.00 -47.55 -15.50
C THR A 181 7.25 -49.04 -15.73
N GLU A 182 8.51 -49.40 -15.96
CA GLU A 182 8.90 -50.78 -16.17
C GLU A 182 9.15 -51.45 -14.82
N TRP A 183 8.53 -52.61 -14.60
CA TRP A 183 8.71 -53.34 -13.34
C TRP A 183 8.74 -54.86 -13.52
N LYS A 184 8.79 -55.57 -12.40
CA LYS A 184 8.83 -57.03 -12.40
C LYS A 184 7.99 -57.53 -11.23
N ASP A 185 7.07 -58.45 -11.52
CA ASP A 185 6.18 -59.00 -10.48
C ASP A 185 6.81 -60.08 -9.61
N ALA A 186 5.96 -60.76 -8.83
CA ALA A 186 6.38 -61.83 -7.92
C ALA A 186 7.08 -62.97 -8.66
N LYS A 187 6.48 -63.43 -9.76
CA LYS A 187 7.05 -64.52 -10.56
C LYS A 187 8.26 -64.11 -11.40
N GLY A 188 8.64 -62.83 -11.32
CA GLY A 188 9.78 -62.34 -12.07
C GLY A 188 9.51 -61.97 -13.52
N ALA A 189 8.24 -61.75 -13.85
CA ALA A 189 7.86 -61.38 -15.21
C ALA A 189 7.94 -59.86 -15.39
N ASP A 190 8.66 -59.44 -16.44
CA ASP A 190 8.81 -58.01 -16.76
C ASP A 190 7.50 -57.43 -17.27
N LYS A 191 7.04 -56.36 -16.64
CA LYS A 191 5.79 -55.71 -17.03
C LYS A 191 5.94 -54.20 -17.23
N THR A 192 4.90 -53.60 -17.81
CA THR A 192 4.89 -52.17 -18.08
C THR A 192 3.61 -51.54 -17.51
N ALA A 193 3.79 -50.56 -16.63
CA ALA A 193 2.65 -49.87 -16.03
C ALA A 193 2.57 -48.43 -16.49
N MET A 194 1.34 -47.95 -16.67
CA MET A 194 1.09 -46.55 -17.05
C MET A 194 0.51 -45.95 -15.78
N VAL A 195 1.39 -45.33 -15.00
CA VAL A 195 1.07 -44.74 -13.70
C VAL A 195 0.65 -43.27 -13.65
N VAL A 196 -0.56 -43.01 -13.15
CA VAL A 196 -1.06 -41.65 -13.00
C VAL A 196 -0.04 -40.88 -12.16
N THR A 197 0.51 -39.81 -12.75
CA THR A 197 1.53 -38.99 -12.10
C THR A 197 1.20 -37.50 -12.25
N LEU A 198 1.28 -36.76 -11.13
CA LEU A 198 1.05 -35.32 -11.15
C LEU A 198 2.40 -34.68 -11.43
N PRO A 199 2.50 -33.87 -12.50
CA PRO A 199 3.74 -33.17 -12.91
C PRO A 199 4.00 -31.93 -12.06
N TRP A 200 4.11 -32.14 -10.75
CA TRP A 200 4.27 -31.06 -9.80
C TRP A 200 5.67 -30.75 -9.25
N ALA A 201 6.70 -31.32 -9.86
CA ALA A 201 8.08 -31.11 -9.41
C ALA A 201 8.53 -29.66 -9.28
N ASN A 202 7.99 -28.76 -10.10
CA ASN A 202 8.36 -27.36 -10.07
C ASN A 202 7.36 -26.48 -9.31
N GLY A 203 6.46 -27.13 -8.58
CA GLY A 203 5.46 -26.44 -7.77
C GLY A 203 4.14 -26.10 -8.44
N VAL A 204 3.07 -25.98 -7.65
CA VAL A 204 1.75 -25.61 -8.16
C VAL A 204 1.08 -24.60 -7.22
N GLY A 205 0.35 -23.66 -7.80
CA GLY A 205 -0.32 -22.64 -7.01
C GLY A 205 0.62 -21.83 -6.13
N LYS A 206 1.87 -21.69 -6.56
CA LYS A 206 2.87 -20.94 -5.82
C LYS A 206 2.83 -19.43 -6.10
N ASP A 207 2.46 -18.65 -5.09
CA ASP A 207 2.37 -17.19 -5.18
C ASP A 207 1.59 -16.70 -6.41
N GLY A 208 0.34 -17.16 -6.54
CA GLY A 208 -0.49 -16.72 -7.65
C GLY A 208 -0.27 -17.40 -9.00
N ASN A 209 0.78 -18.22 -9.10
CA ASN A 209 1.08 -18.94 -10.33
C ASN A 209 0.43 -20.34 -10.30
N ALA A 210 -0.38 -20.65 -11.31
CA ALA A 210 -1.05 -21.94 -11.38
C ALA A 210 -0.03 -23.10 -11.39
N GLY A 211 1.08 -22.89 -12.09
CA GLY A 211 2.13 -23.90 -12.17
C GLY A 211 2.41 -24.39 -13.58
N VAL A 212 1.67 -23.84 -14.56
CA VAL A 212 1.82 -24.26 -15.96
C VAL A 212 3.23 -24.13 -16.52
N GLU A 213 3.88 -22.99 -16.29
CA GLU A 213 5.24 -22.80 -16.80
C GLU A 213 6.19 -23.85 -16.22
N GLY A 214 6.01 -24.16 -14.94
CA GLY A 214 6.85 -25.17 -14.31
C GLY A 214 6.61 -26.54 -14.91
N MET A 215 5.34 -26.84 -15.20
CA MET A 215 4.95 -28.12 -15.80
C MET A 215 5.58 -28.27 -17.19
N ILE A 216 5.55 -27.20 -17.99
CA ILE A 216 6.14 -27.26 -19.32
C ILE A 216 7.64 -27.56 -19.17
N LYS A 217 8.28 -26.87 -18.23
CA LYS A 217 9.71 -27.08 -17.98
C LYS A 217 10.00 -28.54 -17.65
N TYR A 218 9.13 -29.13 -16.83
CA TYR A 218 9.24 -30.52 -16.41
C TYR A 218 9.00 -31.49 -17.58
N TYR A 219 7.87 -31.34 -18.27
CA TYR A 219 7.55 -32.21 -19.39
C TYR A 219 8.63 -32.20 -20.49
N ASP A 220 9.20 -31.04 -20.79
CA ASP A 220 10.24 -30.93 -21.81
C ASP A 220 11.53 -31.62 -21.36
N GLU A 221 11.87 -31.44 -20.08
CA GLU A 221 13.08 -32.05 -19.53
C GLU A 221 13.03 -33.58 -19.58
N ILE A 222 11.86 -34.17 -19.34
CA ILE A 222 11.76 -35.63 -19.40
C ILE A 222 11.27 -36.06 -20.79
N ASN A 223 11.29 -35.12 -21.74
CA ASN A 223 10.89 -35.35 -23.13
C ASN A 223 9.60 -36.14 -23.29
N PHE A 224 8.56 -35.74 -22.55
CA PHE A 224 7.30 -36.46 -22.62
C PHE A 224 6.27 -35.77 -23.51
N SER A 225 5.48 -36.57 -24.21
CA SER A 225 4.41 -36.05 -25.05
C SER A 225 3.24 -37.01 -24.91
N ASP A 226 2.03 -36.46 -24.86
CA ASP A 226 0.83 -37.28 -24.76
C ASP A 226 0.49 -37.87 -26.13
N TRP A 227 0.83 -37.15 -27.19
CA TRP A 227 0.59 -37.59 -28.56
C TRP A 227 1.26 -36.67 -29.59
N THR A 228 1.31 -37.14 -30.84
CA THR A 228 1.87 -36.36 -31.93
C THR A 228 0.65 -35.93 -32.76
N HIS A 229 0.47 -34.62 -32.88
CA HIS A 229 -0.65 -34.09 -33.64
C HIS A 229 -0.66 -34.70 -35.04
N ASN A 230 -1.81 -35.20 -35.48
CA ASN A 230 -1.88 -35.83 -36.81
C ASN A 230 -1.96 -34.88 -37.99
N ILE A 231 -2.00 -33.57 -37.70
CA ILE A 231 -2.03 -32.56 -38.75
C ILE A 231 -0.67 -31.86 -38.79
N SER A 232 -0.25 -31.32 -37.65
CA SER A 232 1.03 -30.63 -37.58
C SER A 232 2.24 -31.48 -37.21
N LYS A 233 2.01 -32.70 -36.74
CA LYS A 233 3.10 -33.58 -36.32
C LYS A 233 3.89 -32.99 -35.14
N THR A 234 3.22 -32.17 -34.34
CA THR A 234 3.85 -31.55 -33.17
C THR A 234 3.75 -32.49 -31.96
N PRO A 235 4.84 -32.64 -31.19
CA PRO A 235 4.81 -33.50 -29.99
C PRO A 235 3.97 -32.68 -28.99
N MET A 236 2.75 -33.12 -28.73
CA MET A 236 1.81 -32.39 -27.86
C MET A 236 1.63 -32.80 -26.39
N LEU A 237 1.12 -31.85 -25.60
CA LEU A 237 0.82 -32.07 -24.18
C LEU A 237 -0.66 -31.81 -23.96
N LYS A 238 -1.36 -32.77 -23.36
CA LYS A 238 -2.78 -32.61 -23.10
C LYS A 238 -2.97 -32.13 -21.67
N ALA A 239 -3.88 -31.19 -21.46
CA ALA A 239 -4.15 -30.70 -20.13
C ALA A 239 -5.42 -31.38 -19.64
N GLN A 240 -5.50 -31.67 -18.35
CA GLN A 240 -6.72 -32.26 -17.79
C GLN A 240 -7.07 -31.62 -16.45
N HIS A 241 -8.27 -31.07 -16.40
CA HIS A 241 -8.86 -30.49 -15.20
C HIS A 241 -7.91 -30.16 -14.04
N PRO A 242 -7.06 -29.12 -14.20
CA PRO A 242 -6.13 -28.74 -13.11
C PRO A 242 -6.89 -27.89 -12.10
N GLY A 243 -7.96 -28.45 -11.54
CA GLY A 243 -8.78 -27.71 -10.59
C GLY A 243 -8.04 -27.16 -9.38
N PHE A 244 -7.31 -28.05 -8.71
CA PHE A 244 -6.53 -27.72 -7.51
C PHE A 244 -5.42 -26.70 -7.80
N GLU A 245 -4.62 -26.95 -8.83
CA GLU A 245 -3.52 -26.05 -9.17
C GLU A 245 -3.97 -24.61 -9.40
N PHE A 246 -5.06 -24.45 -10.14
CA PHE A 246 -5.61 -23.12 -10.40
C PHE A 246 -6.28 -22.54 -9.16
N TRP A 247 -7.06 -23.37 -8.46
CA TRP A 247 -7.72 -22.90 -7.24
C TRP A 247 -6.70 -22.31 -6.26
N LYS A 248 -5.54 -22.94 -6.16
CA LYS A 248 -4.50 -22.50 -5.24
C LYS A 248 -3.94 -21.12 -5.63
N SER A 249 -4.01 -20.79 -6.91
CA SER A 249 -3.53 -19.50 -7.41
C SER A 249 -4.53 -18.39 -7.25
N GLY A 250 -5.81 -18.74 -7.13
CA GLY A 250 -6.85 -17.73 -6.98
C GLY A 250 -6.96 -17.14 -5.59
N ILE A 251 -7.75 -16.08 -5.46
CA ILE A 251 -7.88 -15.43 -4.15
C ILE A 251 -8.55 -16.32 -3.10
N HIS A 252 -9.59 -17.06 -3.47
CA HIS A 252 -10.23 -17.93 -2.48
C HIS A 252 -9.21 -18.95 -1.95
N GLY A 253 -8.46 -19.53 -2.87
CA GLY A 253 -7.44 -20.50 -2.51
C GLY A 253 -6.37 -19.90 -1.61
N GLN A 254 -5.91 -18.71 -1.98
CA GLN A 254 -4.90 -18.04 -1.17
C GLN A 254 -5.44 -17.61 0.19
N LYS A 255 -6.75 -17.44 0.29
CA LYS A 255 -7.39 -17.06 1.56
C LYS A 255 -7.87 -18.28 2.36
N GLY A 256 -7.54 -19.48 1.89
CA GLY A 256 -7.93 -20.71 2.59
C GLY A 256 -9.39 -21.15 2.53
N VAL A 257 -10.09 -20.76 1.48
CA VAL A 257 -11.50 -21.17 1.32
C VAL A 257 -11.44 -22.48 0.54
N SER A 258 -11.84 -23.59 1.17
CA SER A 258 -11.76 -24.89 0.50
C SER A 258 -12.85 -25.15 -0.51
N CYS A 259 -12.61 -26.16 -1.34
CA CYS A 259 -13.57 -26.59 -2.34
C CYS A 259 -14.87 -26.91 -1.60
N ALA A 260 -14.74 -27.59 -0.45
CA ALA A 260 -15.89 -28.01 0.34
C ALA A 260 -16.74 -26.86 0.90
N ASP A 261 -16.11 -25.71 1.15
CA ASP A 261 -16.85 -24.55 1.66
C ASP A 261 -17.91 -24.09 0.67
N CYS A 262 -17.59 -24.15 -0.63
CA CYS A 262 -18.54 -23.71 -1.64
C CYS A 262 -19.37 -24.85 -2.24
N HIS A 263 -18.73 -26.01 -2.40
CA HIS A 263 -19.39 -27.16 -3.01
C HIS A 263 -20.12 -28.14 -2.06
N MET A 264 -19.68 -28.19 -0.80
CA MET A 264 -20.31 -29.06 0.21
C MET A 264 -20.63 -28.21 1.43
N PRO A 265 -21.54 -27.23 1.31
CA PRO A 265 -21.91 -26.36 2.43
C PRO A 265 -22.50 -27.11 3.60
N TYR A 266 -22.24 -26.61 4.81
CA TYR A 266 -22.80 -27.23 6.02
C TYR A 266 -24.29 -26.91 6.03
N THR A 267 -25.09 -27.84 6.53
CA THR A 267 -26.54 -27.66 6.60
C THR A 267 -27.09 -28.30 7.87
N GLN A 268 -28.35 -28.04 8.19
CA GLN A 268 -28.93 -28.59 9.41
C GLN A 268 -30.39 -29.01 9.27
N GLU A 269 -30.63 -30.32 9.29
CA GLU A 269 -31.99 -30.88 9.21
C GLU A 269 -32.46 -31.19 10.62
N GLY A 270 -33.33 -30.34 11.14
CA GLY A 270 -33.83 -30.51 12.50
C GLY A 270 -32.80 -29.98 13.48
N SER A 271 -32.26 -30.87 14.29
CA SER A 271 -31.24 -30.51 15.27
C SER A 271 -29.86 -31.02 14.86
N VAL A 272 -29.82 -31.79 13.77
CA VAL A 272 -28.58 -32.36 13.27
C VAL A 272 -27.93 -31.56 12.13
N LYS A 273 -26.69 -31.12 12.37
CA LYS A 273 -25.93 -30.37 11.39
C LYS A 273 -24.98 -31.32 10.66
N TYR A 274 -24.94 -31.20 9.34
CA TYR A 274 -24.08 -32.05 8.52
C TYR A 274 -23.64 -31.35 7.22
N SER A 275 -22.73 -32.00 6.50
CA SER A 275 -22.23 -31.48 5.23
C SER A 275 -23.09 -31.97 4.09
N ASP A 276 -23.58 -31.06 3.27
CA ASP A 276 -24.40 -31.42 2.12
C ASP A 276 -23.48 -32.16 1.15
N HIS A 277 -23.69 -33.46 0.98
CA HIS A 277 -22.86 -34.26 0.09
C HIS A 277 -23.24 -34.23 -1.40
N GLN A 278 -24.22 -33.42 -1.76
CA GLN A 278 -24.58 -33.28 -3.17
C GLN A 278 -23.59 -32.23 -3.68
N VAL A 279 -22.35 -32.65 -3.95
CA VAL A 279 -21.30 -31.74 -4.43
C VAL A 279 -21.93 -30.84 -5.49
N LYS A 280 -22.10 -29.56 -5.15
CA LYS A 280 -22.78 -28.62 -6.01
C LYS A 280 -22.12 -28.35 -7.37
N GLU A 281 -22.83 -28.70 -8.43
CA GLU A 281 -22.34 -28.50 -9.79
C GLU A 281 -22.17 -27.02 -10.05
N ASN A 282 -23.10 -26.23 -9.53
CA ASN A 282 -23.05 -24.80 -9.67
C ASN A 282 -23.40 -24.12 -8.36
N PRO A 283 -22.38 -23.77 -7.55
CA PRO A 283 -22.58 -23.11 -6.26
C PRO A 283 -23.38 -21.81 -6.37
N LEU A 284 -23.41 -21.22 -7.55
CA LEU A 284 -24.17 -19.99 -7.77
C LEU A 284 -25.67 -20.25 -7.60
N ASP A 285 -26.07 -21.52 -7.68
CA ASP A 285 -27.47 -21.90 -7.50
C ASP A 285 -27.83 -22.09 -6.02
N SER A 286 -26.81 -22.06 -5.15
CA SER A 286 -27.03 -22.21 -3.71
C SER A 286 -26.20 -21.16 -3.00
N MET A 287 -26.31 -19.93 -3.50
CA MET A 287 -25.56 -18.79 -2.98
C MET A 287 -25.72 -18.55 -1.49
N ASP A 288 -26.94 -18.71 -0.99
CA ASP A 288 -27.22 -18.50 0.43
C ASP A 288 -26.26 -19.24 1.37
N GLN A 289 -25.98 -20.50 1.06
CA GLN A 289 -25.07 -21.30 1.90
C GLN A 289 -23.66 -21.41 1.35
N SER A 290 -23.54 -21.34 0.02
CA SER A 290 -22.24 -21.43 -0.64
C SER A 290 -21.40 -20.16 -0.63
N CYS A 291 -22.04 -18.98 -0.55
CA CYS A 291 -21.31 -17.72 -0.57
C CYS A 291 -21.70 -16.65 0.45
N MET A 292 -23.01 -16.38 0.54
CA MET A 292 -23.54 -15.32 1.40
C MET A 292 -23.21 -15.31 2.88
N ASN A 293 -22.52 -16.34 3.35
CA ASN A 293 -22.09 -16.43 4.73
C ASN A 293 -20.83 -15.54 4.90
N CYS A 294 -20.13 -15.32 3.79
CA CYS A 294 -18.92 -14.51 3.78
C CYS A 294 -19.09 -13.23 2.99
N HIS A 295 -20.09 -13.19 2.11
CA HIS A 295 -20.34 -12.02 1.29
C HIS A 295 -21.67 -11.34 1.63
N ARG A 296 -21.62 -10.03 1.80
CA ARG A 296 -22.79 -9.26 2.19
C ARG A 296 -23.26 -8.31 1.08
N GLU A 297 -24.19 -8.80 0.28
CA GLU A 297 -24.74 -8.03 -0.84
C GLU A 297 -25.83 -8.89 -1.49
N SER A 298 -26.43 -8.37 -2.55
CA SER A 298 -27.48 -9.10 -3.27
C SER A 298 -26.92 -10.30 -4.05
N GLU A 299 -27.69 -11.39 -4.10
CA GLU A 299 -27.27 -12.59 -4.83
C GLU A 299 -27.21 -12.33 -6.34
N SER A 300 -28.16 -11.56 -6.85
CA SER A 300 -28.20 -11.25 -8.28
C SER A 300 -26.97 -10.43 -8.66
N LYS A 301 -26.58 -9.52 -7.79
CA LYS A 301 -25.41 -8.68 -8.04
C LYS A 301 -24.13 -9.54 -8.09
N LEU A 302 -23.98 -10.46 -7.14
CA LEU A 302 -22.80 -11.31 -7.09
C LEU A 302 -22.78 -12.31 -8.25
N ARG A 303 -23.94 -12.87 -8.59
CA ARG A 303 -24.02 -13.81 -9.70
C ARG A 303 -23.66 -13.06 -10.99
N GLY A 304 -24.06 -11.79 -11.05
CA GLY A 304 -23.75 -10.95 -12.19
C GLY A 304 -22.24 -10.69 -12.28
N ILE A 305 -21.60 -10.47 -11.14
CA ILE A 305 -20.16 -10.23 -11.12
C ILE A 305 -19.42 -11.48 -11.63
N VAL A 306 -19.91 -12.65 -11.24
CA VAL A 306 -19.29 -13.90 -11.68
C VAL A 306 -19.49 -14.13 -13.18
N HIS A 307 -20.67 -13.77 -13.69
CA HIS A 307 -20.93 -13.94 -15.13
C HIS A 307 -19.96 -13.10 -15.99
N GLN A 308 -19.58 -11.92 -15.49
CA GLN A 308 -18.62 -11.08 -16.22
C GLN A 308 -17.33 -11.88 -16.44
N LYS A 309 -16.98 -12.69 -15.45
CA LYS A 309 -15.75 -13.49 -15.52
C LYS A 309 -15.86 -14.57 -16.59
N TYR A 310 -17.06 -15.15 -16.70
CA TYR A 310 -17.29 -16.17 -17.73
C TYR A 310 -17.17 -15.51 -19.09
N GLU A 311 -17.72 -14.31 -19.25
CA GLU A 311 -17.64 -13.60 -20.54
C GLU A 311 -16.19 -13.31 -20.93
N ARG A 312 -15.38 -12.86 -19.96
CA ARG A 312 -13.98 -12.55 -20.24
C ARG A 312 -13.21 -13.80 -20.66
N LYS A 313 -13.40 -14.89 -19.93
CA LYS A 313 -12.72 -16.13 -20.27
C LYS A 313 -13.15 -16.64 -21.65
N GLU A 314 -14.45 -16.56 -21.94
CA GLU A 314 -14.96 -17.03 -23.24
C GLU A 314 -14.35 -16.22 -24.40
N PHE A 315 -14.24 -14.91 -24.20
CA PHE A 315 -13.67 -14.01 -25.21
C PHE A 315 -12.23 -14.45 -25.57
N LEU A 316 -11.43 -14.74 -24.56
CA LEU A 316 -10.05 -15.16 -24.80
C LEU A 316 -9.92 -16.61 -25.23
N ASN A 317 -10.86 -17.45 -24.81
CA ASN A 317 -10.91 -18.86 -25.17
C ASN A 317 -11.08 -18.97 -26.70
N LYS A 318 -12.07 -18.27 -27.22
CA LYS A 318 -12.30 -18.30 -28.67
C LYS A 318 -11.08 -17.82 -29.47
N VAL A 319 -10.49 -16.70 -29.04
CA VAL A 319 -9.32 -16.16 -29.73
C VAL A 319 -8.14 -17.15 -29.73
N ALA A 320 -7.86 -17.71 -28.56
CA ALA A 320 -6.75 -18.65 -28.43
C ALA A 320 -6.89 -19.90 -29.29
N PHE A 321 -8.03 -20.57 -29.21
CA PHE A 321 -8.21 -21.80 -29.97
C PHE A 321 -8.40 -21.63 -31.48
N ASP A 322 -8.85 -20.44 -31.89
CA ASP A 322 -8.97 -20.16 -33.32
C ASP A 322 -7.53 -20.00 -33.87
N ASN A 323 -6.68 -19.32 -33.10
CA ASN A 323 -5.29 -19.12 -33.51
C ASN A 323 -4.52 -20.45 -33.50
N ILE A 324 -4.75 -21.24 -32.45
CA ILE A 324 -4.11 -22.54 -32.30
C ILE A 324 -4.56 -23.48 -33.44
N GLY A 325 -5.85 -23.51 -33.72
CA GLY A 325 -6.36 -24.37 -34.79
C GLY A 325 -5.75 -24.00 -36.13
N LYS A 326 -5.65 -22.71 -36.41
CA LYS A 326 -5.04 -22.26 -37.66
C LYS A 326 -3.56 -22.58 -37.68
N ALA A 327 -2.89 -22.47 -36.54
CA ALA A 327 -1.46 -22.78 -36.45
C ALA A 327 -1.20 -24.24 -36.83
N HIS A 328 -2.06 -25.16 -36.35
CA HIS A 328 -1.91 -26.58 -36.71
C HIS A 328 -2.12 -26.80 -38.22
N LEU A 329 -3.21 -26.25 -38.76
CA LEU A 329 -3.53 -26.43 -40.17
C LEU A 329 -2.47 -25.81 -41.09
N GLU A 330 -1.94 -24.67 -40.69
CA GLU A 330 -0.90 -23.99 -41.47
C GLU A 330 0.41 -24.77 -41.40
N THR A 331 0.67 -25.46 -40.28
CA THR A 331 1.87 -26.26 -40.16
C THR A 331 1.72 -27.46 -41.11
N GLY A 332 0.51 -28.02 -41.16
CA GLY A 332 0.23 -29.14 -42.05
C GLY A 332 0.50 -28.73 -43.49
N LYS A 333 0.08 -27.52 -43.83
CA LYS A 333 0.29 -26.98 -45.18
C LYS A 333 1.79 -26.81 -45.46
N ALA A 334 2.54 -26.34 -44.47
CA ALA A 334 3.98 -26.14 -44.63
C ALA A 334 4.70 -27.47 -44.92
N ILE A 335 4.28 -28.53 -44.24
CA ILE A 335 4.88 -29.86 -44.45
C ILE A 335 4.59 -30.28 -45.89
N GLU A 336 3.34 -30.07 -46.32
CA GLU A 336 2.92 -30.39 -47.68
C GLU A 336 3.75 -29.59 -48.69
N ALA A 337 4.09 -28.36 -48.32
CA ALA A 337 4.88 -27.48 -49.18
C ALA A 337 6.38 -27.78 -49.18
N GLY A 338 6.81 -28.75 -48.38
CA GLY A 338 8.21 -29.11 -48.35
C GLY A 338 9.05 -28.66 -47.17
N ALA A 339 8.44 -28.07 -46.16
CA ALA A 339 9.19 -27.61 -44.99
C ALA A 339 9.70 -28.80 -44.19
N SER A 340 10.97 -28.75 -43.82
CA SER A 340 11.59 -29.84 -43.07
C SER A 340 11.30 -29.73 -41.58
N ASP A 341 11.62 -30.78 -40.83
CA ASP A 341 11.39 -30.78 -39.38
C ASP A 341 12.26 -29.72 -38.71
N GLU A 342 13.46 -29.51 -39.24
CA GLU A 342 14.36 -28.51 -38.68
C GLU A 342 13.77 -27.12 -38.87
N GLU A 343 13.15 -26.90 -40.03
CA GLU A 343 12.52 -25.62 -40.35
C GLU A 343 11.33 -25.36 -39.44
N LEU A 344 10.67 -26.43 -39.01
CA LEU A 344 9.49 -26.32 -38.17
C LEU A 344 9.76 -26.47 -36.67
N LYS A 345 11.03 -26.59 -36.32
CA LYS A 345 11.50 -26.75 -34.95
C LYS A 345 10.90 -25.73 -33.97
N GLU A 346 11.10 -24.45 -34.24
CA GLU A 346 10.58 -23.40 -33.36
C GLU A 346 9.06 -23.28 -33.40
N VAL A 347 8.46 -23.46 -34.57
CA VAL A 347 7.01 -23.41 -34.71
C VAL A 347 6.37 -24.46 -33.80
N ARG A 348 6.92 -25.68 -33.83
CA ARG A 348 6.35 -26.77 -33.06
C ARG A 348 6.48 -26.61 -31.56
N LYS A 349 7.57 -26.00 -31.13
CA LYS A 349 7.78 -25.75 -29.71
C LYS A 349 6.70 -24.78 -29.20
N LEU A 350 6.42 -23.73 -29.97
CA LEU A 350 5.42 -22.72 -29.61
C LEU A 350 4.00 -23.26 -29.61
N ILE A 351 3.69 -24.16 -30.55
CA ILE A 351 2.36 -24.75 -30.62
C ILE A 351 2.17 -25.69 -29.43
N ARG A 352 3.20 -26.48 -29.13
CA ARG A 352 3.17 -27.41 -27.98
C ARG A 352 2.95 -26.60 -26.69
N HIS A 353 3.82 -25.62 -26.44
CA HIS A 353 3.73 -24.76 -25.25
C HIS A 353 2.45 -23.93 -25.22
N GLY A 354 2.14 -23.29 -26.35
CA GLY A 354 0.96 -22.45 -26.41
C GLY A 354 -0.33 -23.17 -26.14
N GLN A 355 -0.53 -24.30 -26.80
CA GLN A 355 -1.77 -25.05 -26.59
C GLN A 355 -1.86 -25.58 -25.17
N PHE A 356 -0.73 -25.95 -24.59
CA PHE A 356 -0.77 -26.48 -23.23
C PHE A 356 -1.24 -25.39 -22.28
N LYS A 357 -0.70 -24.19 -22.45
CA LYS A 357 -1.08 -23.04 -21.62
C LYS A 357 -2.56 -22.75 -21.76
N ALA A 358 -3.04 -22.73 -23.01
CA ALA A 358 -4.45 -22.44 -23.26
C ALA A 358 -5.36 -23.57 -22.80
N ASP A 359 -4.92 -24.81 -23.00
CA ASP A 359 -5.70 -25.99 -22.60
C ASP A 359 -5.81 -26.06 -21.05
N MET A 360 -4.69 -25.83 -20.37
CA MET A 360 -4.71 -25.84 -18.91
C MET A 360 -5.72 -24.81 -18.39
N ALA A 361 -5.75 -23.63 -19.02
CA ALA A 361 -6.66 -22.56 -18.64
C ALA A 361 -8.15 -22.92 -18.76
N ILE A 362 -8.50 -23.73 -19.77
CA ILE A 362 -9.89 -24.11 -19.95
C ILE A 362 -10.24 -25.54 -19.49
N ALA A 363 -9.23 -26.35 -19.19
CA ALA A 363 -9.44 -27.75 -18.81
C ALA A 363 -10.15 -27.98 -17.48
N ALA A 364 -10.05 -27.02 -16.56
CA ALA A 364 -10.77 -27.13 -15.30
C ALA A 364 -11.87 -26.11 -15.55
N HIS A 365 -13.11 -26.58 -15.70
CA HIS A 365 -14.22 -25.70 -16.01
C HIS A 365 -14.50 -24.54 -15.06
N GLY A 366 -14.19 -24.69 -13.79
CA GLY A 366 -14.43 -23.61 -12.85
C GLY A 366 -13.31 -22.56 -12.81
N ASN A 367 -12.23 -22.78 -13.56
CA ASN A 367 -11.08 -21.86 -13.60
C ASN A 367 -11.44 -20.39 -13.76
N TYR A 368 -12.44 -20.11 -14.61
CA TYR A 368 -12.84 -18.75 -14.89
C TYR A 368 -13.25 -18.01 -13.61
N PHE A 369 -13.79 -18.74 -12.64
CA PHE A 369 -14.19 -18.15 -11.37
C PHE A 369 -13.17 -18.41 -10.25
N HIS A 370 -12.67 -19.65 -10.16
CA HIS A 370 -11.70 -20.00 -9.10
C HIS A 370 -10.41 -19.20 -9.23
N ALA A 371 -9.98 -19.03 -10.47
CA ALA A 371 -8.73 -18.36 -10.77
C ALA A 371 -8.80 -17.53 -12.06
N PRO A 372 -9.61 -16.48 -12.07
CA PRO A 372 -9.72 -15.64 -13.27
C PRO A 372 -8.41 -15.03 -13.79
N GLU A 373 -7.52 -14.61 -12.89
CA GLU A 373 -6.28 -13.97 -13.32
C GLU A 373 -5.33 -14.91 -14.04
N GLU A 374 -5.06 -16.08 -13.49
CA GLU A 374 -4.18 -17.02 -14.18
C GLU A 374 -4.85 -17.54 -15.46
N THR A 375 -6.18 -17.69 -15.43
CA THR A 375 -6.93 -18.19 -16.58
C THR A 375 -6.82 -17.22 -17.76
N LEU A 376 -7.09 -15.94 -17.52
CA LEU A 376 -6.98 -14.95 -18.58
C LEU A 376 -5.53 -14.82 -19.03
N ARG A 377 -4.61 -14.81 -18.08
CA ARG A 377 -3.20 -14.67 -18.44
C ARG A 377 -2.69 -15.82 -19.32
N LEU A 378 -3.07 -17.05 -18.99
CA LEU A 378 -2.62 -18.21 -19.74
C LEU A 378 -3.30 -18.33 -21.10
N LEU A 379 -4.54 -17.87 -21.23
CA LEU A 379 -5.22 -17.90 -22.52
C LEU A 379 -4.54 -16.87 -23.42
N ALA A 380 -4.13 -15.76 -22.82
CA ALA A 380 -3.39 -14.71 -23.52
C ALA A 380 -2.03 -15.25 -24.00
N ALA A 381 -1.31 -15.91 -23.09
CA ALA A 381 0.02 -16.44 -23.40
C ALA A 381 0.00 -17.54 -24.47
N GLY A 382 -0.98 -18.44 -24.36
CA GLY A 382 -1.12 -19.53 -25.31
C GLY A 382 -1.46 -19.01 -26.69
N SER A 383 -2.36 -18.04 -26.73
CA SER A 383 -2.75 -17.40 -27.99
C SER A 383 -1.54 -16.73 -28.61
N ASP A 384 -0.78 -15.98 -27.80
CA ASP A 384 0.40 -15.31 -28.34
C ASP A 384 1.42 -16.29 -28.89
N ASP A 385 1.64 -17.41 -28.18
CA ASP A 385 2.57 -18.44 -28.63
C ASP A 385 2.13 -18.93 -30.01
N ALA A 386 0.83 -19.16 -30.17
CA ALA A 386 0.28 -19.63 -31.44
C ALA A 386 0.49 -18.60 -32.54
N GLN A 387 0.23 -17.32 -32.24
CA GLN A 387 0.41 -16.25 -33.21
C GLN A 387 1.87 -16.11 -33.62
N LYS A 388 2.76 -16.25 -32.64
CA LYS A 388 4.19 -16.17 -32.88
C LYS A 388 4.58 -17.30 -33.84
N ALA A 389 3.98 -18.47 -33.64
CA ALA A 389 4.25 -19.63 -34.51
C ALA A 389 3.69 -19.34 -35.92
N ARG A 390 2.52 -18.73 -35.98
CA ARG A 390 1.89 -18.40 -37.27
C ARG A 390 2.68 -17.36 -38.07
N LEU A 391 3.37 -16.45 -37.39
CA LEU A 391 4.19 -15.45 -38.07
C LEU A 391 5.36 -16.17 -38.73
N LEU A 392 5.94 -17.15 -38.05
CA LEU A 392 7.05 -17.94 -38.61
C LEU A 392 6.53 -18.76 -39.79
N LEU A 393 5.34 -19.33 -39.65
CA LEU A 393 4.74 -20.15 -40.70
C LEU A 393 4.48 -19.41 -42.02
N VAL A 394 4.00 -18.16 -41.95
CA VAL A 394 3.74 -17.38 -43.17
C VAL A 394 5.05 -17.20 -43.94
N LYS A 395 6.14 -16.95 -43.21
CA LYS A 395 7.45 -16.76 -43.81
C LYS A 395 7.95 -18.08 -44.43
N ILE A 396 7.79 -19.17 -43.68
CA ILE A 396 8.20 -20.49 -44.16
C ILE A 396 7.40 -20.86 -45.41
N LEU A 397 6.10 -20.60 -45.39
CA LEU A 397 5.25 -20.91 -46.54
C LEU A 397 5.71 -20.10 -47.75
N ALA A 398 5.95 -18.82 -47.55
CA ALA A 398 6.39 -17.94 -48.64
C ALA A 398 7.69 -18.46 -49.22
N LYS A 399 8.59 -18.91 -48.34
CA LYS A 399 9.89 -19.42 -48.75
C LYS A 399 9.72 -20.64 -49.66
N HIS A 400 8.66 -21.41 -49.41
CA HIS A 400 8.33 -22.59 -50.19
C HIS A 400 7.33 -22.33 -51.31
N GLY A 401 7.23 -21.07 -51.73
CA GLY A 401 6.35 -20.70 -52.82
C GLY A 401 4.86 -20.71 -52.55
N VAL A 402 4.46 -20.69 -51.29
CA VAL A 402 3.05 -20.70 -50.96
C VAL A 402 2.70 -19.32 -50.41
N MET A 403 1.76 -18.67 -51.09
CA MET A 403 1.32 -17.33 -50.73
C MET A 403 -0.18 -17.34 -50.47
N ASP A 404 -0.62 -16.43 -49.62
CA ASP A 404 -2.03 -16.27 -49.29
C ASP A 404 -2.78 -17.57 -48.92
N TYR A 405 -2.13 -18.49 -48.20
CA TYR A 405 -2.80 -19.72 -47.81
C TYR A 405 -3.84 -19.39 -46.74
N ILE A 406 -5.01 -20.00 -46.85
CA ILE A 406 -6.07 -19.79 -45.87
C ILE A 406 -6.53 -21.15 -45.34
N ALA A 407 -6.39 -21.36 -44.03
CA ALA A 407 -6.77 -22.63 -43.40
C ALA A 407 -8.25 -22.91 -43.60
N PRO A 408 -8.63 -24.19 -43.74
CA PRO A 408 -10.05 -24.54 -43.93
C PRO A 408 -10.91 -24.21 -42.70
N ASP A 409 -12.22 -24.19 -42.89
CA ASP A 409 -13.16 -23.89 -41.82
C ASP A 409 -13.29 -25.05 -40.83
N PHE A 410 -13.38 -24.74 -39.55
CA PHE A 410 -13.57 -25.77 -38.53
C PHE A 410 -14.63 -25.24 -37.56
N ASP A 411 -15.63 -24.59 -38.13
CA ASP A 411 -16.70 -23.98 -37.35
C ASP A 411 -17.87 -24.87 -36.93
N THR A 412 -17.79 -26.17 -37.23
CA THR A 412 -18.81 -27.12 -36.79
C THR A 412 -18.08 -28.41 -36.43
N LYS A 413 -18.65 -29.18 -35.51
CA LYS A 413 -18.03 -30.45 -35.09
C LYS A 413 -17.80 -31.33 -36.34
N ASP A 414 -18.76 -31.33 -37.25
CA ASP A 414 -18.65 -32.16 -38.46
C ASP A 414 -17.45 -31.78 -39.32
N LYS A 415 -17.31 -30.49 -39.63
CA LYS A 415 -16.18 -30.01 -40.44
C LYS A 415 -14.85 -30.30 -39.75
N ALA A 416 -14.79 -30.03 -38.45
CA ALA A 416 -13.56 -30.24 -37.69
C ALA A 416 -13.16 -31.70 -37.62
N GLN A 417 -14.10 -32.58 -37.27
CA GLN A 417 -13.76 -34.00 -37.19
C GLN A 417 -13.34 -34.57 -38.54
N LYS A 418 -13.88 -34.00 -39.62
CA LYS A 418 -13.49 -34.42 -40.97
C LYS A 418 -11.99 -34.08 -41.11
N LEU A 419 -11.61 -32.86 -40.75
CA LEU A 419 -10.21 -32.45 -40.85
C LEU A 419 -9.32 -33.28 -39.92
N ALA A 420 -9.88 -33.68 -38.77
CA ALA A 420 -9.11 -34.47 -37.79
C ALA A 420 -9.02 -35.96 -38.11
N LYS A 421 -9.70 -36.38 -39.18
CA LYS A 421 -9.70 -37.79 -39.61
C LYS A 421 -10.44 -38.69 -38.61
N VAL A 422 -11.57 -38.18 -38.13
CA VAL A 422 -12.40 -38.90 -37.17
C VAL A 422 -13.74 -39.27 -37.79
N ASP A 423 -14.04 -40.57 -37.85
CA ASP A 423 -15.30 -41.05 -38.40
C ASP A 423 -16.20 -41.37 -37.22
N ILE A 424 -16.88 -40.35 -36.69
CA ILE A 424 -17.73 -40.56 -35.53
C ILE A 424 -18.83 -41.61 -35.72
N ALA A 425 -19.39 -41.71 -36.93
CA ALA A 425 -20.44 -42.70 -37.20
C ALA A 425 -19.91 -44.11 -36.98
N ALA A 426 -18.69 -44.35 -37.45
CA ALA A 426 -18.04 -45.65 -37.31
C ALA A 426 -17.74 -45.95 -35.85
N LEU A 427 -17.16 -44.96 -35.16
CA LEU A 427 -16.80 -45.09 -33.75
C LEU A 427 -18.04 -45.33 -32.91
N ALA A 428 -19.13 -44.64 -33.24
CA ALA A 428 -20.40 -44.78 -32.52
C ALA A 428 -20.96 -46.20 -32.67
N ALA A 429 -20.88 -46.73 -33.89
CA ALA A 429 -21.37 -48.07 -34.18
C ALA A 429 -20.55 -49.09 -33.36
N GLU A 430 -19.23 -48.96 -33.45
CA GLU A 430 -18.30 -49.82 -32.72
C GLU A 430 -18.49 -49.69 -31.21
N LYS A 431 -18.77 -48.47 -30.75
CA LYS A 431 -18.97 -48.22 -29.31
C LYS A 431 -20.30 -48.79 -28.83
N MET A 432 -21.35 -48.62 -29.63
CA MET A 432 -22.68 -49.12 -29.27
C MET A 432 -22.67 -50.64 -29.19
N LYS A 433 -21.85 -51.28 -30.04
CA LYS A 433 -21.71 -52.73 -30.07
C LYS A 433 -21.11 -53.20 -28.75
N PHE A 434 -20.09 -52.49 -28.30
CA PHE A 434 -19.40 -52.78 -27.04
C PHE A 434 -20.38 -52.74 -25.86
N LYS A 435 -21.13 -51.65 -25.77
CA LYS A 435 -22.10 -51.46 -24.70
C LYS A 435 -23.18 -52.54 -24.66
N GLN A 436 -23.55 -53.05 -25.83
CA GLN A 436 -24.57 -54.08 -25.93
C GLN A 436 -23.99 -55.48 -25.73
N THR A 437 -22.67 -55.61 -25.84
CA THR A 437 -22.00 -56.90 -25.69
C THR A 437 -21.16 -57.01 -24.39
N LEU A 438 -19.88 -56.68 -24.49
CA LEU A 438 -18.95 -56.77 -23.37
C LEU A 438 -19.35 -56.00 -22.11
N GLU A 439 -19.86 -54.77 -22.26
CA GLU A 439 -20.23 -53.99 -21.08
C GLU A 439 -21.27 -54.71 -20.22
N GLN A 440 -22.32 -55.20 -20.86
CA GLN A 440 -23.38 -55.93 -20.14
C GLN A 440 -22.83 -57.20 -19.51
N GLU A 441 -21.78 -57.77 -20.10
CA GLU A 441 -21.13 -58.97 -19.59
C GLU A 441 -20.42 -58.61 -18.28
N TRP A 442 -19.86 -57.41 -18.25
CA TRP A 442 -19.16 -56.91 -17.06
C TRP A 442 -20.13 -56.76 -15.90
N LYS A 443 -21.23 -56.05 -16.13
CA LYS A 443 -22.25 -55.83 -15.11
C LYS A 443 -22.90 -57.13 -14.66
N LYS A 444 -22.90 -58.13 -15.55
CA LYS A 444 -23.47 -59.44 -15.27
C LYS A 444 -22.59 -60.16 -14.25
N GLU A 445 -21.29 -60.26 -14.56
CA GLU A 445 -20.31 -60.91 -13.69
C GLU A 445 -20.21 -60.20 -12.34
N ALA A 446 -20.16 -58.87 -12.38
CA ALA A 446 -20.06 -58.05 -11.17
C ALA A 446 -21.20 -58.32 -10.18
N LYS A 447 -22.42 -58.35 -10.70
CA LYS A 447 -23.58 -58.61 -9.84
C LYS A 447 -23.50 -60.02 -9.28
N ALA A 448 -23.12 -60.96 -10.13
CA ALA A 448 -23.00 -62.36 -9.73
C ALA A 448 -21.98 -62.58 -8.62
N LYS A 449 -20.86 -61.86 -8.67
CA LYS A 449 -19.81 -61.98 -7.66
C LYS A 449 -20.01 -61.03 -6.47
N GLY A 450 -21.16 -60.34 -6.44
CA GLY A 450 -21.46 -59.42 -5.36
C GLY A 450 -20.58 -58.18 -5.29
N ARG A 451 -19.91 -57.85 -6.39
CA ARG A 451 -19.03 -56.70 -6.46
C ARG A 451 -19.81 -55.38 -6.51
N ALA A 452 -21.06 -55.45 -6.97
CA ALA A 452 -21.91 -54.27 -7.07
C ALA A 452 -23.40 -54.61 -7.13
N ASN A 453 -24.22 -53.60 -6.86
CA ASN A 453 -25.67 -53.74 -6.88
C ASN A 453 -26.26 -52.73 -7.86
N PRO A 454 -26.02 -52.93 -9.17
CA PRO A 454 -26.50 -52.03 -10.23
C PRO A 454 -28.00 -51.78 -10.29
N GLU A 455 -28.79 -52.64 -9.65
CA GLU A 455 -30.25 -52.49 -9.64
C GLU A 455 -30.66 -51.25 -8.85
N LEU A 456 -29.77 -50.78 -7.97
CA LEU A 456 -30.04 -49.62 -7.15
C LEU A 456 -29.79 -48.31 -7.93
N TYR A 457 -29.03 -48.42 -9.02
CA TYR A 457 -28.70 -47.27 -9.87
C TYR A 457 -28.94 -47.59 -11.35
N LYS A 458 -30.21 -47.80 -11.71
CA LYS A 458 -30.59 -48.14 -13.08
C LYS A 458 -30.60 -46.97 -14.05
N ASP A 459 -30.87 -45.78 -13.52
CA ASP A 459 -30.93 -44.55 -14.32
C ASP A 459 -29.55 -43.92 -14.56
N VAL A 460 -28.48 -44.70 -14.35
CA VAL A 460 -27.11 -44.21 -14.52
C VAL A 460 -26.62 -44.13 -15.98
N ASP A 461 -27.04 -45.10 -16.80
CA ASP A 461 -26.65 -45.10 -18.21
C ASP A 461 -27.70 -44.31 -18.98
N THR A 462 -27.36 -43.08 -19.35
CA THR A 462 -28.31 -42.23 -20.08
C THR A 462 -27.96 -42.09 -21.56
N ILE A 463 -27.22 -43.05 -22.10
CA ILE A 463 -26.79 -43.02 -23.50
C ILE A 463 -27.94 -42.83 -24.50
N ASN A 464 -29.12 -43.31 -24.14
CA ASN A 464 -30.29 -43.22 -25.02
C ASN A 464 -31.30 -42.13 -24.68
N ASP A 465 -30.90 -41.14 -23.88
CA ASP A 465 -31.83 -40.07 -23.52
C ASP A 465 -31.94 -38.98 -24.59
N GLY A 466 -31.27 -39.19 -25.71
CA GLY A 466 -31.29 -38.24 -26.80
C GLY A 466 -30.43 -37.00 -26.57
N LYS A 467 -29.62 -37.03 -25.52
CA LYS A 467 -28.74 -35.91 -25.19
C LYS A 467 -27.28 -36.34 -25.26
N SER A 468 -27.06 -37.55 -25.79
CA SER A 468 -25.71 -38.09 -25.94
C SER A 468 -24.92 -37.24 -26.93
N SER A 469 -23.60 -37.19 -26.76
CA SER A 469 -22.73 -36.41 -27.63
C SER A 469 -22.48 -37.13 -28.95
N TRP A 470 -22.47 -38.47 -28.92
CA TRP A 470 -22.22 -39.26 -30.13
C TRP A 470 -23.37 -40.17 -30.60
N ASN A 471 -24.20 -40.61 -29.66
CA ASN A 471 -25.32 -41.50 -29.98
C ASN A 471 -26.55 -40.68 -30.38
N LYS A 472 -26.50 -40.11 -31.59
CA LYS A 472 -27.57 -39.28 -32.12
C LYS A 472 -28.50 -40.06 -33.05
N LYS A 473 -28.75 -41.32 -32.70
CA LYS A 473 -29.61 -42.16 -33.52
C LYS A 473 -31.09 -41.89 -33.25
N GLY B 1 -16.73 33.04 3.14
CA GLY B 1 -15.92 32.52 1.99
C GLY B 1 -14.44 32.76 2.17
N ILE B 2 -13.66 32.34 1.17
CA ILE B 2 -12.21 32.52 1.21
C ILE B 2 -11.74 33.28 -0.02
N ALA B 3 -11.17 34.47 0.22
CA ALA B 3 -10.66 35.31 -0.87
C ALA B 3 -9.38 34.64 -1.36
N GLY B 4 -9.18 34.65 -2.68
CA GLY B 4 -8.00 34.02 -3.25
C GLY B 4 -7.99 32.54 -2.93
N LYS B 5 -9.16 31.91 -3.05
CA LYS B 5 -9.31 30.48 -2.76
C LYS B 5 -8.43 29.56 -3.60
N GLU B 6 -7.95 30.05 -4.75
CA GLU B 6 -7.07 29.26 -5.62
C GLU B 6 -5.75 29.02 -4.91
N LYS B 7 -5.43 29.88 -3.95
CA LYS B 7 -4.21 29.74 -3.16
C LYS B 7 -4.57 28.90 -1.94
N SER B 8 -4.26 27.61 -2.01
CA SER B 8 -4.57 26.67 -0.95
C SER B 8 -4.07 27.11 0.43
N GLU B 9 -2.92 27.77 0.45
CA GLU B 9 -2.36 28.26 1.71
C GLU B 9 -3.33 29.18 2.48
N GLU B 10 -4.32 29.73 1.78
CA GLU B 10 -5.32 30.60 2.41
C GLU B 10 -6.33 29.78 3.22
N TRP B 11 -6.39 28.47 2.95
CA TRP B 11 -7.30 27.60 3.67
C TRP B 11 -6.68 27.07 4.97
N ALA B 12 -5.36 27.12 5.08
CA ALA B 12 -4.65 26.60 6.27
C ALA B 12 -5.19 27.06 7.61
N LYS B 13 -5.45 28.36 7.76
CA LYS B 13 -5.95 28.89 9.02
C LYS B 13 -7.27 28.24 9.45
N TYR B 14 -8.07 27.78 8.49
CA TYR B 14 -9.35 27.16 8.81
C TYR B 14 -9.30 25.64 9.00
N TYR B 15 -8.49 24.98 8.17
CA TYR B 15 -8.38 23.52 8.19
C TYR B 15 -6.91 23.13 8.17
N PRO B 16 -6.20 23.38 9.28
CA PRO B 16 -4.77 23.07 9.37
C PRO B 16 -4.35 21.62 9.14
N ARG B 17 -5.13 20.65 9.64
CA ARG B 17 -4.74 19.23 9.48
C ARG B 17 -4.84 18.76 8.03
N GLN B 18 -5.91 19.16 7.36
CA GLN B 18 -6.09 18.81 5.95
C GLN B 18 -5.03 19.52 5.12
N PHE B 19 -4.77 20.79 5.42
CA PHE B 19 -3.75 21.51 4.67
C PHE B 19 -2.36 20.90 4.83
N ASP B 20 -1.93 20.63 6.07
CA ASP B 20 -0.60 20.05 6.30
C ASP B 20 -0.42 18.67 5.67
N SER B 21 -1.46 17.84 5.67
CA SER B 21 -1.36 16.52 5.06
C SER B 21 -1.38 16.65 3.53
N TRP B 22 -2.16 17.59 3.01
CA TRP B 22 -2.24 17.86 1.56
C TRP B 22 -0.83 18.23 1.07
N LYS B 23 -0.13 19.03 1.86
CA LYS B 23 1.21 19.46 1.48
C LYS B 23 2.22 18.31 1.47
N LYS B 24 1.96 17.29 2.28
CA LYS B 24 2.86 16.16 2.36
C LYS B 24 2.96 15.30 1.11
N THR B 25 2.19 15.59 0.05
CA THR B 25 2.38 14.80 -1.18
C THR B 25 3.73 15.22 -1.76
N LYS B 26 4.32 16.27 -1.18
CA LYS B 26 5.65 16.77 -1.55
C LYS B 26 6.66 15.62 -1.35
N GLU B 27 6.34 14.72 -0.43
CA GLU B 27 7.19 13.58 -0.11
C GLU B 27 7.27 12.55 -1.25
N TYR B 28 6.29 12.58 -2.14
CA TYR B 28 6.28 11.65 -3.27
C TYR B 28 6.99 12.40 -4.38
N ASP B 29 8.32 12.48 -4.25
CA ASP B 29 9.12 13.26 -5.19
C ASP B 29 9.83 12.49 -6.29
N SER B 30 9.53 11.20 -6.39
CA SER B 30 10.18 10.38 -7.40
C SER B 30 9.23 9.87 -8.47
N PHE B 31 9.72 9.86 -9.72
CA PHE B 31 8.95 9.32 -10.84
C PHE B 31 9.91 8.42 -11.64
N THR B 32 9.35 7.59 -12.49
CA THR B 32 10.16 6.72 -13.32
C THR B 32 10.02 7.18 -14.76
N ASP B 33 11.14 7.27 -15.49
CA ASP B 33 11.10 7.66 -16.90
C ASP B 33 10.61 6.38 -17.58
N MET B 34 9.34 6.37 -17.97
CA MET B 34 8.73 5.20 -18.61
C MET B 34 9.27 4.90 -19.99
N LEU B 35 9.79 5.92 -20.68
CA LEU B 35 10.36 5.70 -22.00
C LEU B 35 11.70 4.97 -21.85
N ALA B 36 12.41 5.23 -20.75
CA ALA B 36 13.69 4.56 -20.47
C ALA B 36 13.42 3.15 -19.99
N LYS B 37 12.37 3.01 -19.17
CA LYS B 37 12.01 1.71 -18.62
C LYS B 37 11.48 0.76 -19.70
N ASP B 38 10.52 1.26 -20.49
CA ASP B 38 9.90 0.48 -21.54
C ASP B 38 9.99 1.27 -22.87
N PRO B 39 11.16 1.20 -23.53
CA PRO B 39 11.36 1.93 -24.78
C PRO B 39 10.41 1.57 -25.91
N ALA B 40 9.70 0.46 -25.80
CA ALA B 40 8.74 0.08 -26.83
C ALA B 40 7.66 1.16 -26.93
N LEU B 41 7.41 1.85 -25.82
CA LEU B 41 6.42 2.93 -25.77
C LEU B 41 6.79 4.06 -26.74
N VAL B 42 8.08 4.32 -26.90
CA VAL B 42 8.55 5.35 -27.83
C VAL B 42 8.08 5.02 -29.25
N ILE B 43 8.25 3.77 -29.67
CA ILE B 43 7.80 3.35 -31.00
C ILE B 43 6.27 3.48 -31.09
N ALA B 44 5.58 3.04 -30.05
CA ALA B 44 4.12 3.10 -30.03
C ALA B 44 3.60 4.52 -30.25
N TRP B 45 4.24 5.49 -29.61
CA TRP B 45 3.80 6.88 -29.72
C TRP B 45 4.64 7.73 -30.69
N SER B 46 5.33 7.07 -31.61
CA SER B 46 6.17 7.78 -32.57
C SER B 46 5.31 8.75 -33.38
N GLY B 47 5.79 9.99 -33.50
CA GLY B 47 5.04 11.02 -34.22
C GLY B 47 4.15 11.83 -33.29
N TYR B 48 4.21 11.51 -31.98
CA TYR B 48 3.37 12.19 -30.99
C TYR B 48 4.25 12.64 -29.81
N ALA B 49 3.76 13.61 -29.05
CA ALA B 49 4.49 14.16 -27.91
C ALA B 49 4.97 13.13 -26.89
N PHE B 50 4.17 12.09 -26.66
CA PHE B 50 4.57 11.08 -25.68
C PHE B 50 5.85 10.34 -26.03
N SER B 51 6.30 10.42 -27.28
CA SER B 51 7.55 9.75 -27.69
C SER B 51 8.77 10.55 -27.23
N LYS B 52 8.53 11.78 -26.79
CA LYS B 52 9.58 12.67 -26.30
C LYS B 52 9.81 12.57 -24.81
N ASP B 53 8.72 12.55 -24.04
CA ASP B 53 8.82 12.55 -22.59
C ASP B 53 7.53 11.98 -22.00
N TYR B 54 7.66 10.99 -21.13
CA TYR B 54 6.53 10.35 -20.47
C TYR B 54 7.05 9.67 -19.20
N ASN B 55 6.64 10.21 -18.05
CA ASN B 55 7.07 9.67 -16.75
C ASN B 55 5.87 9.17 -15.96
N SER B 56 6.14 8.34 -14.96
CA SER B 56 5.06 7.83 -14.10
C SER B 56 4.63 9.02 -13.22
N PRO B 57 3.45 8.93 -12.61
CA PRO B 57 3.02 10.07 -11.78
C PRO B 57 3.79 10.16 -10.48
N ARG B 58 3.83 11.36 -9.91
CA ARG B 58 4.43 11.55 -8.61
C ARG B 58 3.49 12.49 -7.86
N GLY B 59 3.89 12.92 -6.67
CA GLY B 59 3.04 13.77 -5.83
C GLY B 59 2.21 14.90 -6.44
N HIS B 60 0.94 14.99 -6.02
CA HIS B 60 0.04 16.06 -6.48
C HIS B 60 0.74 17.41 -6.36
N TYR B 61 1.59 17.52 -5.33
CA TYR B 61 2.36 18.73 -5.06
C TYR B 61 3.13 19.23 -6.29
N TYR B 62 3.59 18.30 -7.11
CA TYR B 62 4.39 18.62 -8.31
C TYR B 62 3.63 18.68 -9.63
N ALA B 63 2.31 18.48 -9.60
CA ALA B 63 1.53 18.44 -10.84
C ALA B 63 1.70 19.58 -11.80
N LEU B 64 1.56 20.81 -11.32
CA LEU B 64 1.67 21.99 -12.18
C LEU B 64 3.08 22.13 -12.72
N GLN B 65 4.07 22.04 -11.84
CA GLN B 65 5.47 22.15 -12.24
C GLN B 65 5.91 21.04 -13.20
N ASP B 66 5.38 19.83 -13.03
CA ASP B 66 5.74 18.73 -13.93
C ASP B 66 5.12 18.93 -15.30
N ASN B 67 3.95 19.55 -15.33
CA ASN B 67 3.25 19.89 -16.58
C ASN B 67 4.13 20.92 -17.32
N VAL B 68 4.67 21.90 -16.57
CA VAL B 68 5.54 22.92 -17.14
C VAL B 68 6.90 22.35 -17.55
N ASN B 69 7.41 21.39 -16.78
CA ASN B 69 8.71 20.76 -17.06
C ASN B 69 8.77 19.75 -18.20
N SER B 70 7.67 19.08 -18.47
CA SER B 70 7.63 18.05 -19.51
C SER B 70 8.00 18.56 -20.91
N LEU B 71 8.74 17.75 -21.65
CA LEU B 71 9.09 18.13 -23.02
C LEU B 71 7.82 18.20 -23.85
N ARG B 72 6.75 17.52 -23.39
CA ARG B 72 5.49 17.53 -24.13
C ARG B 72 4.89 18.93 -24.31
N THR B 73 5.05 19.80 -23.32
CA THR B 73 4.52 21.17 -23.41
C THR B 73 5.42 22.08 -24.24
N GLY B 74 6.61 21.57 -24.58
CA GLY B 74 7.53 22.31 -25.41
C GLY B 74 8.10 23.60 -24.85
N ALA B 75 8.58 24.44 -25.76
CA ALA B 75 9.19 25.70 -25.38
C ALA B 75 8.55 26.91 -26.04
N PRO B 76 7.38 27.36 -25.51
CA PRO B 76 6.70 28.52 -26.09
C PRO B 76 7.63 29.72 -25.94
N VAL B 77 7.43 30.74 -26.76
CA VAL B 77 8.24 31.95 -26.70
C VAL B 77 7.36 33.13 -26.24
N ASP B 78 6.05 32.94 -26.39
CA ASP B 78 5.05 33.93 -26.01
C ASP B 78 3.70 33.23 -25.88
N ALA B 79 2.65 34.02 -25.66
CA ALA B 79 1.30 33.48 -25.48
C ALA B 79 0.68 32.80 -26.70
N LYS B 80 1.26 33.00 -27.89
CA LYS B 80 0.69 32.38 -29.08
C LYS B 80 1.56 31.29 -29.71
N THR B 81 2.59 30.86 -28.99
CA THR B 81 3.47 29.80 -29.48
C THR B 81 3.39 28.54 -28.62
N GLY B 82 4.25 27.57 -28.91
CA GLY B 82 4.23 26.32 -28.16
C GLY B 82 3.39 25.29 -28.90
N PRO B 83 3.72 23.99 -28.76
CA PRO B 83 3.00 22.92 -29.44
C PRO B 83 1.59 22.58 -28.96
N LEU B 84 1.31 22.77 -27.68
CA LEU B 84 0.01 22.38 -27.11
C LEU B 84 -0.96 23.52 -26.73
N PRO B 85 -2.26 23.18 -26.62
CA PRO B 85 -3.33 24.13 -26.27
C PRO B 85 -3.57 24.31 -24.77
N THR B 86 -4.49 25.22 -24.45
CA THR B 86 -4.85 25.54 -23.06
C THR B 86 -5.40 24.33 -22.30
N ALA B 87 -5.99 23.39 -23.02
CA ALA B 87 -6.57 22.19 -22.39
C ALA B 87 -5.57 21.42 -21.51
N CYS B 88 -4.27 21.59 -21.73
CA CYS B 88 -3.25 20.88 -20.95
C CYS B 88 -3.08 21.34 -19.50
N TRP B 89 -3.72 22.44 -19.14
CA TRP B 89 -3.67 22.97 -17.76
C TRP B 89 -4.83 22.42 -16.93
N THR B 90 -5.89 22.02 -17.62
CA THR B 90 -7.15 21.57 -17.04
C THR B 90 -7.19 20.70 -15.79
N CYS B 91 -6.24 19.80 -15.63
CA CYS B 91 -6.25 18.91 -14.48
C CYS B 91 -4.99 19.09 -13.66
N LYS B 92 -4.54 20.34 -13.52
CA LYS B 92 -3.33 20.63 -12.81
C LYS B 92 -3.46 21.78 -11.81
N SER B 93 -4.61 22.44 -11.77
CA SER B 93 -4.72 23.64 -10.95
C SER B 93 -6.11 24.18 -10.62
N PRO B 94 -6.26 24.81 -9.44
CA PRO B 94 -7.57 25.36 -9.06
C PRO B 94 -7.87 26.64 -9.86
N ASP B 95 -6.83 27.21 -10.48
CA ASP B 95 -6.98 28.40 -11.32
C ASP B 95 -7.77 28.06 -12.59
N VAL B 96 -7.88 26.77 -12.89
CA VAL B 96 -8.61 26.31 -14.06
C VAL B 96 -10.12 26.59 -13.90
N PRO B 97 -10.76 26.07 -12.84
CA PRO B 97 -12.19 26.38 -12.73
C PRO B 97 -12.41 27.87 -12.46
N ARG B 98 -11.38 28.57 -11.98
CA ARG B 98 -11.51 30.01 -11.75
C ARG B 98 -11.69 30.66 -13.13
N LEU B 99 -10.76 30.38 -14.03
CA LEU B 99 -10.79 30.93 -15.39
C LEU B 99 -12.04 30.55 -16.17
N ILE B 100 -12.53 29.34 -15.97
CA ILE B 100 -13.73 28.87 -16.65
C ILE B 100 -14.94 29.68 -16.21
N GLU B 101 -15.01 29.97 -14.90
CA GLU B 101 -16.12 30.72 -14.33
C GLU B 101 -16.09 32.22 -14.64
N GLU B 102 -14.89 32.78 -14.70
CA GLU B 102 -14.71 34.19 -15.00
C GLU B 102 -14.84 34.48 -16.49
N ASP B 103 -14.14 33.69 -17.31
CA ASP B 103 -14.12 33.89 -18.76
C ASP B 103 -14.98 32.99 -19.63
N GLY B 104 -15.59 31.97 -19.03
CA GLY B 104 -16.42 31.05 -19.79
C GLY B 104 -15.60 29.84 -20.24
N GLU B 105 -16.28 28.70 -20.34
CA GLU B 105 -15.62 27.46 -20.73
C GLU B 105 -14.95 27.48 -22.11
N LEU B 106 -15.68 27.89 -23.15
CA LEU B 106 -15.12 27.94 -24.50
C LEU B 106 -13.88 28.82 -24.61
N GLU B 107 -13.91 29.99 -23.95
CA GLU B 107 -12.75 30.88 -23.97
C GLU B 107 -11.56 30.22 -23.29
N TYR B 108 -11.81 29.58 -22.15
CA TYR B 108 -10.72 28.92 -21.41
C TYR B 108 -10.05 27.88 -22.32
N PHE B 109 -10.87 27.17 -23.10
CA PHE B 109 -10.35 26.13 -24.01
C PHE B 109 -9.85 26.65 -25.37
N THR B 110 -9.84 27.97 -25.55
CA THR B 110 -9.37 28.55 -26.80
C THR B 110 -7.95 29.09 -26.67
N GLY B 111 -7.08 28.72 -27.60
CA GLY B 111 -5.71 29.22 -27.56
C GLY B 111 -4.63 28.23 -27.19
N LYS B 112 -3.40 28.72 -27.14
CA LYS B 112 -2.22 27.93 -26.81
C LYS B 112 -2.09 27.79 -25.28
N TRP B 113 -1.33 26.77 -24.86
CA TRP B 113 -1.05 26.49 -23.44
C TRP B 113 -0.39 27.74 -22.84
N ALA B 114 0.58 28.29 -23.56
CA ALA B 114 1.31 29.49 -23.13
C ALA B 114 0.43 30.69 -22.79
N LYS B 115 -0.80 30.70 -23.28
CA LYS B 115 -1.76 31.79 -23.04
C LYS B 115 -2.05 32.03 -21.56
N TYR B 116 -2.07 30.96 -20.79
CA TYR B 116 -2.36 31.05 -19.37
C TYR B 116 -1.19 30.80 -18.44
N GLY B 117 0.03 30.89 -18.97
CA GLY B 117 1.22 30.64 -18.15
C GLY B 117 1.38 31.46 -16.88
N SER B 118 0.87 32.69 -16.87
CA SER B 118 0.99 33.55 -15.69
C SER B 118 -0.30 33.60 -14.89
N GLN B 119 -1.30 32.83 -15.31
CA GLN B 119 -2.59 32.77 -14.63
C GLN B 119 -2.81 31.45 -13.87
N ILE B 120 -2.37 30.35 -14.47
CA ILE B 120 -2.51 29.00 -13.89
C ILE B 120 -1.22 28.79 -13.13
N VAL B 121 -1.19 29.28 -11.90
CA VAL B 121 0.02 29.24 -11.08
C VAL B 121 -0.08 28.60 -9.69
N ASN B 122 -1.23 28.01 -9.39
CA ASN B 122 -1.43 27.30 -8.13
C ASN B 122 -1.64 25.83 -8.48
N VAL B 123 -0.97 24.94 -7.77
CA VAL B 123 -1.11 23.51 -8.02
C VAL B 123 -2.40 22.93 -7.40
N ILE B 124 -2.87 21.81 -7.96
CA ILE B 124 -4.05 21.06 -7.49
C ILE B 124 -4.30 21.39 -6.01
N GLY B 125 -5.43 22.05 -5.75
CA GLY B 125 -5.71 22.48 -4.39
C GLY B 125 -7.09 22.26 -3.82
N CYS B 126 -7.29 22.79 -2.61
CA CYS B 126 -8.55 22.66 -1.88
C CYS B 126 -9.75 23.01 -2.77
N ALA B 127 -9.62 24.10 -3.52
CA ALA B 127 -10.69 24.57 -4.39
C ALA B 127 -11.06 23.61 -5.52
N ASN B 128 -10.15 22.71 -5.90
CA ASN B 128 -10.45 21.72 -6.94
C ASN B 128 -11.47 20.71 -6.47
N CYS B 129 -11.60 20.54 -5.15
CA CYS B 129 -12.52 19.54 -4.60
C CYS B 129 -13.53 20.00 -3.58
N HIS B 130 -13.43 21.26 -3.16
CA HIS B 130 -14.31 21.80 -2.13
C HIS B 130 -14.87 23.20 -2.39
N ASP B 131 -16.08 23.42 -1.88
CA ASP B 131 -16.73 24.73 -1.94
C ASP B 131 -16.03 25.50 -0.81
N ASP B 132 -15.55 26.70 -1.12
CA ASP B 132 -14.83 27.52 -0.16
C ASP B 132 -15.64 28.09 1.00
N LYS B 133 -16.96 28.00 0.92
CA LYS B 133 -17.81 28.53 1.96
C LYS B 133 -18.29 27.44 2.93
N THR B 134 -18.58 26.26 2.39
CA THR B 134 -19.08 25.14 3.20
C THR B 134 -18.13 23.96 3.38
N ALA B 135 -17.12 23.87 2.51
CA ALA B 135 -16.14 22.78 2.50
C ALA B 135 -16.74 21.47 1.97
N GLU B 136 -17.98 21.53 1.48
CA GLU B 136 -18.65 20.35 0.91
C GLU B 136 -17.87 19.96 -0.35
N LEU B 137 -17.90 18.68 -0.71
CA LEU B 137 -17.21 18.24 -1.93
C LEU B 137 -17.90 18.93 -3.10
N LYS B 138 -17.09 19.37 -4.05
CA LYS B 138 -17.59 20.12 -5.20
C LYS B 138 -16.67 19.94 -6.41
N VAL B 139 -17.27 19.85 -7.60
CA VAL B 139 -16.51 19.74 -8.85
C VAL B 139 -17.00 20.91 -9.69
N ARG B 140 -16.06 21.74 -10.13
CA ARG B 140 -16.37 22.92 -10.91
C ARG B 140 -15.91 22.89 -12.38
N VAL B 141 -15.48 21.72 -12.85
CA VAL B 141 -15.06 21.57 -14.25
C VAL B 141 -16.21 20.84 -14.93
N PRO B 142 -16.86 21.52 -15.89
CA PRO B 142 -17.99 20.95 -16.62
C PRO B 142 -17.77 19.66 -17.39
N HIS B 143 -16.53 19.34 -17.78
CA HIS B 143 -16.30 18.12 -18.53
C HIS B 143 -16.73 16.84 -17.82
N LEU B 144 -16.69 16.82 -16.48
CA LEU B 144 -17.08 15.60 -15.77
C LEU B 144 -18.55 15.26 -15.91
N ASN B 145 -19.42 16.21 -15.53
CA ASN B 145 -20.86 15.97 -15.64
C ASN B 145 -21.23 15.67 -17.10
N ARG B 146 -20.55 16.33 -18.04
CA ARG B 146 -20.84 16.09 -19.45
C ARG B 146 -20.56 14.61 -19.78
N GLY B 147 -19.44 14.09 -19.26
CA GLY B 147 -19.12 12.69 -19.50
C GLY B 147 -20.08 11.76 -18.78
N LEU B 148 -20.34 12.05 -17.50
CA LEU B 148 -21.26 11.23 -16.71
C LEU B 148 -22.62 11.11 -17.40
N GLN B 149 -23.17 12.24 -17.84
CA GLN B 149 -24.47 12.23 -18.50
C GLN B 149 -24.41 11.46 -19.83
N ALA B 150 -23.30 11.59 -20.55
CA ALA B 150 -23.12 10.88 -21.81
C ALA B 150 -23.15 9.36 -21.55
N ALA B 151 -22.62 8.97 -20.39
CA ALA B 151 -22.56 7.56 -20.01
C ALA B 151 -23.83 7.03 -19.35
N GLY B 152 -24.82 7.91 -19.20
CA GLY B 152 -26.08 7.52 -18.56
C GLY B 152 -25.97 7.45 -17.05
N LEU B 153 -24.99 8.14 -16.50
CA LEU B 153 -24.76 8.17 -15.05
C LEU B 153 -25.22 9.51 -14.47
N LYS B 154 -25.56 9.51 -13.19
CA LYS B 154 -25.98 10.73 -12.52
C LYS B 154 -24.84 11.73 -12.45
N THR B 155 -25.21 13.01 -12.41
CA THR B 155 -24.23 14.08 -12.29
C THR B 155 -23.60 14.00 -10.89
N PHE B 156 -22.49 14.70 -10.73
CA PHE B 156 -21.81 14.75 -9.44
C PHE B 156 -22.77 15.15 -8.33
N GLU B 157 -23.52 16.23 -8.58
CA GLU B 157 -24.48 16.77 -7.59
C GLU B 157 -25.61 15.82 -7.19
N GLU B 158 -25.96 14.89 -8.07
CA GLU B 158 -27.02 13.92 -7.81
C GLU B 158 -26.47 12.58 -7.30
N SER B 159 -25.15 12.48 -7.20
CA SER B 159 -24.54 11.23 -6.75
C SER B 159 -24.54 11.12 -5.25
N THR B 160 -24.33 9.90 -4.75
CA THR B 160 -24.28 9.66 -3.32
C THR B 160 -22.97 10.22 -2.77
N HIS B 161 -22.89 10.34 -1.46
CA HIS B 161 -21.69 10.85 -0.83
C HIS B 161 -20.48 9.96 -1.13
N GLN B 162 -20.69 8.64 -1.14
CA GLN B 162 -19.61 7.68 -1.43
C GLN B 162 -19.19 7.79 -2.89
N ASP B 163 -20.14 8.10 -3.79
CA ASP B 163 -19.82 8.28 -5.21
C ASP B 163 -18.94 9.51 -5.34
N LYS B 164 -19.31 10.59 -4.65
CA LYS B 164 -18.56 11.84 -4.71
C LYS B 164 -17.11 11.67 -4.25
N ARG B 165 -16.89 10.78 -3.28
CA ARG B 165 -15.53 10.50 -2.78
C ARG B 165 -14.67 9.86 -3.86
N THR B 166 -15.32 9.44 -4.96
CA THR B 166 -14.59 8.87 -6.09
C THR B 166 -14.60 9.92 -7.20
N LEU B 167 -15.72 10.62 -7.39
CA LEU B 167 -15.82 11.63 -8.45
C LEU B 167 -14.88 12.84 -8.35
N VAL B 168 -14.49 13.24 -7.15
CA VAL B 168 -13.56 14.36 -7.00
C VAL B 168 -12.19 13.94 -7.54
N CYS B 169 -12.00 12.64 -7.77
CA CYS B 169 -10.76 12.12 -8.35
C CYS B 169 -10.99 11.94 -9.86
N ALA B 170 -12.19 11.49 -10.21
CA ALA B 170 -12.54 11.26 -11.60
C ALA B 170 -12.57 12.53 -12.44
N GLN B 171 -12.59 13.69 -11.79
CA GLN B 171 -12.59 14.94 -12.56
C GLN B 171 -11.27 15.07 -13.33
N CYS B 172 -10.24 14.33 -12.89
CA CYS B 172 -8.94 14.35 -13.56
C CYS B 172 -8.44 12.98 -14.04
N HIS B 173 -8.61 11.97 -13.19
CA HIS B 173 -8.14 10.61 -13.50
C HIS B 173 -9.08 9.84 -14.41
N VAL B 174 -9.24 10.34 -15.64
CA VAL B 174 -10.09 9.71 -16.64
C VAL B 174 -9.49 9.89 -18.04
N GLU B 175 -9.96 9.09 -18.99
CA GLU B 175 -9.53 9.17 -20.38
C GLU B 175 -10.30 10.31 -21.03
N TYR B 176 -9.67 11.02 -21.97
CA TYR B 176 -10.32 12.16 -22.62
C TYR B 176 -9.72 12.41 -23.99
N TYR B 177 -10.29 13.33 -24.74
CA TYR B 177 -9.71 13.72 -26.02
C TYR B 177 -10.04 15.21 -26.16
N PHE B 178 -9.38 15.89 -27.11
CA PHE B 178 -9.65 17.30 -27.34
C PHE B 178 -10.68 17.41 -28.47
N LYS B 179 -11.83 18.00 -28.18
CA LYS B 179 -12.89 18.17 -29.16
C LYS B 179 -12.82 19.54 -29.83
N LYS B 180 -12.47 19.54 -31.12
CA LYS B 180 -12.39 20.78 -31.89
C LYS B 180 -13.81 21.35 -31.93
N THR B 181 -14.00 22.52 -31.32
CA THR B 181 -15.31 23.12 -31.20
C THR B 181 -15.38 24.55 -31.76
N GLU B 182 -16.22 24.73 -32.77
CA GLU B 182 -16.41 26.04 -33.39
C GLU B 182 -17.43 26.84 -32.58
N TRP B 183 -17.07 28.07 -32.25
CA TRP B 183 -17.97 28.92 -31.47
C TRP B 183 -17.81 30.41 -31.76
N LYS B 184 -18.80 31.18 -31.36
CA LYS B 184 -18.79 32.62 -31.56
C LYS B 184 -18.98 33.29 -30.20
N ASP B 185 -18.11 34.25 -29.86
CA ASP B 185 -18.21 34.93 -28.58
C ASP B 185 -19.25 36.05 -28.52
N ALA B 186 -19.27 36.77 -27.40
CA ALA B 186 -20.21 37.87 -27.18
C ALA B 186 -19.99 39.05 -28.13
N LYS B 187 -18.75 39.23 -28.59
CA LYS B 187 -18.44 40.32 -29.52
C LYS B 187 -18.43 39.91 -30.99
N GLY B 188 -19.11 38.80 -31.29
CA GLY B 188 -19.24 38.29 -32.65
C GLY B 188 -18.07 37.63 -33.36
N ALA B 189 -16.92 37.51 -32.69
CA ALA B 189 -15.76 36.88 -33.30
C ALA B 189 -15.85 35.35 -33.34
N ASP B 190 -15.46 34.76 -34.46
CA ASP B 190 -15.48 33.31 -34.64
C ASP B 190 -14.23 32.71 -33.99
N LYS B 191 -14.43 31.70 -33.17
CA LYS B 191 -13.31 31.05 -32.49
C LYS B 191 -13.33 29.53 -32.51
N THR B 192 -12.17 28.94 -32.28
CA THR B 192 -12.02 27.49 -32.25
C THR B 192 -11.42 27.01 -30.92
N ALA B 193 -12.20 26.25 -30.16
CA ALA B 193 -11.73 25.70 -28.89
C ALA B 193 -11.38 24.23 -29.03
N MET B 194 -10.48 23.76 -28.17
CA MET B 194 -10.08 22.35 -28.11
C MET B 194 -10.53 21.97 -26.70
N VAL B 195 -11.74 21.43 -26.63
CA VAL B 195 -12.41 21.07 -25.39
C VAL B 195 -12.13 19.68 -24.83
N VAL B 196 -11.75 19.62 -23.55
CA VAL B 196 -11.52 18.34 -22.89
C VAL B 196 -12.87 17.63 -22.88
N THR B 197 -12.92 16.43 -23.45
CA THR B 197 -14.16 15.67 -23.54
C THR B 197 -13.92 14.20 -23.18
N LEU B 198 -14.80 13.63 -22.36
CA LEU B 198 -14.69 12.22 -21.97
C LEU B 198 -15.51 11.46 -23.01
N PRO B 199 -14.88 10.52 -23.76
CA PRO B 199 -15.56 9.72 -24.79
C PRO B 199 -16.43 8.65 -24.20
N TRP B 200 -17.39 9.06 -23.37
CA TRP B 200 -18.25 8.13 -22.65
C TRP B 200 -19.64 7.82 -23.17
N ALA B 201 -19.95 8.25 -24.39
CA ALA B 201 -21.26 8.01 -24.98
C ALA B 201 -21.74 6.56 -24.95
N ASN B 202 -20.80 5.60 -24.99
CA ASN B 202 -21.18 4.20 -24.94
C ASN B 202 -21.06 3.56 -23.54
N GLY B 203 -20.91 4.42 -22.54
CA GLY B 203 -20.85 3.94 -21.16
C GLY B 203 -19.47 3.54 -20.67
N VAL B 204 -19.25 3.63 -19.36
CA VAL B 204 -17.95 3.24 -18.80
C VAL B 204 -18.18 2.44 -17.53
N GLY B 205 -17.34 1.44 -17.32
CA GLY B 205 -17.46 0.61 -16.13
C GLY B 205 -18.78 -0.12 -16.02
N LYS B 206 -19.37 -0.50 -17.15
CA LYS B 206 -20.67 -1.20 -17.11
C LYS B 206 -20.49 -2.70 -17.04
N ASP B 207 -21.00 -3.27 -15.95
CA ASP B 207 -20.93 -4.71 -15.73
C ASP B 207 -19.57 -5.34 -16.01
N GLY B 208 -18.54 -4.83 -15.34
CA GLY B 208 -17.21 -5.41 -15.48
C GLY B 208 -16.42 -5.00 -16.70
N ASN B 209 -17.02 -4.20 -17.57
CA ASN B 209 -16.35 -3.72 -18.79
C ASN B 209 -15.84 -2.30 -18.57
N ALA B 210 -14.54 -2.08 -18.80
CA ALA B 210 -13.96 -0.74 -18.60
C ALA B 210 -14.59 0.31 -19.50
N GLY B 211 -14.92 -0.09 -20.73
CA GLY B 211 -15.55 0.81 -21.68
C GLY B 211 -14.72 1.10 -22.91
N VAL B 212 -13.61 0.38 -23.07
CA VAL B 212 -12.71 0.63 -24.21
C VAL B 212 -13.34 0.33 -25.57
N GLU B 213 -14.10 -0.76 -25.66
CA GLU B 213 -14.73 -1.13 -26.92
C GLU B 213 -15.72 -0.05 -27.35
N GLY B 214 -16.52 0.44 -26.40
CA GLY B 214 -17.48 1.49 -26.71
C GLY B 214 -16.80 2.79 -27.13
N MET B 215 -15.63 3.07 -26.55
CA MET B 215 -14.88 4.27 -26.89
C MET B 215 -14.34 4.13 -28.31
N ILE B 216 -13.87 2.95 -28.69
CA ILE B 216 -13.36 2.75 -30.05
C ILE B 216 -14.50 2.96 -31.05
N LYS B 217 -15.69 2.44 -30.72
CA LYS B 217 -16.87 2.58 -31.57
C LYS B 217 -17.14 4.07 -31.78
N TYR B 218 -17.11 4.82 -30.67
CA TYR B 218 -17.35 6.26 -30.68
C TYR B 218 -16.30 7.03 -31.50
N TYR B 219 -15.03 6.82 -31.18
CA TYR B 219 -13.94 7.50 -31.89
C TYR B 219 -13.95 7.20 -33.39
N ASP B 220 -14.25 5.94 -33.74
CA ASP B 220 -14.29 5.56 -35.15
C ASP B 220 -15.48 6.26 -35.83
N GLU B 221 -16.60 6.32 -35.14
CA GLU B 221 -17.79 6.96 -35.68
C GLU B 221 -17.62 8.43 -35.97
N ILE B 222 -16.85 9.14 -35.13
CA ILE B 222 -16.61 10.55 -35.39
C ILE B 222 -15.31 10.76 -36.16
N ASN B 223 -14.74 9.68 -36.68
CA ASN B 223 -13.49 9.73 -37.45
C ASN B 223 -12.38 10.52 -36.77
N PHE B 224 -12.23 10.32 -35.46
CA PHE B 224 -11.21 11.06 -34.74
C PHE B 224 -9.90 10.30 -34.55
N SER B 225 -8.80 11.05 -34.61
CA SER B 225 -7.46 10.52 -34.39
C SER B 225 -6.65 11.56 -33.64
N ASP B 226 -5.89 11.10 -32.64
CA ASP B 226 -5.05 11.99 -31.87
C ASP B 226 -3.81 12.43 -32.66
N TRP B 227 -3.33 11.55 -33.52
CA TRP B 227 -2.17 11.83 -34.37
C TRP B 227 -1.99 10.74 -35.43
N THR B 228 -1.21 11.04 -36.47
CA THR B 228 -0.91 10.07 -37.52
C THR B 228 0.48 9.56 -37.18
N HIS B 229 0.58 8.25 -36.92
CA HIS B 229 1.84 7.65 -36.53
C HIS B 229 2.88 7.98 -37.62
N ASN B 230 4.06 8.47 -37.22
CA ASN B 230 5.07 8.84 -38.23
C ASN B 230 5.87 7.69 -38.87
N ILE B 231 5.63 6.46 -38.43
CA ILE B 231 6.32 5.31 -39.03
C ILE B 231 5.32 4.50 -39.83
N SER B 232 4.19 4.14 -39.22
CA SER B 232 3.17 3.34 -39.90
C SER B 232 2.13 4.16 -40.62
N LYS B 233 2.08 5.47 -40.34
CA LYS B 233 1.12 6.37 -40.94
C LYS B 233 -0.30 5.97 -40.57
N THR B 234 -0.44 5.38 -39.39
CA THR B 234 -1.74 4.94 -38.91
C THR B 234 -2.43 6.04 -38.12
N PRO B 235 -3.73 6.27 -38.36
CA PRO B 235 -4.49 7.30 -37.63
C PRO B 235 -4.67 6.68 -36.24
N MET B 236 -3.94 7.19 -35.26
CA MET B 236 -3.92 6.64 -33.91
C MET B 236 -4.78 7.30 -32.84
N LEU B 237 -5.06 6.53 -31.79
CA LEU B 237 -5.82 6.99 -30.62
C LEU B 237 -4.88 6.80 -29.43
N LYS B 238 -4.71 7.85 -28.64
CA LYS B 238 -3.87 7.83 -27.45
C LYS B 238 -4.74 7.64 -26.20
N ALA B 239 -4.37 6.73 -25.30
CA ALA B 239 -5.11 6.55 -24.04
C ALA B 239 -4.44 7.41 -22.96
N GLN B 240 -5.25 7.93 -22.05
CA GLN B 240 -4.71 8.72 -20.93
C GLN B 240 -5.41 8.35 -19.64
N HIS B 241 -4.61 7.87 -18.70
CA HIS B 241 -5.04 7.54 -17.34
C HIS B 241 -6.55 7.35 -17.09
N PRO B 242 -7.14 6.26 -17.59
CA PRO B 242 -8.57 6.01 -17.39
C PRO B 242 -8.78 5.37 -16.01
N GLY B 243 -8.34 6.06 -14.97
CA GLY B 243 -8.45 5.50 -13.63
C GLY B 243 -9.86 5.12 -13.20
N PHE B 244 -10.80 6.03 -13.37
CA PHE B 244 -12.19 5.84 -12.98
C PHE B 244 -12.89 4.74 -13.78
N GLU B 245 -12.70 4.76 -15.09
CA GLU B 245 -13.36 3.77 -15.97
C GLU B 245 -12.96 2.36 -15.58
N PHE B 246 -11.66 2.15 -15.35
CA PHE B 246 -11.20 0.83 -14.95
C PHE B 246 -11.61 0.51 -13.50
N TRP B 247 -11.49 1.50 -12.61
CA TRP B 247 -11.86 1.31 -11.20
C TRP B 247 -13.30 0.80 -11.12
N LYS B 248 -14.17 1.39 -11.93
CA LYS B 248 -15.58 1.03 -11.94
C LYS B 248 -15.79 -0.42 -12.39
N SER B 249 -14.86 -0.94 -13.20
CA SER B 249 -14.97 -2.31 -13.68
C SER B 249 -14.44 -3.35 -12.70
N GLY B 250 -13.57 -2.94 -11.77
CA GLY B 250 -13.01 -3.88 -10.82
C GLY B 250 -13.91 -4.22 -9.64
N ILE B 251 -13.51 -5.19 -8.82
CA ILE B 251 -14.34 -5.59 -7.69
C ILE B 251 -14.52 -4.50 -6.64
N HIS B 252 -13.46 -3.74 -6.33
CA HIS B 252 -13.61 -2.68 -5.34
C HIS B 252 -14.62 -1.65 -5.82
N GLY B 253 -14.49 -1.25 -7.09
CA GLY B 253 -15.41 -0.29 -7.65
C GLY B 253 -16.86 -0.78 -7.62
N GLN B 254 -17.05 -2.03 -8.03
CA GLN B 254 -18.37 -2.64 -8.07
C GLN B 254 -18.98 -2.82 -6.69
N LYS B 255 -18.13 -2.86 -5.66
CA LYS B 255 -18.58 -3.00 -4.28
C LYS B 255 -18.68 -1.66 -3.56
N GLY B 256 -18.48 -0.57 -4.30
CA GLY B 256 -18.59 0.76 -3.73
C GLY B 256 -17.46 1.25 -2.86
N VAL B 257 -16.25 0.72 -3.06
CA VAL B 257 -15.08 1.16 -2.28
C VAL B 257 -14.48 2.31 -3.09
N SER B 258 -14.62 3.54 -2.59
CA SER B 258 -14.15 4.73 -3.30
C SER B 258 -12.64 4.90 -3.31
N CYS B 259 -12.15 5.71 -4.26
CA CYS B 259 -10.72 5.99 -4.34
C CYS B 259 -10.25 6.51 -2.98
N ALA B 260 -11.08 7.36 -2.36
CA ALA B 260 -10.73 7.95 -1.07
C ALA B 260 -10.57 6.94 0.05
N ASP B 261 -11.30 5.83 0.00
CA ASP B 261 -11.18 4.81 1.04
C ASP B 261 -9.72 4.34 1.16
N CYS B 262 -9.07 4.14 0.02
CA CYS B 262 -7.68 3.68 0.02
C CYS B 262 -6.64 4.78 -0.06
N HIS B 263 -6.93 5.83 -0.82
CA HIS B 263 -5.96 6.90 -1.00
C HIS B 263 -6.05 8.08 -0.03
N MET B 264 -7.21 8.25 0.61
CA MET B 264 -7.37 9.33 1.59
C MET B 264 -7.99 8.72 2.84
N PRO B 265 -7.34 7.70 3.39
CA PRO B 265 -7.85 7.02 4.58
C PRO B 265 -8.04 7.93 5.79
N TYR B 266 -9.04 7.63 6.61
CA TYR B 266 -9.28 8.42 7.80
C TYR B 266 -8.09 8.20 8.74
N THR B 267 -7.79 9.21 9.54
CA THR B 267 -6.70 9.11 10.47
C THR B 267 -7.14 9.80 11.75
N GLN B 268 -6.50 9.44 12.86
CA GLN B 268 -6.84 9.96 14.17
C GLN B 268 -5.62 10.64 14.79
N GLU B 269 -5.77 11.90 15.16
CA GLU B 269 -4.70 12.66 15.80
C GLU B 269 -5.31 13.17 17.08
N GLY B 270 -4.85 12.60 18.20
CA GLY B 270 -5.45 12.99 19.46
C GLY B 270 -6.89 12.57 19.35
N SER B 271 -7.81 13.45 19.71
CA SER B 271 -9.22 13.13 19.62
C SER B 271 -9.86 13.56 18.28
N VAL B 272 -9.05 13.98 17.32
CA VAL B 272 -9.61 14.42 16.03
C VAL B 272 -9.39 13.41 14.92
N LYS B 273 -10.50 12.95 14.34
CA LYS B 273 -10.47 12.01 13.23
C LYS B 273 -10.81 12.82 11.97
N TYR B 274 -9.98 12.70 10.94
CA TYR B 274 -10.19 13.43 9.70
C TYR B 274 -9.62 12.62 8.55
N SER B 275 -9.79 13.13 7.34
CA SER B 275 -9.28 12.44 6.14
C SER B 275 -7.84 12.85 5.88
N ASP B 276 -6.97 11.86 5.73
CA ASP B 276 -5.55 12.13 5.46
C ASP B 276 -5.50 12.66 4.04
N HIS B 277 -5.08 13.92 3.87
CA HIS B 277 -5.01 14.53 2.56
C HIS B 277 -3.73 14.28 1.79
N GLN B 278 -2.83 13.49 2.37
CA GLN B 278 -1.63 13.11 1.65
C GLN B 278 -2.09 11.94 0.78
N VAL B 279 -2.70 12.27 -0.36
CA VAL B 279 -3.22 11.26 -1.28
C VAL B 279 -2.12 10.21 -1.47
N LYS B 280 -2.35 9.02 -0.94
CA LYS B 280 -1.35 7.96 -0.94
C LYS B 280 -0.88 7.45 -2.29
N GLU B 281 0.39 7.67 -2.59
CA GLU B 281 0.96 7.23 -3.86
C GLU B 281 0.87 5.72 -3.96
N ASN B 282 1.12 5.06 -2.84
CA ASN B 282 1.07 3.62 -2.74
C ASN B 282 0.37 3.21 -1.45
N PRO B 283 -0.95 3.02 -1.52
CA PRO B 283 -1.74 2.62 -0.35
C PRO B 283 -1.18 1.39 0.38
N LEU B 284 -0.43 0.55 -0.33
CA LEU B 284 0.15 -0.65 0.29
C LEU B 284 1.13 -0.25 1.40
N ASP B 285 1.70 0.94 1.30
CA ASP B 285 2.63 1.44 2.32
C ASP B 285 1.92 1.96 3.57
N SER B 286 0.59 2.04 3.50
CA SER B 286 -0.24 2.48 4.62
C SER B 286 -1.41 1.52 4.81
N MET B 287 -1.12 0.22 4.67
CA MET B 287 -2.12 -0.84 4.80
C MET B 287 -3.06 -0.77 5.99
N ASP B 288 -2.48 -0.50 7.16
CA ASP B 288 -3.28 -0.40 8.37
C ASP B 288 -4.37 0.64 8.20
N GLN B 289 -4.05 1.74 7.52
CA GLN B 289 -5.01 2.81 7.29
C GLN B 289 -5.89 2.57 6.04
N SER B 290 -5.22 2.20 4.95
CA SER B 290 -5.84 1.97 3.64
C SER B 290 -6.58 0.67 3.34
N CYS B 291 -6.35 -0.40 4.10
CA CYS B 291 -6.98 -1.70 3.78
C CYS B 291 -7.52 -2.51 4.95
N MET B 292 -6.82 -2.47 6.09
CA MET B 292 -7.19 -3.27 7.24
C MET B 292 -8.51 -2.98 7.93
N ASN B 293 -9.14 -1.89 7.54
CA ASN B 293 -10.44 -1.55 8.08
C ASN B 293 -11.49 -2.50 7.46
N CYS B 294 -11.12 -3.16 6.35
CA CYS B 294 -12.00 -4.09 5.66
C CYS B 294 -11.39 -5.48 5.51
N HIS B 295 -10.07 -5.56 5.62
CA HIS B 295 -9.39 -6.82 5.48
C HIS B 295 -8.63 -7.19 6.75
N ARG B 296 -8.62 -8.48 7.06
CA ARG B 296 -7.92 -9.02 8.22
C ARG B 296 -6.88 -9.93 7.61
N GLU B 297 -5.66 -9.43 7.50
CA GLU B 297 -4.60 -10.21 6.88
C GLU B 297 -3.24 -9.65 7.22
N SER B 298 -2.21 -10.49 7.15
CA SER B 298 -0.87 -10.02 7.40
C SER B 298 -0.46 -9.11 6.25
N GLU B 299 0.30 -8.07 6.57
CA GLU B 299 0.78 -7.11 5.58
C GLU B 299 1.64 -7.73 4.49
N SER B 300 2.56 -8.62 4.87
CA SER B 300 3.42 -9.22 3.85
C SER B 300 2.61 -10.08 2.88
N LYS B 301 1.63 -10.81 3.39
CA LYS B 301 0.80 -11.65 2.52
C LYS B 301 -0.07 -10.83 1.57
N LEU B 302 -0.69 -9.76 2.06
CA LEU B 302 -1.56 -8.92 1.21
C LEU B 302 -0.73 -8.20 0.17
N ARG B 303 0.43 -7.70 0.57
CA ARG B 303 1.33 -7.02 -0.34
C ARG B 303 1.79 -8.01 -1.42
N GLY B 304 2.05 -9.25 -1.01
CA GLY B 304 2.49 -10.28 -1.93
C GLY B 304 1.41 -10.62 -2.95
N ILE B 305 0.16 -10.67 -2.47
CA ILE B 305 -0.98 -10.96 -3.34
C ILE B 305 -1.08 -9.87 -4.43
N VAL B 306 -0.95 -8.62 -4.02
CA VAL B 306 -1.03 -7.53 -4.97
C VAL B 306 0.16 -7.53 -5.93
N HIS B 307 1.35 -7.88 -5.43
CA HIS B 307 2.51 -7.92 -6.28
C HIS B 307 2.34 -8.92 -7.42
N GLN B 308 1.62 -10.01 -7.15
CA GLN B 308 1.37 -11.04 -8.17
C GLN B 308 0.68 -10.37 -9.35
N LYS B 309 -0.26 -9.50 -9.04
CA LYS B 309 -1.05 -8.80 -10.06
C LYS B 309 -0.15 -7.92 -10.92
N TYR B 310 0.86 -7.30 -10.30
CA TYR B 310 1.78 -6.45 -11.03
C TYR B 310 2.60 -7.31 -12.00
N GLU B 311 3.02 -8.48 -11.55
CA GLU B 311 3.80 -9.39 -12.40
C GLU B 311 2.99 -9.85 -13.61
N ARG B 312 1.74 -10.23 -13.36
CA ARG B 312 0.89 -10.67 -14.47
C ARG B 312 0.71 -9.55 -15.51
N LYS B 313 0.50 -8.32 -15.04
CA LYS B 313 0.31 -7.18 -15.94
C LYS B 313 1.59 -6.87 -16.70
N GLU B 314 2.73 -6.92 -16.02
CA GLU B 314 4.01 -6.65 -16.67
C GLU B 314 4.32 -7.68 -17.75
N PHE B 315 3.91 -8.93 -17.50
CA PHE B 315 4.11 -10.02 -18.43
C PHE B 315 3.36 -9.71 -19.73
N LEU B 316 2.07 -9.39 -19.63
CA LEU B 316 1.27 -9.08 -20.81
C LEU B 316 1.62 -7.72 -21.44
N ASN B 317 2.08 -6.78 -20.62
CA ASN B 317 2.45 -5.45 -21.09
C ASN B 317 3.60 -5.57 -22.09
N LYS B 318 4.68 -6.23 -21.68
CA LYS B 318 5.84 -6.41 -22.56
C LYS B 318 5.46 -7.12 -23.87
N VAL B 319 4.64 -8.15 -23.77
CA VAL B 319 4.21 -8.90 -24.96
C VAL B 319 3.44 -8.03 -25.94
N ALA B 320 2.46 -7.30 -25.42
CA ALA B 320 1.64 -6.44 -26.26
C ALA B 320 2.44 -5.34 -26.95
N PHE B 321 3.30 -4.64 -26.21
CA PHE B 321 4.05 -3.53 -26.79
C PHE B 321 5.20 -3.91 -27.69
N ASP B 322 5.72 -5.12 -27.53
CA ASP B 322 6.77 -5.61 -28.42
C ASP B 322 6.10 -5.94 -29.75
N ASN B 323 4.89 -6.50 -29.69
CA ASN B 323 4.16 -6.86 -30.93
C ASN B 323 3.67 -5.61 -31.63
N ILE B 324 3.19 -4.63 -30.87
CA ILE B 324 2.71 -3.38 -31.42
C ILE B 324 3.88 -2.62 -32.06
N GLY B 325 5.00 -2.57 -31.35
CA GLY B 325 6.19 -1.88 -31.85
C GLY B 325 6.66 -2.47 -33.17
N LYS B 326 6.75 -3.80 -33.24
CA LYS B 326 7.17 -4.46 -34.47
C LYS B 326 6.13 -4.24 -35.58
N ALA B 327 4.85 -4.17 -35.22
CA ALA B 327 3.78 -3.95 -36.20
C ALA B 327 3.95 -2.61 -36.89
N HIS B 328 4.27 -1.57 -36.10
CA HIS B 328 4.46 -0.24 -36.68
C HIS B 328 5.66 -0.25 -37.62
N LEU B 329 6.77 -0.81 -37.16
CA LEU B 329 8.00 -0.85 -37.96
C LEU B 329 7.83 -1.66 -39.24
N GLU B 330 7.13 -2.78 -39.14
CA GLU B 330 6.87 -3.65 -40.29
C GLU B 330 5.92 -2.96 -41.28
N THR B 331 5.02 -2.13 -40.76
CA THR B 331 4.11 -1.39 -41.63
C THR B 331 4.95 -0.33 -42.37
N GLY B 332 5.90 0.29 -41.66
CA GLY B 332 6.78 1.28 -42.28
C GLY B 332 7.59 0.63 -43.41
N LYS B 333 8.06 -0.60 -43.16
CA LYS B 333 8.82 -1.32 -44.18
C LYS B 333 7.91 -1.59 -45.38
N ALA B 334 6.66 -1.98 -45.12
CA ALA B 334 5.69 -2.24 -46.18
C ALA B 334 5.46 -1.00 -47.04
N ILE B 335 5.39 0.18 -46.40
CA ILE B 335 5.18 1.43 -47.15
C ILE B 335 6.36 1.66 -48.08
N GLU B 336 7.58 1.52 -47.54
CA GLU B 336 8.80 1.70 -48.32
C GLU B 336 8.90 0.71 -49.49
N ALA B 337 8.45 -0.52 -49.26
CA ALA B 337 8.48 -1.57 -50.27
C ALA B 337 7.41 -1.33 -51.35
N GLY B 338 6.53 -0.37 -51.11
CA GLY B 338 5.51 -0.01 -52.08
C GLY B 338 4.06 -0.33 -51.83
N ALA B 339 3.70 -0.73 -50.62
CA ALA B 339 2.29 -1.05 -50.33
C ALA B 339 1.43 0.20 -50.30
N SER B 340 0.26 0.13 -50.91
CA SER B 340 -0.65 1.27 -50.95
C SER B 340 -1.47 1.40 -49.67
N ASP B 341 -2.18 2.52 -49.53
CA ASP B 341 -3.03 2.72 -48.37
C ASP B 341 -4.17 1.71 -48.40
N GLU B 342 -4.61 1.34 -49.59
CA GLU B 342 -5.70 0.36 -49.70
C GLU B 342 -5.21 -0.99 -49.19
N GLU B 343 -3.98 -1.35 -49.55
CA GLU B 343 -3.41 -2.62 -49.12
C GLU B 343 -3.21 -2.66 -47.60
N LEU B 344 -3.01 -1.49 -47.00
CA LEU B 344 -2.74 -1.36 -45.56
C LEU B 344 -3.92 -0.99 -44.68
N LYS B 345 -5.11 -0.87 -45.27
CA LYS B 345 -6.32 -0.50 -44.56
C LYS B 345 -6.66 -1.35 -43.31
N GLU B 346 -6.72 -2.66 -43.49
CA GLU B 346 -7.03 -3.57 -42.39
C GLU B 346 -5.91 -3.61 -41.36
N VAL B 347 -4.67 -3.55 -41.84
CA VAL B 347 -3.51 -3.55 -40.96
C VAL B 347 -3.57 -2.35 -40.02
N ARG B 348 -3.86 -1.18 -40.58
CA ARG B 348 -3.96 0.06 -39.79
C ARG B 348 -5.14 0.10 -38.82
N LYS B 349 -6.29 -0.46 -39.21
CA LYS B 349 -7.43 -0.52 -38.31
C LYS B 349 -7.06 -1.37 -37.08
N LEU B 350 -6.40 -2.50 -37.32
CA LEU B 350 -5.98 -3.40 -36.24
C LEU B 350 -4.94 -2.77 -35.32
N ILE B 351 -4.02 -2.01 -35.90
CA ILE B 351 -2.99 -1.35 -35.09
C ILE B 351 -3.63 -0.25 -34.24
N ARG B 352 -4.48 0.55 -34.85
CA ARG B 352 -5.18 1.63 -34.14
C ARG B 352 -5.95 1.02 -32.96
N HIS B 353 -6.78 0.02 -33.24
CA HIS B 353 -7.59 -0.60 -32.20
C HIS B 353 -6.76 -1.33 -31.14
N GLY B 354 -5.79 -2.10 -31.60
CA GLY B 354 -4.96 -2.87 -30.69
C GLY B 354 -4.18 -2.02 -29.72
N GLN B 355 -3.54 -0.97 -30.25
CA GLN B 355 -2.75 -0.09 -29.40
C GLN B 355 -3.63 0.64 -28.40
N PHE B 356 -4.84 1.03 -28.82
CA PHE B 356 -5.72 1.74 -27.90
C PHE B 356 -6.10 0.85 -26.72
N LYS B 357 -6.39 -0.42 -27.01
CA LYS B 357 -6.76 -1.38 -25.96
C LYS B 357 -5.60 -1.58 -25.00
N ALA B 358 -4.40 -1.81 -25.56
CA ALA B 358 -3.22 -2.03 -24.74
C ALA B 358 -2.82 -0.78 -23.97
N ASP B 359 -2.88 0.37 -24.64
CA ASP B 359 -2.53 1.66 -24.01
C ASP B 359 -3.52 1.96 -22.86
N MET B 360 -4.83 1.78 -23.09
CA MET B 360 -5.81 2.00 -22.03
C MET B 360 -5.52 1.10 -20.82
N ALA B 361 -5.12 -0.14 -21.07
CA ALA B 361 -4.82 -1.08 -19.99
C ALA B 361 -3.65 -0.60 -19.10
N ILE B 362 -2.63 0.01 -19.70
CA ILE B 362 -1.48 0.46 -18.92
C ILE B 362 -1.45 1.96 -18.56
N ALA B 363 -2.30 2.76 -19.24
CA ALA B 363 -2.33 4.21 -19.04
C ALA B 363 -2.68 4.70 -17.63
N ALA B 364 -3.48 3.93 -16.89
CA ALA B 364 -3.77 4.31 -15.50
C ALA B 364 -2.90 3.32 -14.75
N HIS B 365 -1.86 3.82 -14.10
CA HIS B 365 -0.90 2.97 -13.40
C HIS B 365 -1.40 2.00 -12.34
N GLY B 366 -2.50 2.31 -11.69
CA GLY B 366 -3.04 1.40 -10.70
C GLY B 366 -3.99 0.36 -11.28
N ASN B 367 -4.25 0.41 -12.60
CA ASN B 367 -5.18 -0.55 -13.23
C ASN B 367 -4.86 -2.01 -12.85
N TYR B 368 -3.58 -2.35 -12.78
CA TYR B 368 -3.20 -3.73 -12.49
C TYR B 368 -3.85 -4.27 -11.22
N PHE B 369 -4.08 -3.38 -10.25
CA PHE B 369 -4.71 -3.73 -8.98
C PHE B 369 -6.19 -3.33 -8.92
N HIS B 370 -6.52 -2.11 -9.36
CA HIS B 370 -7.94 -1.68 -9.31
C HIS B 370 -8.83 -2.59 -10.16
N ALA B 371 -8.31 -3.00 -11.31
CA ALA B 371 -9.07 -3.78 -12.29
C ALA B 371 -8.18 -4.79 -13.02
N PRO B 372 -7.69 -5.79 -12.30
CA PRO B 372 -6.82 -6.79 -12.94
C PRO B 372 -7.43 -7.53 -14.14
N GLU B 373 -8.72 -7.83 -14.06
CA GLU B 373 -9.38 -8.60 -15.11
C GLU B 373 -9.46 -7.88 -16.45
N GLU B 374 -9.92 -6.63 -16.43
CA GLU B 374 -10.00 -5.85 -17.67
C GLU B 374 -8.59 -5.49 -18.17
N THR B 375 -7.66 -5.26 -17.24
CA THR B 375 -6.30 -4.92 -17.60
C THR B 375 -5.66 -6.07 -18.37
N LEU B 376 -5.77 -7.28 -17.83
CA LEU B 376 -5.20 -8.44 -18.48
C LEU B 376 -5.94 -8.75 -19.79
N ARG B 377 -7.26 -8.65 -19.77
CA ARG B 377 -8.03 -8.96 -20.97
C ARG B 377 -7.70 -8.01 -22.12
N LEU B 378 -7.61 -6.71 -21.82
CA LEU B 378 -7.32 -5.71 -22.86
C LEU B 378 -5.89 -5.78 -23.40
N LEU B 379 -4.93 -6.16 -22.55
CA LEU B 379 -3.55 -6.29 -23.04
C LEU B 379 -3.49 -7.52 -23.97
N ALA B 380 -4.27 -8.55 -23.64
CA ALA B 380 -4.33 -9.75 -24.46
C ALA B 380 -4.99 -9.38 -25.79
N ALA B 381 -6.07 -8.61 -25.73
CA ALA B 381 -6.79 -8.18 -26.94
C ALA B 381 -5.93 -7.29 -27.82
N GLY B 382 -5.24 -6.33 -27.20
CA GLY B 382 -4.39 -5.41 -27.92
C GLY B 382 -3.25 -6.14 -28.60
N SER B 383 -2.60 -7.04 -27.88
CA SER B 383 -1.53 -7.85 -28.44
C SER B 383 -2.04 -8.68 -29.60
N ASP B 384 -3.21 -9.30 -29.45
CA ASP B 384 -3.76 -10.12 -30.52
C ASP B 384 -4.03 -9.30 -31.79
N ASP B 385 -4.62 -8.12 -31.65
CA ASP B 385 -4.87 -7.23 -32.79
C ASP B 385 -3.58 -6.91 -33.53
N ALA B 386 -2.52 -6.66 -32.77
CA ALA B 386 -1.21 -6.37 -33.37
C ALA B 386 -0.68 -7.60 -34.11
N GLN B 387 -0.84 -8.78 -33.51
CA GLN B 387 -0.36 -10.00 -34.16
C GLN B 387 -1.15 -10.28 -35.44
N LYS B 388 -2.45 -9.98 -35.44
CA LYS B 388 -3.29 -10.19 -36.63
C LYS B 388 -2.79 -9.29 -37.76
N ALA B 389 -2.47 -8.05 -37.42
CA ALA B 389 -1.95 -7.09 -38.39
C ALA B 389 -0.60 -7.57 -38.94
N ARG B 390 0.25 -8.10 -38.04
CA ARG B 390 1.56 -8.61 -38.45
C ARG B 390 1.47 -9.80 -39.41
N LEU B 391 0.45 -10.66 -39.23
CA LEU B 391 0.27 -11.80 -40.13
C LEU B 391 -0.05 -11.27 -41.53
N LEU B 392 -0.90 -10.25 -41.61
CA LEU B 392 -1.25 -9.65 -42.89
C LEU B 392 -0.01 -9.02 -43.52
N LEU B 393 0.80 -8.37 -42.70
CA LEU B 393 2.03 -7.73 -43.13
C LEU B 393 3.10 -8.64 -43.74
N VAL B 394 3.28 -9.85 -43.22
CA VAL B 394 4.27 -10.75 -43.82
C VAL B 394 3.87 -11.04 -45.27
N LYS B 395 2.56 -11.23 -45.50
CA LYS B 395 2.04 -11.50 -46.83
C LYS B 395 2.21 -10.28 -47.74
N ILE B 396 1.89 -9.11 -47.20
CA ILE B 396 2.00 -7.85 -47.94
C ILE B 396 3.47 -7.63 -48.33
N LEU B 397 4.36 -7.78 -47.35
CA LEU B 397 5.79 -7.61 -47.58
C LEU B 397 6.28 -8.57 -48.67
N ALA B 398 5.88 -9.84 -48.60
CA ALA B 398 6.29 -10.83 -49.58
C ALA B 398 5.81 -10.46 -50.98
N LYS B 399 4.58 -9.98 -51.09
CA LYS B 399 4.03 -9.57 -52.39
C LYS B 399 4.81 -8.40 -52.98
N HIS B 400 5.54 -7.69 -52.13
CA HIS B 400 6.35 -6.55 -52.58
C HIS B 400 7.84 -6.85 -52.55
N GLY B 401 8.19 -8.13 -52.62
CA GLY B 401 9.58 -8.56 -52.66
C GLY B 401 10.42 -8.47 -51.41
N VAL B 402 9.76 -8.43 -50.25
CA VAL B 402 10.49 -8.38 -48.99
C VAL B 402 10.22 -9.67 -48.25
N MET B 403 11.28 -10.44 -48.02
CA MET B 403 11.21 -11.72 -47.34
C MET B 403 11.95 -11.68 -46.01
N ASP B 404 11.44 -12.41 -45.02
CA ASP B 404 12.05 -12.48 -43.70
C ASP B 404 12.54 -11.15 -43.12
N TYR B 405 11.71 -10.12 -43.18
CA TYR B 405 12.08 -8.81 -42.64
C TYR B 405 12.19 -8.86 -41.11
N ILE B 406 13.22 -8.24 -40.56
CA ILE B 406 13.42 -8.19 -39.11
C ILE B 406 13.47 -6.73 -38.68
N ALA B 407 12.45 -6.28 -37.94
CA ALA B 407 12.39 -4.89 -37.48
C ALA B 407 13.62 -4.54 -36.65
N PRO B 408 14.05 -3.26 -36.69
CA PRO B 408 15.23 -2.86 -35.92
C PRO B 408 14.97 -2.94 -34.41
N ASP B 409 16.04 -3.02 -33.63
CA ASP B 409 15.89 -3.09 -32.18
C ASP B 409 15.42 -1.75 -31.60
N PHE B 410 14.59 -1.82 -30.56
CA PHE B 410 14.09 -0.63 -29.88
C PHE B 410 14.14 -0.91 -28.38
N ASP B 411 15.21 -1.60 -27.97
CA ASP B 411 15.39 -1.99 -26.57
C ASP B 411 15.99 -0.94 -25.63
N THR B 412 16.28 0.26 -26.14
CA THR B 412 16.77 1.34 -25.27
C THR B 412 16.08 2.61 -25.72
N LYS B 413 15.95 3.55 -24.81
CA LYS B 413 15.31 4.82 -25.11
C LYS B 413 15.99 5.51 -26.30
N ASP B 414 17.31 5.53 -26.28
CA ASP B 414 18.11 6.16 -27.34
C ASP B 414 17.79 5.56 -28.71
N LYS B 415 17.87 4.24 -28.83
CA LYS B 415 17.58 3.56 -30.09
C LYS B 415 16.17 3.83 -30.59
N ALA B 416 15.20 3.74 -29.69
CA ALA B 416 13.80 3.94 -30.05
C ALA B 416 13.54 5.39 -30.46
N GLN B 417 14.08 6.33 -29.68
CA GLN B 417 13.86 7.73 -30.03
C GLN B 417 14.49 8.10 -31.36
N LYS B 418 15.60 7.44 -31.72
CA LYS B 418 16.22 7.68 -33.02
C LYS B 418 15.27 7.15 -34.11
N LEU B 419 14.71 5.97 -33.89
CA LEU B 419 13.75 5.41 -34.85
C LEU B 419 12.51 6.29 -34.95
N ALA B 420 12.19 6.97 -33.85
CA ALA B 420 11.01 7.85 -33.76
C ALA B 420 11.25 9.27 -34.28
N LYS B 421 12.48 9.56 -34.68
CA LYS B 421 12.86 10.88 -35.19
C LYS B 421 12.75 11.95 -34.09
N VAL B 422 13.14 11.56 -32.88
CA VAL B 422 13.12 12.46 -31.73
C VAL B 422 14.56 12.84 -31.40
N ASP B 423 14.84 14.15 -31.46
CA ASP B 423 16.16 14.66 -31.13
C ASP B 423 16.01 15.25 -29.73
N ILE B 424 16.20 14.41 -28.71
CA ILE B 424 16.02 14.83 -27.33
C ILE B 424 17.04 15.87 -26.88
N ALA B 425 18.26 15.82 -27.42
CA ALA B 425 19.30 16.79 -27.05
C ALA B 425 18.82 18.17 -27.46
N ALA B 426 18.23 18.27 -28.66
CA ALA B 426 17.71 19.54 -29.17
C ALA B 426 16.48 20.00 -28.40
N LEU B 427 15.57 19.07 -28.13
CA LEU B 427 14.35 19.40 -27.41
C LEU B 427 14.70 19.87 -26.00
N ALA B 428 15.68 19.20 -25.38
CA ALA B 428 16.13 19.55 -24.04
C ALA B 428 16.72 20.96 -24.00
N ALA B 429 17.49 21.31 -25.03
CA ALA B 429 18.11 22.64 -25.10
C ALA B 429 17.05 23.73 -25.15
N GLU B 430 16.07 23.59 -26.03
CA GLU B 430 15.04 24.61 -26.12
C GLU B 430 14.09 24.64 -24.91
N LYS B 431 13.90 23.49 -24.28
CA LYS B 431 13.02 23.43 -23.10
C LYS B 431 13.67 24.20 -21.93
N MET B 432 14.95 23.94 -21.70
CA MET B 432 15.70 24.60 -20.64
C MET B 432 15.73 26.12 -20.86
N LYS B 433 15.83 26.53 -22.12
CA LYS B 433 15.85 27.95 -22.46
C LYS B 433 14.51 28.58 -22.10
N PHE B 434 13.42 27.85 -22.34
CA PHE B 434 12.09 28.32 -22.00
C PHE B 434 11.96 28.42 -20.49
N LYS B 435 12.50 27.42 -19.79
CA LYS B 435 12.45 27.40 -18.34
C LYS B 435 13.21 28.56 -17.72
N GLN B 436 14.35 28.89 -18.31
CA GLN B 436 15.22 29.97 -17.84
C GLN B 436 14.74 31.37 -18.19
N THR B 437 13.85 31.46 -19.17
CA THR B 437 13.34 32.76 -19.58
C THR B 437 11.85 32.97 -19.32
N LEU B 438 11.01 32.59 -20.28
CA LEU B 438 9.56 32.77 -20.20
C LEU B 438 8.91 32.23 -18.92
N GLU B 439 9.29 31.04 -18.49
CA GLU B 439 8.70 30.45 -17.28
C GLU B 439 8.90 31.37 -16.10
N GLN B 440 10.14 31.85 -15.92
CA GLN B 440 10.47 32.74 -14.81
C GLN B 440 9.71 34.06 -14.93
N GLU B 441 9.50 34.51 -16.16
CA GLU B 441 8.76 35.75 -16.39
C GLU B 441 7.29 35.53 -16.02
N TRP B 442 6.81 34.29 -16.19
CA TRP B 442 5.45 33.94 -15.80
C TRP B 442 5.34 33.99 -14.27
N LYS B 443 6.37 33.45 -13.61
CA LYS B 443 6.43 33.39 -12.15
C LYS B 443 6.48 34.80 -11.55
N LYS B 444 7.28 35.66 -12.16
CA LYS B 444 7.44 37.05 -11.73
C LYS B 444 6.09 37.77 -11.77
N GLU B 445 5.43 37.73 -12.91
CA GLU B 445 4.13 38.38 -13.07
C GLU B 445 3.08 37.81 -12.11
N ALA B 446 3.11 36.50 -11.91
CA ALA B 446 2.15 35.85 -11.01
C ALA B 446 2.29 36.38 -9.58
N LYS B 447 3.52 36.48 -9.09
CA LYS B 447 3.78 36.98 -7.75
C LYS B 447 3.40 38.44 -7.64
N ALA B 448 3.78 39.23 -8.65
CA ALA B 448 3.49 40.66 -8.69
C ALA B 448 2.00 40.97 -8.70
N LYS B 449 1.22 40.16 -9.41
CA LYS B 449 -0.21 40.36 -9.47
C LYS B 449 -0.93 39.70 -8.29
N GLY B 450 -0.16 39.04 -7.42
CA GLY B 450 -0.74 38.37 -6.27
C GLY B 450 -1.57 37.14 -6.62
N ARG B 451 -1.27 36.51 -7.75
CA ARG B 451 -2.01 35.32 -8.19
C ARG B 451 -1.49 34.06 -7.50
N ALA B 452 -0.23 34.11 -7.07
CA ALA B 452 0.39 32.99 -6.38
C ALA B 452 1.50 33.46 -5.47
N ASN B 453 1.94 32.57 -4.57
CA ASN B 453 3.02 32.86 -3.65
C ASN B 453 4.05 31.75 -3.84
N PRO B 454 4.79 31.77 -4.96
CA PRO B 454 5.81 30.75 -5.25
C PRO B 454 6.91 30.54 -4.21
N GLU B 455 7.16 31.54 -3.36
CA GLU B 455 8.18 31.40 -2.32
C GLU B 455 7.81 30.31 -1.32
N LEU B 456 6.51 30.09 -1.15
CA LEU B 456 6.02 29.07 -0.23
C LEU B 456 6.25 27.64 -0.72
N TYR B 457 6.59 27.48 -2.00
CA TYR B 457 6.82 26.16 -2.59
C TYR B 457 8.09 26.16 -3.43
N LYS B 458 9.19 26.62 -2.85
CA LYS B 458 10.49 26.71 -3.53
C LYS B 458 11.14 25.42 -3.99
N ASP B 459 10.69 24.29 -3.45
CA ASP B 459 11.25 22.98 -3.79
C ASP B 459 10.47 22.24 -4.87
N VAL B 460 9.47 22.89 -5.44
CA VAL B 460 8.60 22.25 -6.44
C VAL B 460 9.23 21.92 -7.80
N ASP B 461 10.18 22.74 -8.25
CA ASP B 461 10.86 22.47 -9.52
C ASP B 461 12.11 21.66 -9.23
N THR B 462 12.04 20.35 -9.48
CA THR B 462 13.19 19.47 -9.22
C THR B 462 13.95 19.08 -10.49
N ILE B 463 13.86 19.90 -11.52
CA ILE B 463 14.53 19.61 -12.81
C ILE B 463 16.03 19.30 -12.68
N ASN B 464 16.67 19.80 -11.62
CA ASN B 464 18.10 19.56 -11.44
C ASN B 464 18.49 18.63 -10.30
N ASP B 465 17.56 17.80 -9.84
CA ASP B 465 17.84 16.87 -8.74
C ASP B 465 18.61 15.64 -9.16
N GLY B 466 18.88 15.52 -10.46
CA GLY B 466 19.61 14.38 -10.99
C GLY B 466 18.72 13.23 -11.44
N LYS B 467 17.41 13.39 -11.32
CA LYS B 467 16.48 12.34 -11.72
C LYS B 467 15.52 12.75 -12.83
N SER B 468 15.84 13.84 -13.51
CA SER B 468 15.00 14.31 -14.60
C SER B 468 15.04 13.29 -15.73
N SER B 469 13.92 13.16 -16.45
CA SER B 469 13.87 12.22 -17.55
C SER B 469 14.70 12.70 -18.74
N TRP B 470 14.73 14.01 -18.95
CA TRP B 470 15.45 14.59 -20.08
C TRP B 470 16.65 15.48 -19.77
N ASN B 471 16.65 16.13 -18.61
CA ASN B 471 17.74 17.03 -18.22
C ASN B 471 18.90 16.23 -17.64
N LYS B 472 19.60 15.51 -18.51
CA LYS B 472 20.71 14.68 -18.11
C LYS B 472 22.05 15.35 -18.45
N LYS B 473 22.95 15.38 -17.47
CA LYS B 473 24.27 15.99 -17.64
C LYS B 473 25.37 15.02 -17.23
N GLY C 1 -3.89 43.12 14.25
CA GLY C 1 -2.75 43.32 15.19
C GLY C 1 -3.20 43.76 16.57
N ILE C 2 -2.48 43.29 17.59
CA ILE C 2 -2.78 43.65 18.96
C ILE C 2 -1.64 44.45 19.56
N ALA C 3 -1.92 45.72 19.85
CA ALA C 3 -0.94 46.62 20.44
C ALA C 3 -0.59 46.12 21.85
N GLY C 4 0.71 46.09 22.15
CA GLY C 4 1.15 45.62 23.46
C GLY C 4 0.75 44.16 23.68
N LYS C 5 0.94 43.34 22.65
CA LYS C 5 0.59 41.93 22.69
C LYS C 5 1.17 41.12 23.85
N GLU C 6 2.22 41.62 24.50
CA GLU C 6 2.83 40.90 25.64
C GLU C 6 1.91 40.90 26.84
N LYS C 7 0.99 41.88 26.86
CA LYS C 7 0.01 41.99 27.93
C LYS C 7 -1.16 41.14 27.45
N SER C 8 -1.24 39.91 27.98
CA SER C 8 -2.30 38.98 27.57
C SER C 8 -3.71 39.57 27.76
N GLU C 9 -3.87 40.44 28.75
CA GLU C 9 -5.17 41.08 28.99
C GLU C 9 -5.68 41.81 27.73
N GLU C 10 -4.77 42.20 26.84
CA GLU C 10 -5.14 42.89 25.60
C GLU C 10 -5.82 41.98 24.59
N TRP C 11 -5.68 40.67 24.77
CA TRP C 11 -6.29 39.70 23.85
C TRP C 11 -7.71 39.32 24.30
N ALA C 12 -8.01 39.58 25.57
CA ALA C 12 -9.30 39.21 26.18
C ALA C 12 -10.54 39.62 25.40
N LYS C 13 -10.57 40.86 24.94
CA LYS C 13 -11.74 41.37 24.20
C LYS C 13 -11.98 40.56 22.93
N TYR C 14 -10.92 39.98 22.36
CA TYR C 14 -11.05 39.19 21.13
C TYR C 14 -11.34 37.71 21.33
N TYR C 15 -10.68 37.10 22.31
CA TYR C 15 -10.80 35.66 22.60
C TYR C 15 -11.06 35.47 24.09
N PRO C 16 -12.25 35.87 24.55
CA PRO C 16 -12.61 35.74 25.96
C PRO C 16 -12.57 34.36 26.57
N ARG C 17 -13.01 33.33 25.84
CA ARG C 17 -13.04 31.98 26.40
C ARG C 17 -11.65 31.43 26.64
N GLN C 18 -10.74 31.67 25.71
CA GLN C 18 -9.36 31.22 25.84
C GLN C 18 -8.68 32.08 26.93
N PHE C 19 -8.94 33.38 26.94
CA PHE C 19 -8.33 34.24 27.96
C PHE C 19 -8.78 33.85 29.37
N ASP C 20 -10.08 33.62 29.55
CA ASP C 20 -10.58 33.27 30.87
C ASP C 20 -10.08 31.92 31.37
N SER C 21 -9.97 30.94 30.48
CA SER C 21 -9.45 29.63 30.90
C SER C 21 -7.94 29.72 31.17
N TRP C 22 -7.23 30.53 30.38
CA TRP C 22 -5.79 30.74 30.57
C TRP C 22 -5.54 31.29 31.98
N LYS C 23 -6.38 32.26 32.38
CA LYS C 23 -6.22 32.87 33.69
C LYS C 23 -6.50 31.91 34.84
N LYS C 24 -7.29 30.87 34.58
CA LYS C 24 -7.63 29.89 35.60
C LYS C 24 -6.49 29.00 36.07
N THR C 25 -5.30 29.12 35.47
CA THR C 25 -4.18 28.33 35.98
C THR C 25 -3.82 28.95 37.33
N LYS C 26 -4.43 30.09 37.67
CA LYS C 26 -4.17 30.70 38.99
C LYS C 26 -4.66 29.75 40.09
N GLU C 27 -5.57 28.84 39.74
CA GLU C 27 -6.12 27.88 40.70
C GLU C 27 -5.11 26.84 41.15
N TYR C 28 -4.05 26.68 40.37
CA TYR C 28 -2.98 25.72 40.67
C TYR C 28 -1.98 26.55 41.44
N ASP C 29 -2.36 26.86 42.68
CA ASP C 29 -1.60 27.73 43.55
C ASP C 29 -0.67 27.07 44.54
N SER C 30 -0.55 25.75 44.52
CA SER C 30 0.35 25.16 45.49
C SER C 30 1.47 24.32 44.90
N PHE C 31 2.62 24.38 45.56
CA PHE C 31 3.77 23.59 45.14
C PHE C 31 4.33 22.88 46.34
N THR C 32 5.22 21.94 46.09
CA THR C 32 5.86 21.18 47.14
C THR C 32 7.33 21.56 47.17
N ASP C 33 7.84 21.82 48.35
CA ASP C 33 9.26 22.11 48.53
C ASP C 33 9.92 20.73 48.36
N MET C 34 10.50 20.49 47.20
CA MET C 34 11.12 19.20 46.89
C MET C 34 12.39 18.92 47.73
N LEU C 35 13.04 19.98 48.20
CA LEU C 35 14.23 19.81 49.03
C LEU C 35 13.83 19.30 50.42
N ALA C 36 12.66 19.74 50.88
CA ALA C 36 12.15 19.28 52.17
C ALA C 36 11.62 17.85 52.03
N LYS C 37 10.96 17.57 50.90
CA LYS C 37 10.42 16.24 50.66
C LYS C 37 11.50 15.17 50.45
N ASP C 38 12.49 15.52 49.62
CA ASP C 38 13.58 14.60 49.26
C ASP C 38 14.90 15.31 49.46
N PRO C 39 15.35 15.42 50.72
CA PRO C 39 16.63 16.10 51.00
C PRO C 39 17.89 15.56 50.33
N ALA C 40 17.85 14.34 49.81
CA ALA C 40 19.00 13.79 49.12
C ALA C 40 19.31 14.69 47.91
N LEU C 41 18.30 15.39 47.40
CA LEU C 41 18.48 16.30 46.27
C LEU C 41 19.43 17.45 46.61
N VAL C 42 19.41 17.87 47.88
CA VAL C 42 20.29 18.96 48.33
C VAL C 42 21.74 18.49 48.15
N ILE C 43 22.00 17.23 48.53
CA ILE C 43 23.37 16.70 48.40
C ILE C 43 23.73 16.57 46.94
N ALA C 44 22.82 16.04 46.13
CA ALA C 44 23.11 15.89 44.70
C ALA C 44 23.48 17.23 44.03
N TRP C 45 22.81 18.30 44.44
CA TRP C 45 23.00 19.62 43.86
C TRP C 45 23.90 20.57 44.67
N SER C 46 24.62 20.02 45.65
CA SER C 46 25.48 20.81 46.52
C SER C 46 26.52 21.60 45.71
N GLY C 47 26.56 22.91 45.95
CA GLY C 47 27.48 23.78 45.24
C GLY C 47 26.76 24.48 44.08
N TYR C 48 25.48 24.16 43.89
CA TYR C 48 24.67 24.74 42.80
C TYR C 48 23.40 25.40 43.36
N ALA C 49 22.82 26.32 42.59
CA ALA C 49 21.61 27.04 43.03
C ALA C 49 20.47 26.13 43.48
N PHE C 50 20.33 24.97 42.85
CA PHE C 50 19.26 24.03 43.21
C PHE C 50 19.37 23.46 44.63
N SER C 51 20.54 23.54 45.28
CA SER C 51 20.64 23.05 46.66
C SER C 51 20.00 24.05 47.64
N LYS C 52 19.72 25.25 47.14
CA LYS C 52 19.12 26.32 47.95
C LYS C 52 17.60 26.30 47.95
N ASP C 53 17.01 26.17 46.77
CA ASP C 53 15.55 26.24 46.62
C ASP C 53 15.14 25.52 45.32
N TYR C 54 14.23 24.57 45.45
CA TYR C 54 13.71 23.82 44.31
C TYR C 54 12.33 23.31 44.68
N ASN C 55 11.31 23.83 44.00
CA ASN C 55 9.93 23.42 44.28
C ASN C 55 9.32 22.75 43.06
N SER C 56 8.23 22.01 43.26
CA SER C 56 7.54 21.39 42.11
C SER C 56 6.86 22.54 41.36
N PRO C 57 6.44 22.31 40.11
CA PRO C 57 5.79 23.36 39.33
C PRO C 57 4.37 23.65 39.80
N ARG C 58 3.91 24.87 39.59
CA ARG C 58 2.52 25.20 39.88
C ARG C 58 2.02 25.99 38.67
N GLY C 59 0.82 26.54 38.74
CA GLY C 59 0.25 27.21 37.59
C GLY C 59 1.10 28.17 36.75
N HIS C 60 0.89 28.13 35.44
CA HIS C 60 1.57 29.02 34.49
C HIS C 60 1.39 30.44 34.98
N TYR C 61 0.23 30.72 35.56
CA TYR C 61 -0.11 32.04 36.10
C TYR C 61 1.00 32.62 37.01
N TYR C 62 1.62 31.76 37.80
CA TYR C 62 2.66 32.13 38.75
C TYR C 62 4.10 32.02 38.24
N ALA C 63 4.30 31.61 37.00
CA ALA C 63 5.66 31.39 36.47
C ALA C 63 6.69 32.48 36.63
N LEU C 64 6.32 33.69 36.23
CA LEU C 64 7.24 34.82 36.32
C LEU C 64 7.52 35.20 37.77
N GLN C 65 6.48 35.24 38.59
CA GLN C 65 6.63 35.60 39.99
C GLN C 65 7.45 34.55 40.78
N ASP C 66 7.31 33.28 40.40
CA ASP C 66 8.05 32.21 41.08
C ASP C 66 9.53 32.25 40.71
N ASN C 67 9.83 32.70 39.50
CA ASN C 67 11.20 32.85 39.00
C ASN C 67 11.83 33.99 39.84
N VAL C 68 11.06 35.06 40.04
CA VAL C 68 11.51 36.19 40.84
C VAL C 68 11.66 35.83 42.33
N ASN C 69 10.75 35.00 42.84
CA ASN C 69 10.77 34.61 44.26
C ASN C 69 11.79 33.57 44.66
N SER C 70 12.21 32.74 43.71
CA SER C 70 13.13 31.65 44.02
C SER C 70 14.48 32.11 44.55
N LEU C 71 15.00 31.40 45.55
CA LEU C 71 16.31 31.78 46.07
C LEU C 71 17.36 31.58 44.96
N ARG C 72 17.04 30.79 43.93
CA ARG C 72 18.03 30.57 42.86
C ARG C 72 18.38 31.88 42.14
N THR C 73 17.41 32.77 41.93
CA THR C 73 17.73 34.04 41.27
C THR C 73 18.41 35.04 42.22
N GLY C 74 18.48 34.68 43.50
CA GLY C 74 19.15 35.51 44.47
C GLY C 74 18.64 36.92 44.72
N ALA C 75 19.57 37.77 45.14
CA ALA C 75 19.21 39.13 45.49
C ALA C 75 20.03 40.25 44.84
N PRO C 76 19.72 40.58 43.58
CA PRO C 76 20.42 41.65 42.84
C PRO C 76 20.19 42.96 43.62
N VAL C 77 21.11 43.90 43.44
CA VAL C 77 21.05 45.21 44.07
C VAL C 77 20.83 46.25 42.96
N ASP C 78 21.10 45.83 41.73
CA ASP C 78 20.96 46.67 40.53
C ASP C 78 21.01 45.76 39.29
N ALA C 79 21.02 46.36 38.10
CA ALA C 79 21.05 45.63 36.85
C ALA C 79 22.33 44.84 36.58
N LYS C 80 23.36 45.03 37.41
CA LYS C 80 24.64 44.36 37.19
C LYS C 80 25.04 43.35 38.25
N THR C 81 24.10 42.99 39.12
CA THR C 81 24.40 42.06 40.21
C THR C 81 23.43 40.88 40.27
N GLY C 82 23.65 39.99 41.24
CA GLY C 82 22.80 38.81 41.37
C GLY C 82 23.61 37.63 40.81
N PRO C 83 23.29 36.39 41.20
CA PRO C 83 24.02 35.22 40.72
C PRO C 83 23.76 34.70 39.30
N LEU C 84 22.54 34.88 38.80
CA LEU C 84 22.17 34.33 37.49
C LEU C 84 22.05 35.31 36.33
N PRO C 85 22.14 34.80 35.08
CA PRO C 85 22.06 35.59 33.85
C PRO C 85 20.67 35.80 33.25
N THR C 86 20.60 36.59 32.19
CA THR C 86 19.32 36.88 31.53
C THR C 86 18.59 35.63 31.04
N ALA C 87 19.34 34.58 30.73
CA ALA C 87 18.76 33.33 30.23
C ALA C 87 17.66 32.78 31.13
N CYS C 88 17.68 33.13 32.42
CA CYS C 88 16.66 32.65 33.35
C CYS C 88 15.27 33.19 33.12
N TRP C 89 15.13 34.24 32.31
CA TRP C 89 13.79 34.79 31.98
C TRP C 89 13.15 34.08 30.80
N THR C 90 13.99 33.44 29.97
CA THR C 90 13.59 32.83 28.70
C THR C 90 12.29 32.05 28.58
N CYS C 91 11.97 31.28 29.61
CA CYS C 91 10.76 30.47 29.58
C CYS C 91 9.71 30.89 30.60
N LYS C 92 9.59 32.20 30.78
CA LYS C 92 8.65 32.71 31.78
C LYS C 92 7.79 33.87 31.31
N SER C 93 7.99 34.35 30.07
CA SER C 93 7.29 35.57 29.64
C SER C 93 7.28 35.91 28.16
N PRO C 94 6.18 36.52 27.68
CA PRO C 94 6.12 36.90 26.26
C PRO C 94 7.06 38.10 25.98
N ASP C 95 7.56 38.75 27.03
CA ASP C 95 8.49 39.85 26.84
C ASP C 95 9.84 39.32 26.34
N VAL C 96 10.08 38.01 26.48
CA VAL C 96 11.31 37.39 25.99
C VAL C 96 11.43 37.50 24.46
N PRO C 97 10.50 36.89 23.69
CA PRO C 97 10.63 37.03 22.23
C PRO C 97 10.54 38.50 21.81
N ARG C 98 9.88 39.33 22.61
CA ARG C 98 9.82 40.76 22.30
C ARG C 98 11.27 41.31 22.30
N LEU C 99 11.98 41.11 23.40
CA LEU C 99 13.36 41.61 23.48
C LEU C 99 14.31 41.01 22.44
N ILE C 100 14.12 39.73 22.16
CA ILE C 100 14.92 39.02 21.17
C ILE C 100 14.75 39.69 19.80
N GLU C 101 13.50 39.99 19.45
CA GLU C 101 13.19 40.63 18.18
C GLU C 101 13.62 42.09 18.14
N GLU C 102 13.52 42.78 19.27
CA GLU C 102 13.90 44.18 19.32
C GLU C 102 15.40 44.41 19.38
N ASP C 103 16.10 43.72 20.27
CA ASP C 103 17.54 43.90 20.45
C ASP C 103 18.49 42.83 19.91
N GLY C 104 17.94 41.69 19.48
CA GLY C 104 18.76 40.61 18.95
C GLY C 104 18.91 39.49 19.97
N GLU C 105 19.09 38.26 19.48
CA GLU C 105 19.23 37.12 20.39
C GLU C 105 20.47 37.19 21.29
N LEU C 106 21.63 37.46 20.70
CA LEU C 106 22.86 37.56 21.49
C LEU C 106 22.78 38.63 22.56
N GLU C 107 22.27 39.82 22.20
CA GLU C 107 22.16 40.88 23.19
C GLU C 107 21.19 40.45 24.31
N TYR C 108 20.08 39.81 23.94
CA TYR C 108 19.12 39.36 24.96
C TYR C 108 19.79 38.41 25.95
N PHE C 109 20.64 37.50 25.43
CA PHE C 109 21.35 36.55 26.28
C PHE C 109 22.61 37.08 26.97
N THR C 110 22.84 38.38 26.86
CA THR C 110 24.03 38.98 27.47
C THR C 110 23.66 39.78 28.72
N GLY C 111 24.35 39.48 29.83
CA GLY C 111 24.10 40.20 31.06
C GLY C 111 23.47 39.41 32.21
N LYS C 112 23.27 40.10 33.34
CA LYS C 112 22.68 39.51 34.54
C LYS C 112 21.16 39.46 34.42
N TRP C 113 20.55 38.51 35.15
CA TRP C 113 19.09 38.39 35.17
C TRP C 113 18.47 39.77 35.49
N ALA C 114 19.06 40.47 36.47
CA ALA C 114 18.55 41.79 36.89
C ALA C 114 18.47 42.85 35.77
N LYS C 115 19.21 42.63 34.69
CA LYS C 115 19.22 43.54 33.55
C LYS C 115 17.82 43.84 33.03
N TYR C 116 16.96 42.82 33.01
CA TYR C 116 15.62 42.97 32.47
C TYR C 116 14.49 42.96 33.49
N GLY C 117 14.85 43.17 34.76
CA GLY C 117 13.86 43.17 35.81
C GLY C 117 12.61 44.01 35.55
N SER C 118 12.78 45.15 34.88
CA SER C 118 11.63 46.02 34.62
C SER C 118 11.09 45.92 33.20
N GLN C 119 11.66 45.01 32.42
CA GLN C 119 11.26 44.77 31.03
C GLN C 119 10.47 43.47 30.86
N ILE C 120 10.84 42.43 31.62
CA ILE C 120 10.17 41.12 31.55
C ILE C 120 9.20 41.15 32.71
N VAL C 121 8.02 41.66 32.43
CA VAL C 121 7.00 41.86 33.45
C VAL C 121 5.62 41.29 33.18
N ASN C 122 5.50 40.46 32.14
CA ASN C 122 4.25 39.79 31.80
C ASN C 122 4.48 38.29 31.84
N VAL C 123 3.61 37.55 32.53
CA VAL C 123 3.80 36.10 32.63
C VAL C 123 3.39 35.39 31.33
N ILE C 124 3.90 34.17 31.16
CA ILE C 124 3.60 33.28 30.04
C ILE C 124 2.21 33.63 29.48
N GLY C 125 2.17 34.12 28.24
CA GLY C 125 0.88 34.53 27.71
C GLY C 125 0.59 34.15 26.28
N CYS C 126 -0.52 34.67 25.75
CA CYS C 126 -0.96 34.40 24.40
C CYS C 126 0.16 34.49 23.34
N ALA C 127 0.94 35.55 23.41
CA ALA C 127 2.06 35.80 22.48
C ALA C 127 3.19 34.78 22.50
N ASN C 128 3.24 33.95 23.54
CA ASN C 128 4.28 32.92 23.61
C ASN C 128 3.94 31.78 22.66
N CYS C 129 2.67 31.70 22.28
CA CYS C 129 2.23 30.59 21.42
C CYS C 129 1.43 30.96 20.20
N HIS C 130 1.09 32.24 20.07
CA HIS C 130 0.25 32.68 18.96
C HIS C 130 0.68 33.96 18.25
N ASP C 131 0.37 34.00 16.96
CA ASP C 131 0.59 35.19 16.15
C ASP C 131 -0.57 36.13 16.57
N ASP C 132 -0.27 37.39 16.83
CA ASP C 132 -1.32 38.32 17.26
C ASP C 132 -2.36 38.71 16.22
N LYS C 133 -2.00 38.60 14.94
CA LYS C 133 -2.93 38.96 13.87
C LYS C 133 -3.84 37.83 13.41
N THR C 134 -3.31 36.60 13.35
CA THR C 134 -4.08 35.43 12.89
C THR C 134 -4.42 34.39 13.97
N ALA C 135 -3.82 34.50 15.15
CA ALA C 135 -4.02 33.55 16.25
C ALA C 135 -3.47 32.16 15.94
N GLU C 136 -2.77 32.01 14.82
CA GLU C 136 -2.21 30.71 14.47
C GLU C 136 -1.08 30.35 15.45
N LEU C 137 -0.82 29.07 15.63
CA LEU C 137 0.24 28.62 16.55
C LEU C 137 1.58 29.14 16.03
N LYS C 138 2.41 29.61 16.94
CA LYS C 138 3.70 30.21 16.56
C LYS C 138 4.69 30.19 17.71
N VAL C 139 5.96 29.94 17.37
CA VAL C 139 7.04 29.92 18.34
C VAL C 139 8.05 31.00 17.90
N ARG C 140 8.39 31.90 18.81
CA ARG C 140 9.29 32.98 18.49
C ARG C 140 10.64 32.96 19.19
N VAL C 141 10.95 31.86 19.89
CA VAL C 141 12.24 31.72 20.55
C VAL C 141 13.06 30.79 19.66
N PRO C 142 14.18 31.29 19.15
CA PRO C 142 15.07 30.53 18.26
C PRO C 142 15.67 29.22 18.75
N HIS C 143 15.79 29.06 20.08
CA HIS C 143 16.38 27.84 20.62
C HIS C 143 15.67 26.55 20.25
N LEU C 144 14.34 26.62 20.04
CA LEU C 144 13.60 25.41 19.69
C LEU C 144 13.97 24.85 18.33
N ASN C 145 13.86 25.67 17.28
CA ASN C 145 14.20 25.20 15.94
C ASN C 145 15.67 24.75 15.86
N ARG C 146 16.53 25.43 16.60
CA ARG C 146 17.95 25.08 16.60
C ARG C 146 18.11 23.65 17.17
N GLY C 147 17.39 23.38 18.25
CA GLY C 147 17.39 22.06 18.87
C GLY C 147 16.76 21.01 17.95
N LEU C 148 15.61 21.36 17.36
CA LEU C 148 14.94 20.43 16.45
C LEU C 148 15.84 20.04 15.29
N GLN C 149 16.49 21.03 14.66
CA GLN C 149 17.39 20.75 13.54
C GLN C 149 18.59 19.93 13.95
N ALA C 150 19.14 20.20 15.13
CA ALA C 150 20.29 19.44 15.60
C ALA C 150 19.87 17.97 15.82
N ALA C 151 18.60 17.75 16.16
CA ALA C 151 18.09 16.41 16.39
C ALA C 151 17.63 15.71 15.11
N GLY C 152 17.77 16.38 13.97
CA GLY C 152 17.34 15.80 12.71
C GLY C 152 15.83 15.83 12.55
N LEU C 153 15.17 16.77 13.24
CA LEU C 153 13.71 16.90 13.19
C LEU C 153 13.32 18.14 12.42
N LYS C 154 12.09 18.18 11.93
CA LYS C 154 11.61 19.33 11.18
C LYS C 154 11.46 20.54 12.10
N THR C 155 11.58 21.72 11.53
CA THR C 155 11.40 22.96 12.29
C THR C 155 9.91 23.04 12.65
N PHE C 156 9.58 23.95 13.55
CA PHE C 156 8.20 24.15 13.97
C PHE C 156 7.34 24.47 12.74
N GLU C 157 7.81 25.40 11.92
CA GLU C 157 7.09 25.84 10.73
C GLU C 157 6.85 24.75 9.69
N GLU C 158 7.73 23.76 9.65
CA GLU C 158 7.58 22.67 8.70
C GLU C 158 6.86 21.45 9.30
N SER C 159 6.51 21.51 10.57
CA SER C 159 5.83 20.40 11.24
C SER C 159 4.33 20.48 11.03
N THR C 160 3.62 19.40 11.34
CA THR C 160 2.17 19.39 11.18
C THR C 160 1.49 20.11 12.35
N HIS C 161 0.21 20.38 12.18
CA HIS C 161 -0.60 21.03 13.20
C HIS C 161 -0.54 20.22 14.50
N GLN C 162 -0.70 18.90 14.40
CA GLN C 162 -0.66 18.03 15.58
C GLN C 162 0.74 18.11 16.25
N ASP C 163 1.81 18.17 15.45
CA ASP C 163 3.17 18.28 15.99
C ASP C 163 3.27 19.62 16.76
N LYS C 164 2.72 20.69 16.16
CA LYS C 164 2.74 22.00 16.76
C LYS C 164 2.02 22.10 18.09
N ARG C 165 0.96 21.31 18.26
CA ARG C 165 0.22 21.30 19.50
C ARG C 165 1.11 20.81 20.67
N THR C 166 2.20 20.11 20.33
CA THR C 166 3.18 19.63 21.32
C THR C 166 4.37 20.60 21.37
N LEU C 167 4.81 21.07 20.20
CA LEU C 167 5.95 21.97 20.14
C LEU C 167 5.77 23.31 20.86
N VAL C 168 4.55 23.84 20.90
CA VAL C 168 4.34 25.10 21.64
C VAL C 168 4.64 24.87 23.12
N CYS C 169 4.65 23.60 23.54
CA CYS C 169 4.97 23.27 24.94
C CYS C 169 6.47 23.02 25.07
N ALA C 170 7.02 22.33 24.07
CA ALA C 170 8.44 21.99 24.02
C ALA C 170 9.33 23.23 23.97
N GLN C 171 8.79 24.40 23.63
CA GLN C 171 9.66 25.57 23.62
C GLN C 171 10.19 25.89 25.04
N CYS C 172 9.55 25.31 26.06
CA CYS C 172 10.00 25.51 27.44
C CYS C 172 10.24 24.21 28.21
N HIS C 173 9.37 23.22 28.01
CA HIS C 173 9.46 21.95 28.74
C HIS C 173 10.46 20.99 28.09
N VAL C 174 11.72 21.41 28.07
CA VAL C 174 12.82 20.63 27.51
C VAL C 174 14.09 20.82 28.34
N GLU C 175 15.04 19.89 28.18
CA GLU C 175 16.34 19.99 28.86
C GLU C 175 17.16 20.99 28.03
N TYR C 176 18.01 21.79 28.69
CA TYR C 176 18.82 22.78 28.01
C TYR C 176 20.08 23.07 28.84
N TYR C 177 20.99 23.85 28.29
CA TYR C 177 22.16 24.29 29.03
C TYR C 177 22.47 25.68 28.49
N PHE C 178 23.29 26.43 29.22
CA PHE C 178 23.67 27.78 28.82
C PHE C 178 25.03 27.68 28.13
N LYS C 179 25.05 27.99 26.84
CA LYS C 179 26.30 27.96 26.08
C LYS C 179 26.98 29.32 26.16
N LYS C 180 28.16 29.36 26.76
CA LYS C 180 28.93 30.59 26.87
C LYS C 180 29.34 30.98 25.44
N THR C 181 28.85 32.13 24.99
CA THR C 181 29.07 32.59 23.63
C THR C 181 29.72 33.97 23.57
N GLU C 182 30.98 34.01 23.12
CA GLU C 182 31.70 35.26 23.00
C GLU C 182 31.32 35.92 21.69
N TRP C 183 31.09 37.23 21.73
CA TRP C 183 30.76 37.95 20.51
C TRP C 183 31.19 39.40 20.64
N LYS C 184 31.07 40.13 19.54
CA LYS C 184 31.40 41.56 19.48
C LYS C 184 30.20 42.21 18.83
N ASP C 185 29.69 43.28 19.42
CA ASP C 185 28.55 43.99 18.83
C ASP C 185 29.01 44.90 17.67
N ALA C 186 28.06 45.61 17.07
CA ALA C 186 28.34 46.51 15.94
C ALA C 186 29.34 47.64 16.25
N LYS C 187 29.55 47.91 17.53
CA LYS C 187 30.49 48.95 17.95
C LYS C 187 31.85 48.35 18.32
N GLY C 188 32.00 47.05 18.08
CA GLY C 188 33.25 46.39 18.37
C GLY C 188 33.51 46.04 19.82
N ALA C 189 32.50 46.20 20.67
CA ALA C 189 32.63 45.88 22.10
C ALA C 189 32.53 44.39 22.35
N ASP C 190 33.45 43.86 23.15
CA ASP C 190 33.44 42.43 23.47
C ASP C 190 32.32 42.13 24.45
N LYS C 191 31.58 41.07 24.19
CA LYS C 191 30.45 40.67 25.05
C LYS C 191 30.40 39.15 25.18
N THR C 192 29.77 38.67 26.26
CA THR C 192 29.63 37.24 26.48
C THR C 192 28.16 36.96 26.73
N ALA C 193 27.58 36.10 25.90
CA ALA C 193 26.18 35.71 26.07
C ALA C 193 26.16 34.33 26.69
N MET C 194 25.10 34.03 27.42
CA MET C 194 24.90 32.70 28.01
C MET C 194 23.61 32.32 27.29
N VAL C 195 23.76 31.52 26.24
CA VAL C 195 22.66 31.16 25.36
C VAL C 195 21.94 29.84 25.64
N VAL C 196 20.62 29.90 25.80
CA VAL C 196 19.81 28.70 26.03
C VAL C 196 19.99 27.80 24.81
N THR C 197 20.45 26.58 25.05
CA THR C 197 20.75 25.64 23.96
C THR C 197 20.27 24.25 24.35
N LEU C 198 19.55 23.59 23.44
CA LEU C 198 19.06 22.23 23.69
C LEU C 198 20.18 21.30 23.19
N PRO C 199 20.68 20.40 24.04
CA PRO C 199 21.77 19.46 23.71
C PRO C 199 21.23 18.26 22.94
N TRP C 200 20.61 18.54 21.79
CA TRP C 200 19.95 17.51 21.00
C TRP C 200 20.67 17.01 19.75
N ALA C 201 21.98 17.24 19.65
CA ALA C 201 22.73 16.81 18.46
C ALA C 201 22.67 15.32 18.16
N ASN C 202 22.52 14.51 19.20
CA ASN C 202 22.45 13.06 19.04
C ASN C 202 21.02 12.51 19.06
N GLY C 203 20.06 13.41 18.88
CA GLY C 203 18.67 13.02 18.83
C GLY C 203 17.93 12.87 20.15
N VAL C 204 16.60 12.98 20.11
CA VAL C 204 15.80 12.85 21.29
C VAL C 204 14.54 12.07 20.99
N GLY C 205 14.07 11.29 21.96
CA GLY C 205 12.85 10.51 21.77
C GLY C 205 12.90 9.58 20.57
N LYS C 206 14.10 9.10 20.23
CA LYS C 206 14.28 8.21 19.08
C LYS C 206 14.07 6.74 19.43
N ASP C 207 13.04 6.16 18.84
CA ASP C 207 12.74 4.75 19.05
C ASP C 207 12.71 4.32 20.52
N GLY C 208 11.94 5.05 21.31
CA GLY C 208 11.79 4.71 22.72
C GLY C 208 12.89 5.17 23.65
N ASN C 209 13.93 5.80 23.11
CA ASN C 209 15.03 6.31 23.93
C ASN C 209 14.84 7.81 24.18
N ALA C 210 14.80 8.22 25.46
CA ALA C 210 14.59 9.64 25.78
C ALA C 210 15.67 10.55 25.17
N GLY C 211 16.91 10.05 25.11
CA GLY C 211 17.99 10.81 24.54
C GLY C 211 19.12 11.15 25.51
N VAL C 212 19.00 10.65 26.73
CA VAL C 212 19.99 10.95 27.76
C VAL C 212 21.41 10.51 27.44
N GLU C 213 21.56 9.29 26.94
CA GLU C 213 22.89 8.77 26.61
C GLU C 213 23.55 9.65 25.56
N GLY C 214 22.80 10.05 24.53
CA GLY C 214 23.37 10.90 23.51
C GLY C 214 23.74 12.29 24.03
N MET C 215 22.97 12.79 24.99
CA MET C 215 23.25 14.10 25.60
C MET C 215 24.56 14.03 26.39
N ILE C 216 24.77 12.93 27.10
CA ILE C 216 26.02 12.75 27.86
C ILE C 216 27.19 12.71 26.88
N LYS C 217 27.03 11.99 25.77
CA LYS C 217 28.09 11.90 24.74
C LYS C 217 28.45 13.30 24.26
N TYR C 218 27.42 14.10 23.99
CA TYR C 218 27.57 15.47 23.54
C TYR C 218 28.25 16.34 24.58
N TYR C 219 27.71 16.34 25.81
CA TYR C 219 28.26 17.15 26.88
C TYR C 219 29.72 16.83 27.16
N ASP C 220 30.05 15.54 27.19
CA ASP C 220 31.42 15.14 27.43
C ASP C 220 32.33 15.59 26.28
N GLU C 221 31.84 15.47 25.05
CA GLU C 221 32.61 15.88 23.88
C GLU C 221 32.95 17.36 23.87
N ILE C 222 32.04 18.21 24.34
CA ILE C 222 32.32 19.63 24.40
C ILE C 222 32.91 20.02 25.74
N ASN C 223 33.18 19.03 26.59
CA ASN C 223 33.77 19.23 27.91
C ASN C 223 33.00 20.20 28.78
N PHE C 224 31.67 20.12 28.71
CA PHE C 224 30.83 21.02 29.47
C PHE C 224 30.41 20.54 30.84
N SER C 225 30.25 21.48 31.77
CA SER C 225 29.77 21.18 33.11
C SER C 225 28.93 22.36 33.59
N ASP C 226 27.83 22.05 34.28
CA ASP C 226 27.00 23.11 34.84
C ASP C 226 27.64 23.69 36.12
N TRP C 227 28.30 22.83 36.88
CA TRP C 227 28.97 23.30 38.11
C TRP C 227 29.90 22.23 38.62
N THR C 228 30.80 22.64 39.50
CA THR C 228 31.73 21.71 40.14
C THR C 228 31.13 21.42 41.51
N HIS C 229 30.80 20.15 41.76
CA HIS C 229 30.19 19.77 43.03
C HIS C 229 31.08 20.22 44.20
N ASN C 230 30.52 20.92 45.18
CA ASN C 230 31.36 21.40 46.28
C ASN C 230 31.76 20.37 47.33
N ILE C 231 31.24 19.16 47.23
CA ILE C 231 31.64 18.11 48.18
C ILE C 231 32.57 17.13 47.47
N SER C 232 32.15 16.63 46.30
CA SER C 232 32.98 15.65 45.58
C SER C 232 33.93 16.26 44.55
N LYS C 233 33.70 17.53 44.21
CA LYS C 233 34.50 18.24 43.22
C LYS C 233 34.34 17.63 41.83
N THR C 234 33.20 16.99 41.61
CA THR C 234 32.91 16.36 40.32
C THR C 234 32.35 17.40 39.34
N PRO C 235 32.79 17.35 38.07
CA PRO C 235 32.29 18.29 37.04
C PRO C 235 30.88 17.73 36.74
N MET C 236 29.86 18.41 37.24
CA MET C 236 28.47 17.94 37.11
C MET C 236 27.64 18.48 35.96
N LEU C 237 26.58 17.73 35.63
CA LEU C 237 25.61 18.13 34.61
C LEU C 237 24.24 18.17 35.32
N LYS C 238 23.51 19.26 35.14
CA LYS C 238 22.20 19.40 35.77
C LYS C 238 21.09 19.09 34.77
N ALA C 239 20.09 18.31 35.15
CA ALA C 239 18.99 18.04 34.24
C ALA C 239 17.86 19.05 34.49
N GLN C 240 17.15 19.45 33.44
CA GLN C 240 16.00 20.34 33.65
C GLN C 240 14.81 19.90 32.83
N HIS C 241 13.71 19.65 33.53
CA HIS C 241 12.44 19.30 32.91
C HIS C 241 12.43 18.88 31.42
N PRO C 242 12.94 17.68 31.10
CA PRO C 242 12.97 17.17 29.72
C PRO C 242 11.61 16.56 29.37
N GLY C 243 10.56 17.37 29.49
CA GLY C 243 9.19 16.88 29.24
C GLY C 243 8.98 16.34 27.83
N PHE C 244 9.39 17.10 26.83
CA PHE C 244 9.24 16.69 25.43
C PHE C 244 10.07 15.44 25.08
N GLU C 245 11.35 15.44 25.49
CA GLU C 245 12.23 14.31 25.18
C GLU C 245 11.66 12.98 25.67
N PHE C 246 11.21 12.97 26.92
CA PHE C 246 10.65 11.77 27.50
C PHE C 246 9.28 11.44 26.91
N TRP C 247 8.44 12.46 26.73
CA TRP C 247 7.12 12.24 26.13
C TRP C 247 7.24 11.53 24.79
N LYS C 248 8.25 11.92 24.01
CA LYS C 248 8.47 11.36 22.69
C LYS C 248 8.83 9.87 22.77
N SER C 249 9.41 9.46 23.90
CA SER C 249 9.82 8.09 24.12
C SER C 249 8.69 7.20 24.65
N GLY C 250 7.67 7.81 25.26
CA GLY C 250 6.54 7.06 25.80
C GLY C 250 5.51 6.62 24.78
N ILE C 251 4.59 5.77 25.18
CA ILE C 251 3.60 5.25 24.22
C ILE C 251 2.65 6.33 23.67
N HIS C 252 2.23 7.28 24.52
CA HIS C 252 1.34 8.34 24.02
C HIS C 252 2.07 9.17 22.98
N GLY C 253 3.32 9.50 23.26
CA GLY C 253 4.12 10.25 22.30
C GLY C 253 4.31 9.48 21.00
N GLN C 254 4.65 8.19 21.11
CA GLN C 254 4.82 7.39 19.90
C GLN C 254 3.54 7.21 19.11
N LYS C 255 2.41 7.34 19.78
CA LYS C 255 1.11 7.20 19.11
C LYS C 255 0.57 8.55 18.64
N GLY C 256 1.37 9.59 18.83
CA GLY C 256 0.97 10.91 18.37
C GLY C 256 -0.08 11.64 19.19
N VAL C 257 -0.16 11.33 20.50
CA VAL C 257 -1.09 12.03 21.39
C VAL C 257 -0.32 13.22 21.93
N SER C 258 -0.77 14.42 21.55
CA SER C 258 -0.11 15.66 21.93
C SER C 258 -0.26 16.07 23.38
N CYS C 259 0.68 16.88 23.88
CA CYS C 259 0.59 17.42 25.24
C CYS C 259 -0.79 18.10 25.34
N ALA C 260 -1.18 18.80 24.28
CA ALA C 260 -2.47 19.52 24.25
C ALA C 260 -3.68 18.62 24.38
N ASP C 261 -3.61 17.39 23.86
CA ASP C 261 -4.75 16.49 23.96
C ASP C 261 -5.11 16.19 25.41
N CYS C 262 -4.09 16.10 26.26
CA CYS C 262 -4.37 15.81 27.67
C CYS C 262 -4.44 17.04 28.56
N HIS C 263 -3.62 18.04 28.26
CA HIS C 263 -3.54 19.25 29.06
C HIS C 263 -4.39 20.45 28.61
N MET C 264 -4.76 20.48 27.33
CA MET C 264 -5.64 21.54 26.80
C MET C 264 -6.77 20.86 26.03
N PRO C 265 -7.55 20.04 26.74
CA PRO C 265 -8.67 19.32 26.11
C PRO C 265 -9.65 20.23 25.39
N TYR C 266 -10.18 19.77 24.27
CA TYR C 266 -11.18 20.53 23.54
C TYR C 266 -12.42 20.48 24.41
N THR C 267 -13.17 21.57 24.45
CA THR C 267 -14.38 21.63 25.27
C THR C 267 -15.47 22.37 24.50
N GLN C 268 -16.69 22.33 25.02
CA GLN C 268 -17.81 23.01 24.36
C GLN C 268 -18.71 23.72 25.37
N GLU C 269 -19.05 24.96 25.05
CA GLU C 269 -19.92 25.80 25.87
C GLU C 269 -20.95 26.35 24.89
N GLY C 270 -22.21 25.90 25.04
CA GLY C 270 -23.23 26.33 24.10
C GLY C 270 -22.87 25.71 22.76
N SER C 271 -22.95 26.49 21.69
CA SER C 271 -22.59 25.97 20.38
C SER C 271 -21.11 26.19 20.04
N VAL C 272 -20.35 26.72 20.98
CA VAL C 272 -18.92 27.01 20.75
C VAL C 272 -17.95 25.95 21.24
N LYS C 273 -17.14 25.42 20.33
CA LYS C 273 -16.14 24.41 20.69
C LYS C 273 -14.78 25.12 20.66
N TYR C 274 -13.99 24.96 21.73
CA TYR C 274 -12.67 25.59 21.76
C TYR C 274 -11.74 24.80 22.67
N SER C 275 -10.47 25.22 22.75
CA SER C 275 -9.49 24.54 23.61
C SER C 275 -9.49 25.14 25.00
N ASP C 276 -9.61 24.28 26.00
CA ASP C 276 -9.58 24.74 27.38
C ASP C 276 -8.14 25.19 27.63
N HIS C 277 -7.95 26.49 27.90
CA HIS C 277 -6.61 27.04 28.12
C HIS C 277 -6.12 26.97 29.56
N GLN C 278 -6.88 26.33 30.44
CA GLN C 278 -6.43 26.15 31.81
C GLN C 278 -5.53 24.90 31.73
N VAL C 279 -4.30 25.08 31.25
CA VAL C 279 -3.33 23.98 31.09
C VAL C 279 -3.42 23.13 32.34
N LYS C 280 -3.98 21.93 32.20
CA LYS C 280 -4.26 21.07 33.36
C LYS C 280 -3.06 20.59 34.15
N GLU C 281 -2.98 21.01 35.41
CA GLU C 281 -1.84 20.62 36.25
C GLU C 281 -1.81 19.11 36.43
N ASN C 282 -2.98 18.52 36.62
CA ASN C 282 -3.09 17.09 36.78
C ASN C 282 -4.30 16.64 35.97
N PRO C 283 -4.06 16.17 34.72
CA PRO C 283 -5.14 15.70 33.83
C PRO C 283 -6.04 14.62 34.45
N LEU C 284 -5.52 13.91 35.45
CA LEU C 284 -6.27 12.87 36.14
C LEU C 284 -7.49 13.48 36.85
N ASP C 285 -7.38 14.76 37.23
CA ASP C 285 -8.47 15.47 37.89
C ASP C 285 -9.55 15.89 36.92
N SER C 286 -9.31 15.69 35.63
CA SER C 286 -10.30 16.03 34.61
C SER C 286 -10.32 14.93 33.54
N MET C 287 -10.34 13.68 34.01
CA MET C 287 -10.34 12.50 33.16
C MET C 287 -11.42 12.47 32.09
N ASP C 288 -12.63 12.90 32.46
CA ASP C 288 -13.75 12.92 31.52
C ASP C 288 -13.38 13.70 30.27
N GLN C 289 -12.58 14.74 30.44
CA GLN C 289 -12.13 15.57 29.33
C GLN C 289 -10.75 15.15 28.78
N SER C 290 -9.81 14.88 29.69
CA SER C 290 -8.43 14.51 29.34
C SER C 290 -8.09 13.07 28.92
N CYS C 291 -8.93 12.09 29.24
CA CYS C 291 -8.62 10.69 28.91
C CYS C 291 -9.74 9.82 28.35
N MET C 292 -10.96 9.99 28.87
CA MET C 292 -12.09 9.16 28.47
C MET C 292 -12.53 9.21 27.03
N ASN C 293 -12.03 10.18 26.28
CA ASN C 293 -12.37 10.27 24.86
C ASN C 293 -11.64 9.17 24.07
N CYS C 294 -10.61 8.57 24.68
CA CYS C 294 -9.83 7.50 24.05
C CYS C 294 -9.87 6.22 24.86
N HIS C 295 -10.23 6.34 26.13
CA HIS C 295 -10.28 5.19 27.00
C HIS C 295 -11.67 4.94 27.58
N ARG C 296 -12.09 3.68 27.55
CA ARG C 296 -13.37 3.27 28.11
C ARG C 296 -12.94 2.66 29.45
N GLU C 297 -13.08 3.42 30.53
CA GLU C 297 -12.63 2.88 31.81
C GLU C 297 -13.20 3.62 32.99
N SER C 298 -13.33 2.95 34.13
CA SER C 298 -13.82 3.61 35.32
C SER C 298 -12.69 4.55 35.74
N GLU C 299 -13.07 5.70 36.29
CA GLU C 299 -12.11 6.70 36.74
C GLU C 299 -11.20 6.18 37.85
N SER C 300 -11.78 5.46 38.81
CA SER C 300 -10.97 4.94 39.92
C SER C 300 -9.94 3.93 39.45
N LYS C 301 -10.33 3.09 38.49
CA LYS C 301 -9.40 2.07 37.99
C LYS C 301 -8.24 2.71 37.22
N LEU C 302 -8.54 3.66 36.33
CA LEU C 302 -7.51 4.33 35.55
C LEU C 302 -6.58 5.15 36.46
N ARG C 303 -7.14 5.81 37.48
CA ARG C 303 -6.35 6.59 38.41
C ARG C 303 -5.43 5.63 39.19
N GLY C 304 -5.96 4.47 39.57
CA GLY C 304 -5.18 3.48 40.28
C GLY C 304 -4.02 2.97 39.44
N ILE C 305 -4.27 2.68 38.16
CA ILE C 305 -3.20 2.21 37.25
C ILE C 305 -2.06 3.26 37.17
N VAL C 306 -2.42 4.54 37.13
CA VAL C 306 -1.40 5.60 37.05
C VAL C 306 -0.65 5.75 38.37
N HIS C 307 -1.35 5.57 39.49
CA HIS C 307 -0.71 5.68 40.79
C HIS C 307 0.37 4.62 40.95
N GLN C 308 0.13 3.43 40.40
CA GLN C 308 1.13 2.35 40.48
C GLN C 308 2.44 2.85 39.86
N LYS C 309 2.32 3.59 38.76
CA LYS C 309 3.50 4.11 38.08
C LYS C 309 4.25 5.11 38.97
N TYR C 310 3.50 5.91 39.73
CA TYR C 310 4.12 6.88 40.64
C TYR C 310 4.90 6.13 41.73
N GLU C 311 4.30 5.08 42.28
CA GLU C 311 4.96 4.25 43.31
C GLU C 311 6.26 3.61 42.80
N ARG C 312 6.23 3.06 41.59
CA ARG C 312 7.43 2.43 41.03
C ARG C 312 8.56 3.46 40.85
N LYS C 313 8.20 4.63 40.34
CA LYS C 313 9.18 5.70 40.13
C LYS C 313 9.73 6.17 41.48
N GLU C 314 8.86 6.32 42.46
CA GLU C 314 9.28 6.77 43.79
C GLU C 314 10.24 5.79 44.44
N PHE C 315 9.97 4.51 44.23
CA PHE C 315 10.81 3.43 44.74
C PHE C 315 12.24 3.56 44.18
N LEU C 316 12.37 3.72 42.86
CA LEU C 316 13.71 3.85 42.26
C LEU C 316 14.36 5.21 42.50
N ASN C 317 13.52 6.24 42.65
CA ASN C 317 13.97 7.59 42.91
C ASN C 317 14.75 7.61 44.24
N LYS C 318 14.15 7.08 45.30
CA LYS C 318 14.80 7.05 46.60
C LYS C 318 16.11 6.27 46.58
N VAL C 319 16.10 5.10 45.95
CA VAL C 319 17.31 4.27 45.86
C VAL C 319 18.43 5.01 45.13
N ALA C 320 18.10 5.56 43.95
CA ALA C 320 19.08 6.27 43.15
C ALA C 320 19.72 7.44 43.90
N PHE C 321 18.89 8.31 44.44
CA PHE C 321 19.44 9.48 45.10
C PHE C 321 20.10 9.24 46.44
N ASP C 322 19.76 8.15 47.10
CA ASP C 322 20.42 7.81 48.35
C ASP C 322 21.83 7.32 47.98
N ASN C 323 21.93 6.53 46.91
CA ASN C 323 23.24 6.04 46.48
C ASN C 323 24.13 7.17 45.99
N ILE C 324 23.53 8.09 45.23
CA ILE C 324 24.24 9.25 44.68
C ILE C 324 24.74 10.17 45.81
N GLY C 325 23.88 10.42 46.80
CA GLY C 325 24.26 11.29 47.91
C GLY C 325 25.45 10.73 48.67
N LYS C 326 25.38 9.44 48.99
CA LYS C 326 26.49 8.77 49.69
C LYS C 326 27.76 8.79 48.81
N ALA C 327 27.60 8.58 47.50
CA ALA C 327 28.76 8.61 46.59
C ALA C 327 29.50 9.96 46.67
N HIS C 328 28.76 11.07 46.66
CA HIS C 328 29.36 12.40 46.74
C HIS C 328 30.10 12.54 48.09
N LEU C 329 29.44 12.14 49.16
CA LEU C 329 30.00 12.24 50.51
C LEU C 329 31.25 11.40 50.68
N GLU C 330 31.22 10.18 50.13
CA GLU C 330 32.34 9.26 50.22
C GLU C 330 33.51 9.77 49.37
N THR C 331 33.20 10.47 48.28
CA THR C 331 34.26 11.07 47.44
C THR C 331 34.91 12.19 48.26
N GLY C 332 34.08 13.00 48.93
CA GLY C 332 34.58 14.08 49.76
C GLY C 332 35.53 13.54 50.82
N LYS C 333 35.18 12.40 51.42
CA LYS C 333 36.04 11.79 52.42
C LYS C 333 37.34 11.31 51.76
N ALA C 334 37.24 10.75 50.56
CA ALA C 334 38.42 10.27 49.83
C ALA C 334 39.40 11.41 49.59
N ILE C 335 38.87 12.58 49.25
CA ILE C 335 39.69 13.76 49.01
C ILE C 335 40.42 14.12 50.32
N GLU C 336 39.68 14.15 51.42
CA GLU C 336 40.25 14.47 52.73
C GLU C 336 41.34 13.47 53.11
N ALA C 337 41.16 12.22 52.68
CA ALA C 337 42.11 11.16 52.97
C ALA C 337 43.37 11.17 52.10
N GLY C 338 43.41 12.06 51.11
CA GLY C 338 44.58 12.14 50.26
C GLY C 338 44.43 11.65 48.83
N ALA C 339 43.24 11.20 48.44
CA ALA C 339 43.06 10.70 47.06
C ALA C 339 43.26 11.84 46.06
N SER C 340 44.01 11.56 44.99
CA SER C 340 44.29 12.57 43.97
C SER C 340 43.19 12.66 42.93
N ASP C 341 43.25 13.66 42.06
CA ASP C 341 42.25 13.78 41.01
C ASP C 341 42.38 12.61 40.06
N GLU C 342 43.62 12.17 39.82
CA GLU C 342 43.81 11.02 38.93
C GLU C 342 43.16 9.76 39.51
N GLU C 343 43.28 9.57 40.83
CA GLU C 343 42.67 8.40 41.48
C GLU C 343 41.14 8.42 41.43
N LEU C 344 40.58 9.62 41.40
CA LEU C 344 39.13 9.83 41.40
C LEU C 344 38.48 10.06 40.04
N LYS C 345 39.26 10.03 38.96
CA LYS C 345 38.74 10.27 37.62
C LYS C 345 37.54 9.37 37.18
N GLU C 346 37.63 8.06 37.42
CA GLU C 346 36.56 7.17 37.02
C GLU C 346 35.36 7.29 37.95
N VAL C 347 35.63 7.48 39.24
CA VAL C 347 34.57 7.70 40.22
C VAL C 347 33.78 8.94 39.80
N ARG C 348 34.49 9.97 39.38
CA ARG C 348 33.84 11.22 39.00
C ARG C 348 33.05 11.12 37.69
N LYS C 349 33.55 10.35 36.74
CA LYS C 349 32.85 10.15 35.48
C LYS C 349 31.52 9.44 35.79
N LEU C 350 31.58 8.41 36.64
CA LEU C 350 30.40 7.65 37.02
C LEU C 350 29.35 8.46 37.78
N ILE C 351 29.82 9.33 38.67
CA ILE C 351 28.90 10.17 39.44
C ILE C 351 28.22 11.19 38.53
N ARG C 352 29.01 11.80 37.64
CA ARG C 352 28.51 12.77 36.70
C ARG C 352 27.46 12.14 35.78
N HIS C 353 27.80 10.97 35.23
CA HIS C 353 26.89 10.27 34.32
C HIS C 353 25.65 9.74 35.01
N GLY C 354 25.88 9.09 36.16
CA GLY C 354 24.82 8.48 36.94
C GLY C 354 23.82 9.49 37.46
N GLN C 355 24.31 10.61 37.98
CA GLN C 355 23.38 11.62 38.49
C GLN C 355 22.60 12.27 37.34
N PHE C 356 23.26 12.48 36.21
CA PHE C 356 22.55 13.09 35.08
C PHE C 356 21.42 12.18 34.61
N LYS C 357 21.66 10.87 34.56
CA LYS C 357 20.63 9.91 34.16
C LYS C 357 19.45 9.94 35.14
N ALA C 358 19.76 9.85 36.43
CA ALA C 358 18.73 9.88 37.46
C ALA C 358 17.99 11.23 37.51
N ASP C 359 18.72 12.33 37.40
CA ASP C 359 18.14 13.67 37.43
C ASP C 359 17.20 13.85 36.21
N MET C 360 17.63 13.39 35.04
CA MET C 360 16.79 13.50 33.84
C MET C 360 15.48 12.74 34.08
N ALA C 361 15.57 11.56 34.66
CA ALA C 361 14.37 10.76 34.94
C ALA C 361 13.35 11.44 35.85
N ILE C 362 13.83 12.21 36.83
CA ILE C 362 12.90 12.88 37.75
C ILE C 362 12.68 14.37 37.46
N ALA C 363 13.50 14.96 36.61
CA ALA C 363 13.40 16.40 36.34
C ALA C 363 12.12 16.90 35.67
N ALA C 364 11.47 16.05 34.87
CA ALA C 364 10.16 16.38 34.28
C ALA C 364 9.22 15.59 35.17
N HIS C 365 8.49 16.28 36.04
CA HIS C 365 7.59 15.62 36.99
C HIS C 365 6.57 14.61 36.48
N GLY C 366 6.11 14.80 35.26
CA GLY C 366 5.16 13.85 34.69
C GLY C 366 5.82 12.66 34.01
N ASN C 367 7.16 12.60 34.00
CA ASN C 367 7.89 11.48 33.35
C ASN C 367 7.35 10.11 33.75
N TYR C 368 7.07 9.95 35.05
CA TYR C 368 6.60 8.65 35.55
C TYR C 368 5.38 8.11 34.79
N PHE C 369 4.55 9.02 34.28
CA PHE C 369 3.36 8.65 33.51
C PHE C 369 3.57 8.79 32.01
N HIS C 370 4.15 9.90 31.57
CA HIS C 370 4.36 10.11 30.13
C HIS C 370 5.28 9.04 29.55
N ALA C 371 6.26 8.63 30.35
CA ALA C 371 7.30 7.71 29.88
C ALA C 371 7.82 6.82 31.00
N PRO C 372 6.96 5.95 31.53
CA PRO C 372 7.36 5.07 32.62
C PRO C 372 8.59 4.21 32.34
N GLU C 373 8.73 3.69 31.12
CA GLU C 373 9.85 2.79 30.82
C GLU C 373 11.24 3.43 30.86
N GLU C 374 11.41 4.56 30.18
CA GLU C 374 12.69 5.25 30.18
C GLU C 374 12.97 5.82 31.58
N THR C 375 11.91 6.25 32.29
CA THR C 375 12.06 6.79 33.65
C THR C 375 12.63 5.75 34.61
N LEU C 376 12.03 4.56 34.63
CA LEU C 376 12.51 3.50 35.51
C LEU C 376 13.89 3.02 35.04
N ARG C 377 14.07 2.87 33.73
CA ARG C 377 15.38 2.40 33.22
C ARG C 377 16.53 3.36 33.55
N LEU C 378 16.25 4.66 33.45
CA LEU C 378 17.28 5.65 33.73
C LEU C 378 17.56 5.79 35.23
N LEU C 379 16.52 5.61 36.06
CA LEU C 379 16.74 5.66 37.51
C LEU C 379 17.60 4.44 37.89
N ALA C 380 17.36 3.31 37.22
CA ALA C 380 18.13 2.10 37.49
C ALA C 380 19.58 2.31 37.08
N ALA C 381 19.77 2.89 35.88
CA ALA C 381 21.10 3.11 35.36
C ALA C 381 21.88 4.12 36.20
N GLY C 382 21.20 5.20 36.59
CA GLY C 382 21.82 6.23 37.41
C GLY C 382 22.26 5.67 38.74
N SER C 383 21.37 4.94 39.40
CA SER C 383 21.71 4.31 40.66
C SER C 383 22.90 3.35 40.51
N ASP C 384 22.89 2.53 39.45
CA ASP C 384 23.98 1.60 39.23
C ASP C 384 25.33 2.31 39.03
N ASP C 385 25.33 3.38 38.24
CA ASP C 385 26.58 4.14 38.04
C ASP C 385 27.09 4.61 39.40
N ALA C 386 26.17 5.13 40.22
CA ALA C 386 26.58 5.59 41.55
C ALA C 386 27.18 4.43 42.39
N GLN C 387 26.53 3.27 42.36
CA GLN C 387 27.02 2.10 43.11
C GLN C 387 28.39 1.65 42.62
N LYS C 388 28.60 1.71 41.30
CA LYS C 388 29.89 1.34 40.72
C LYS C 388 30.97 2.27 41.25
N ALA C 389 30.65 3.56 41.32
CA ALA C 389 31.60 4.53 41.83
C ALA C 389 31.85 4.29 43.32
N ARG C 390 30.80 3.90 44.04
CA ARG C 390 30.94 3.65 45.47
C ARG C 390 31.83 2.44 45.74
N LEU C 391 31.79 1.45 44.84
CA LEU C 391 32.62 0.26 44.97
C LEU C 391 34.08 0.67 44.79
N LEU C 392 34.33 1.55 43.82
CA LEU C 392 35.70 2.04 43.60
C LEU C 392 36.17 2.84 44.82
N LEU C 393 35.25 3.63 45.39
CA LEU C 393 35.56 4.46 46.57
C LEU C 393 35.97 3.67 47.81
N VAL C 394 35.29 2.54 48.10
CA VAL C 394 35.67 1.76 49.27
C VAL C 394 37.13 1.34 49.14
N LYS C 395 37.54 0.92 47.95
CA LYS C 395 38.93 0.49 47.75
C LYS C 395 39.91 1.66 47.83
N ILE C 396 39.51 2.81 47.28
CA ILE C 396 40.36 3.99 47.33
C ILE C 396 40.51 4.43 48.80
N LEU C 397 39.40 4.45 49.53
CA LEU C 397 39.44 4.83 50.94
C LEU C 397 40.35 3.89 51.75
N ALA C 398 40.22 2.60 51.50
CA ALA C 398 41.05 1.60 52.20
C ALA C 398 42.53 1.81 51.87
N LYS C 399 42.83 2.14 50.61
CA LYS C 399 44.20 2.38 50.19
C LYS C 399 44.78 3.53 50.97
N HIS C 400 43.93 4.50 51.29
CA HIS C 400 44.33 5.67 52.06
C HIS C 400 44.12 5.57 53.56
N GLY C 401 43.93 4.33 54.05
CA GLY C 401 43.77 4.12 55.47
C GLY C 401 42.41 4.33 56.11
N VAL C 402 41.39 4.61 55.30
CA VAL C 402 40.05 4.80 55.83
C VAL C 402 39.25 3.52 55.61
N MET C 403 38.87 2.87 56.70
CA MET C 403 38.09 1.64 56.62
C MET C 403 36.71 1.92 57.21
N ASP C 404 35.71 1.18 56.77
CA ASP C 404 34.36 1.36 57.29
C ASP C 404 33.85 2.80 57.46
N TYR C 405 34.07 3.65 56.46
CA TYR C 405 33.58 5.02 56.53
C TYR C 405 32.06 4.97 56.34
N ILE C 406 31.33 5.76 57.11
CA ILE C 406 29.87 5.83 56.99
C ILE C 406 29.50 7.28 56.78
N ALA C 407 28.92 7.56 55.62
CA ALA C 407 28.53 8.91 55.27
C ALA C 407 27.48 9.45 56.25
N PRO C 408 27.53 10.74 56.56
CA PRO C 408 26.58 11.38 57.48
C PRO C 408 25.16 11.39 56.91
N ASP C 409 24.18 11.48 57.81
CA ASP C 409 22.77 11.50 57.44
C ASP C 409 22.41 12.80 56.71
N PHE C 410 21.53 12.68 55.71
CA PHE C 410 21.05 13.84 54.96
C PHE C 410 19.55 13.64 54.80
N ASP C 411 18.93 13.15 55.87
CA ASP C 411 17.50 12.83 55.88
C ASP C 411 16.52 13.98 56.13
N THR C 412 17.03 15.19 56.38
CA THR C 412 16.16 16.36 56.52
C THR C 412 16.78 17.49 55.71
N LYS C 413 15.94 18.42 55.24
CA LYS C 413 16.41 19.55 54.48
C LYS C 413 17.49 20.31 55.26
N ASP C 414 17.26 20.47 56.57
CA ASP C 414 18.20 21.19 57.41
C ASP C 414 19.58 20.52 57.47
N LYS C 415 19.60 19.22 57.74
CA LYS C 415 20.87 18.50 57.79
C LYS C 415 21.58 18.55 56.45
N ALA C 416 20.84 18.35 55.37
CA ALA C 416 21.45 18.33 54.04
C ALA C 416 22.01 19.68 53.61
N GLN C 417 21.27 20.76 53.86
CA GLN C 417 21.74 22.08 53.47
C GLN C 417 22.98 22.48 54.29
N LYS C 418 23.09 22.01 55.52
CA LYS C 418 24.29 22.35 56.28
C LYS C 418 25.49 21.58 55.69
N LEU C 419 25.28 20.34 55.23
CA LEU C 419 26.36 19.58 54.59
C LEU C 419 26.70 20.24 53.26
N ALA C 420 25.70 20.84 52.61
CA ALA C 420 25.88 21.52 51.33
C ALA C 420 26.41 22.95 51.45
N LYS C 421 26.66 23.39 52.68
CA LYS C 421 27.15 24.74 52.97
C LYS C 421 26.19 25.85 52.54
N VAL C 422 24.90 25.57 52.75
CA VAL C 422 23.84 26.52 52.42
C VAL C 422 23.30 27.11 53.73
N ASP C 423 23.34 28.44 53.84
CA ASP C 423 22.82 29.13 55.01
C ASP C 423 21.50 29.73 54.53
N ILE C 424 20.42 28.95 54.60
CA ILE C 424 19.14 29.42 54.10
C ILE C 424 18.57 30.63 54.84
N ALA C 425 18.88 30.78 56.11
CA ALA C 425 18.39 31.92 56.89
C ALA C 425 18.98 33.22 56.30
N ALA C 426 20.28 33.20 56.03
CA ALA C 426 20.96 34.35 55.43
C ALA C 426 20.49 34.64 53.99
N LEU C 427 20.26 33.59 53.22
CA LEU C 427 19.80 33.74 51.85
C LEU C 427 18.39 34.32 51.86
N ALA C 428 17.55 33.85 52.78
CA ALA C 428 16.17 34.32 52.90
C ALA C 428 16.13 35.80 53.29
N ALA C 429 16.97 36.18 54.25
CA ALA C 429 17.04 37.56 54.71
C ALA C 429 17.39 38.48 53.53
N GLU C 430 18.44 38.15 52.78
CA GLU C 430 18.78 39.02 51.66
C GLU C 430 17.77 38.96 50.51
N LYS C 431 17.12 37.81 50.33
CA LYS C 431 16.12 37.68 49.26
C LYS C 431 14.90 38.55 49.59
N MET C 432 14.47 38.54 50.85
CA MET C 432 13.30 39.34 51.22
C MET C 432 13.58 40.84 51.05
N LYS C 433 14.80 41.26 51.33
CA LYS C 433 15.16 42.69 51.16
C LYS C 433 15.06 43.05 49.68
N PHE C 434 15.51 42.15 48.81
CA PHE C 434 15.45 42.39 47.38
C PHE C 434 13.98 42.52 46.95
N LYS C 435 13.13 41.61 47.43
CA LYS C 435 11.72 41.64 47.08
C LYS C 435 11.00 42.89 47.59
N GLN C 436 11.43 43.38 48.74
CA GLN C 436 10.82 44.57 49.36
C GLN C 436 11.26 45.88 48.74
N THR C 437 12.38 45.85 48.02
CA THR C 437 12.94 47.06 47.43
C THR C 437 13.04 47.06 45.91
N LEU C 438 14.14 46.53 45.37
CA LEU C 438 14.36 46.49 43.91
C LEU C 438 13.18 45.88 43.13
N GLU C 439 12.70 44.73 43.59
CA GLU C 439 11.59 44.08 42.89
C GLU C 439 10.39 45.00 42.71
N GLN C 440 10.06 45.75 43.76
CA GLN C 440 8.91 46.66 43.71
C GLN C 440 9.21 47.86 42.82
N GLU C 441 10.48 48.22 42.71
CA GLU C 441 10.90 49.32 41.87
C GLU C 441 10.70 48.88 40.40
N TRP C 442 11.05 47.63 40.11
CA TRP C 442 10.87 47.08 38.76
C TRP C 442 9.40 47.17 38.36
N LYS C 443 8.53 46.67 39.23
CA LYS C 443 7.09 46.70 38.96
C LYS C 443 6.54 48.11 38.78
N LYS C 444 7.01 49.03 39.61
CA LYS C 444 6.56 50.41 39.54
C LYS C 444 6.96 51.04 38.20
N GLU C 445 8.20 50.82 37.78
CA GLU C 445 8.68 51.36 36.51
C GLU C 445 7.93 50.72 35.34
N ALA C 446 7.73 49.41 35.40
CA ALA C 446 7.02 48.69 34.34
C ALA C 446 5.61 49.26 34.18
N LYS C 447 4.93 49.52 35.30
CA LYS C 447 3.57 50.07 35.23
C LYS C 447 3.61 51.48 34.69
N ALA C 448 4.57 52.27 35.17
CA ALA C 448 4.73 53.66 34.73
C ALA C 448 4.98 53.78 33.23
N LYS C 449 5.76 52.84 32.70
CA LYS C 449 6.12 52.83 31.28
C LYS C 449 5.11 52.13 30.37
N GLY C 450 4.05 51.56 30.95
CA GLY C 450 3.04 50.85 30.16
C GLY C 450 3.46 49.48 29.64
N ARG C 451 4.49 48.89 30.27
CA ARG C 451 4.98 47.58 29.88
C ARG C 451 4.15 46.45 30.52
N ALA C 452 3.46 46.78 31.62
CA ALA C 452 2.62 45.81 32.33
C ALA C 452 1.61 46.51 33.21
N ASN C 453 0.59 45.76 33.63
CA ASN C 453 -0.47 46.24 34.50
C ASN C 453 -0.49 45.25 35.67
N PRO C 454 0.49 45.33 36.59
CA PRO C 454 0.54 44.42 37.74
C PRO C 454 -0.67 44.40 38.67
N GLU C 455 -1.44 45.49 38.66
CA GLU C 455 -2.61 45.57 39.51
C GLU C 455 -3.67 44.54 39.08
N LEU C 456 -3.58 44.06 37.85
CA LEU C 456 -4.54 43.06 37.36
C LEU C 456 -4.22 41.66 37.87
N TYR C 457 -3.04 41.51 38.45
CA TYR C 457 -2.59 40.22 38.96
C TYR C 457 -2.01 40.36 40.39
N LYS C 458 -2.75 41.07 41.24
CA LYS C 458 -2.36 41.32 42.62
C LYS C 458 -2.16 40.10 43.51
N ASP C 459 -2.77 38.98 43.13
CA ASP C 459 -2.67 37.73 43.90
C ASP C 459 -1.48 36.87 43.46
N VAL C 460 -0.71 37.33 42.47
CA VAL C 460 0.37 36.51 41.96
C VAL C 460 1.53 36.22 42.91
N ASP C 461 1.91 37.18 43.76
CA ASP C 461 3.02 36.94 44.68
C ASP C 461 2.47 36.33 45.98
N THR C 462 2.68 35.03 46.15
CA THR C 462 2.18 34.32 47.33
C THR C 462 3.25 34.06 48.38
N ILE C 463 4.37 34.78 48.32
CA ILE C 463 5.49 34.57 49.25
C ILE C 463 5.13 34.56 50.74
N ASN C 464 4.09 35.31 51.12
CA ASN C 464 3.66 35.38 52.51
C ASN C 464 2.43 34.53 52.86
N ASP C 465 2.09 33.55 52.03
CA ASP C 465 0.93 32.71 52.32
C ASP C 465 1.21 31.60 53.33
N GLY C 466 2.42 31.55 53.85
CA GLY C 466 2.80 30.52 54.82
C GLY C 466 3.16 29.18 54.20
N LYS C 467 3.25 29.14 52.86
CA LYS C 467 3.58 27.91 52.15
C LYS C 467 4.89 28.04 51.37
N SER C 468 5.60 29.15 51.56
CA SER C 468 6.87 29.36 50.86
C SER C 468 7.91 28.35 51.33
N SER C 469 8.78 27.93 50.42
CA SER C 469 9.82 26.97 50.76
C SER C 469 10.91 27.56 51.67
N TRP C 470 11.09 28.88 51.59
CA TRP C 470 12.14 29.55 52.38
C TRP C 470 11.68 30.68 53.30
N ASN C 471 10.56 31.31 52.98
CA ASN C 471 10.04 32.41 53.78
C ASN C 471 9.16 31.85 54.90
N LYS C 472 9.79 31.50 56.02
CA LYS C 472 9.06 30.92 57.16
C LYS C 472 8.55 31.99 58.11
N LYS C 473 7.26 31.95 58.41
CA LYS C 473 6.66 32.93 59.32
C LYS C 473 5.31 32.43 59.83
CA CA D . -2.02 -34.10 -18.84
S SO4 E . -9.69 -36.76 -18.27
O1 SO4 E . -10.81 -37.12 -17.49
O2 SO4 E . -8.59 -36.73 -17.35
O3 SO4 E . -9.35 -37.77 -19.25
O4 SO4 E . -9.99 -35.46 -18.89
S SO4 F . -6.39 -14.78 -38.96
O1 SO4 F . -5.79 -13.65 -38.34
O2 SO4 F . -5.57 -15.28 -40.03
O3 SO4 F . -6.49 -15.78 -37.95
O4 SO4 F . -7.68 -14.45 -39.50
S SO4 G . 4.23 -14.74 -13.88
O1 SO4 G . 5.65 -14.57 -13.80
O2 SO4 G . 3.97 -16.08 -14.34
O3 SO4 G . 3.65 -14.52 -12.58
O4 SO4 G . 3.69 -13.80 -14.83
FE HEC H . -11.55 -38.55 -16.16
CHA HEC H . -14.26 -36.42 -16.14
CHB HEC H . -12.75 -40.10 -18.86
CHC HEC H . -8.56 -40.30 -16.49
CHD HEC H . -10.43 -37.11 -13.42
NA HEC H . -13.16 -38.32 -17.20
C1A HEC H . -14.21 -37.43 -17.08
C2A HEC H . -15.23 -37.66 -18.07
C3A HEC H . -14.80 -38.68 -18.81
C4A HEC H . -13.52 -39.09 -18.29
CMA HEC H . -15.57 -39.38 -19.92
CAA HEC H . -16.52 -36.87 -18.26
CBA HEC H . -16.24 -35.62 -19.09
CGA HEC H . -15.83 -35.95 -20.52
O1A HEC H . -16.71 -36.32 -21.31
O2A HEC H . -14.63 -35.85 -20.85
NB HEC H . -10.80 -39.91 -17.37
C1B HEC H . -11.47 -40.46 -18.48
C2B HEC H . -10.59 -41.34 -19.23
C3B HEC H . -9.38 -41.36 -18.60
C4B HEC H . -9.54 -40.49 -17.44
CMB HEC H . -10.91 -42.07 -20.56
CAB HEC H . -8.22 -41.99 -19.02
CBB HEC H . -7.29 -41.32 -19.87
NC HEC H . -9.88 -38.72 -15.17
C1C HEC H . -8.75 -39.46 -15.38
C2C HEC H . -7.83 -39.38 -14.24
C3C HEC H . -8.38 -38.56 -13.30
C4C HEC H . -9.63 -38.11 -13.94
CMC HEC H . -6.48 -40.10 -14.20
CAC HEC H . -7.92 -38.28 -11.98
CBC HEC H . -6.55 -38.01 -11.64
ND HEC H . -12.17 -37.04 -15.07
C1D HEC H . -11.56 -36.58 -13.94
C2D HEC H . -12.25 -35.45 -13.40
C3D HEC H . -13.29 -35.19 -14.21
C4D HEC H . -13.26 -36.22 -15.22
CMD HEC H . -11.83 -34.66 -12.16
CAD HEC H . -14.27 -34.05 -14.10
CBD HEC H . -13.73 -32.66 -14.50
CGD HEC H . -13.68 -32.44 -16.01
O1D HEC H . -14.25 -33.26 -16.77
O2D HEC H . -13.07 -31.43 -16.44
FE HEC I . -18.29 -37.35 3.39
CHA HEC I . -18.14 -35.05 5.88
CHB HEC I . -19.96 -39.47 5.37
CHC HEC I . -18.93 -39.33 0.69
CHD HEC I . -16.05 -35.61 1.58
NA HEC I . -18.84 -37.31 5.27
C1A HEC I . -18.66 -36.29 6.19
C2A HEC I . -19.05 -36.73 7.51
C3A HEC I . -19.61 -37.96 7.35
C4A HEC I . -19.44 -38.32 5.96
CMA HEC I . -20.41 -38.76 8.40
CAA HEC I . -18.88 -35.94 8.82
CBA HEC I . -20.17 -35.26 9.20
CGA HEC I . -20.61 -34.24 8.17
O1A HEC I . -21.57 -34.52 7.41
O2A HEC I . -20.01 -33.15 8.12
NB HEC I . -19.31 -39.04 3.07
C1B HEC I . -19.97 -39.78 4.01
C2B HEC I . -20.68 -40.93 3.41
C3B HEC I . -20.41 -40.87 2.07
C4B HEC I . -19.54 -39.69 1.88
CMB HEC I . -21.51 -41.99 4.13
CAB HEC I . -20.90 -41.71 1.06
CBB HEC I . -22.26 -41.78 0.77
NC HEC I . -17.65 -37.43 1.51
C1C HEC I . -18.01 -38.31 0.53
C2C HEC I . -17.15 -38.19 -0.62
C3C HEC I . -16.23 -37.23 -0.33
C4C HEC I . -16.63 -36.69 0.97
CMC HEC I . -17.34 -38.92 -1.95
CAC HEC I . -15.06 -36.95 -1.03
CBC HEC I . -15.12 -36.34 -2.33
ND HEC I . -17.34 -35.64 3.67
C1D HEC I . -16.41 -35.07 2.83
C2D HEC I . -15.98 -33.76 3.32
C3D HEC I . -16.68 -33.55 4.48
C4D HEC I . -17.51 -34.74 4.68
CMD HEC I . -15.05 -32.78 2.59
CAD HEC I . -16.61 -32.40 5.47
CBD HEC I . -15.60 -32.71 6.55
CGD HEC I . -15.69 -31.77 7.74
O1D HEC I . -15.77 -30.55 7.53
O2D HEC I . -15.70 -32.26 8.89
FE HEC J . -15.54 -34.13 -8.67
CHA HEC J . -17.52 -33.87 -11.34
CHB HEC J . -16.43 -30.98 -7.58
CHC HEC J . -14.25 -34.78 -5.67
CHD HEC J . -14.09 -36.96 -10.01
NA HEC J . -16.71 -32.76 -9.29
C1A HEC J . -17.55 -32.83 -10.42
C2A HEC J . -18.43 -31.69 -10.47
C3A HEC J . -18.04 -30.86 -9.48
C4A HEC J . -16.99 -31.52 -8.75
CMA HEC J . -18.56 -29.45 -9.18
CAA HEC J . -19.69 -31.47 -11.30
CBA HEC J . -20.82 -32.45 -11.00
CGA HEC J . -21.20 -32.50 -9.53
O1A HEC J . -21.44 -31.42 -8.96
O2A HEC J . -21.26 -33.61 -8.95
NB HEC J . -15.29 -33.07 -7.00
C1B HEC J . -15.62 -31.76 -6.76
C2B HEC J . -15.28 -31.39 -5.39
C3B HEC J . -14.75 -32.48 -4.77
C4B HEC J . -14.76 -33.52 -5.80
CMB HEC J . -15.52 -29.97 -4.91
CAB HEC J . -14.38 -32.64 -3.42
CBB HEC J . -15.33 -32.44 -2.39
NC HEC J . -14.46 -35.57 -8.01
C1C HEC J . -14.09 -35.74 -6.66
C2C HEC J . -13.31 -36.91 -6.48
C3C HEC J . -13.14 -37.49 -7.70
C4C HEC J . -13.89 -36.66 -8.66
CMC HEC J . -12.84 -37.44 -5.11
CAC HEC J . -12.39 -38.63 -7.99
CBC HEC J . -12.64 -39.94 -7.42
ND HEC J . -15.71 -35.15 -10.38
C1D HEC J . -15.00 -36.26 -10.81
C2D HEC J . -15.53 -36.75 -12.08
C3D HEC J . -16.51 -35.92 -12.44
C4D HEC J . -16.64 -34.93 -11.36
CMD HEC J . -15.09 -38.02 -12.77
CAD HEC J . -17.30 -35.97 -13.74
CBD HEC J . -18.40 -37.01 -13.65
CGD HEC J . -19.25 -37.12 -14.93
O1D HEC J . -19.15 -36.24 -15.82
O2D HEC J . -20.05 -38.07 -15.02
FE HEC K . -15.52 -24.87 -7.69
CHA HEC K . -17.21 -24.65 -10.56
CHB HEC K . -14.33 -27.93 -8.63
CHC HEC K . -13.31 -24.70 -5.26
CHD HEC K . -17.08 -21.99 -6.51
NA HEC K . -15.75 -26.09 -9.25
C1A HEC K . -16.52 -25.83 -10.37
C2A HEC K . -16.49 -26.94 -11.30
C3A HEC K . -15.72 -27.87 -10.72
C4A HEC K . -15.26 -27.32 -9.45
CMA HEC K . -15.27 -29.19 -11.30
CAA HEC K . -17.11 -27.04 -12.72
CBA HEC K . -18.48 -27.74 -12.63
CGA HEC K . -19.13 -28.00 -13.99
O1A HEC K . -20.08 -28.82 -14.04
O2A HEC K . -18.73 -27.40 -15.01
NB HEC K . -14.15 -26.06 -7.08
C1B HEC K . -13.80 -27.31 -7.50
C2B HEC K . -12.70 -27.84 -6.75
C3B HEC K . -12.32 -26.88 -5.86
C4B HEC K . -13.23 -25.81 -6.05
CMB HEC K . -12.08 -29.21 -6.98
CAB HEC K . -11.19 -26.94 -5.01
CBB HEC K . -9.91 -27.24 -5.54
NC HEC K . -15.34 -23.67 -6.12
C1C HEC K . -14.30 -23.73 -5.26
C2C HEC K . -14.39 -22.70 -4.26
C3C HEC K . -15.54 -22.02 -4.53
C4C HEC K . -16.08 -22.61 -5.72
CMC HEC K . -13.44 -22.49 -3.10
CAC HEC K . -16.13 -21.00 -3.80
CBC HEC K . -15.37 -19.88 -3.38
ND HEC K . -16.83 -23.62 -8.35
C1D HEC K . -17.39 -22.48 -7.79
C2D HEC K . -18.19 -21.76 -8.74
C3D HEC K . -18.14 -22.41 -9.93
C4D HEC K . -17.34 -23.60 -9.67
CMD HEC K . -18.98 -20.49 -8.44
CAD HEC K . -18.80 -21.96 -11.25
CBD HEC K . -20.11 -22.70 -11.49
CGD HEC K . -20.74 -22.37 -12.85
O1D HEC K . -20.45 -21.31 -13.44
O2D HEC K . -21.55 -23.20 -13.34
FE HEC L . -15.73 -15.16 -2.05
CHA HEC L . -13.43 -12.77 -2.76
CHB HEC L . -17.34 -14.49 -4.98
CHC HEC L . -17.79 -17.82 -1.49
CHD HEC L . -14.36 -15.54 1.05
NA HEC L . -15.48 -13.90 -3.54
C1A HEC L . -14.46 -12.97 -3.69
C2A HEC L . -14.62 -12.27 -4.93
C3A HEC L . -15.75 -12.74 -5.54
C4A HEC L . -16.26 -13.73 -4.66
CMA HEC L . -16.45 -12.26 -6.83
CAA HEC L . -13.64 -11.21 -5.43
CBA HEC L . -12.56 -11.82 -6.32
CGA HEC L . -12.97 -11.87 -7.79
O1A HEC L . -12.66 -12.88 -8.46
O2A HEC L . -13.54 -10.86 -8.29
NB HEC L . -17.23 -15.97 -3.02
C1B HEC L . -17.79 -15.55 -4.24
C2B HEC L . -18.89 -16.42 -4.66
C3B HEC L . -19.01 -17.41 -3.71
C4B HEC L . -17.99 -17.10 -2.68
CMB HEC L . -19.79 -16.16 -5.85
CAB HEC L . -19.84 -18.54 -3.70
CBB HEC L . -19.86 -19.51 -4.74
NC HEC L . -16.00 -16.44 -0.56
C1C HEC L . -16.85 -17.49 -0.50
C2C HEC L . -16.87 -18.11 0.83
C3C HEC L . -16.01 -17.38 1.62
C4C HEC L . -15.43 -16.37 0.71
CMC HEC L . -17.67 -19.39 1.13
CAC HEC L . -15.82 -17.43 3.01
CBC HEC L . -15.45 -18.61 3.68
ND HEC L . -14.18 -14.36 -1.11
C1D HEC L . -13.75 -14.63 0.19
C2D HEC L . -12.55 -13.89 0.52
C3D HEC L . -12.25 -13.15 -0.58
C4D HEC L . -13.28 -13.43 -1.57
CMD HEC L . -11.83 -13.90 1.87
CAD HEC L . -11.04 -12.25 -0.80
CBD HEC L . -11.22 -10.79 -0.45
CGD HEC L . -11.05 -10.53 1.05
O1D HEC L . -9.91 -10.68 1.55
O2D HEC L . -12.05 -10.17 1.70
CA CA M . -7.34 9.98 -25.22
S SO4 N . -1.77 13.23 -19.91
O1 SO4 N . -1.60 13.81 -18.60
O2 SO4 N . -1.07 14.02 -20.92
O3 SO4 N . -1.26 11.84 -19.90
O4 SO4 N . -3.18 13.31 -20.14
S SO4 O . 8.39 -12.03 -33.25
O1 SO4 O . 9.71 -12.26 -32.68
O2 SO4 O . 8.49 -11.77 -34.67
O3 SO4 O . 7.52 -13.11 -33.00
O4 SO4 O . 7.84 -10.87 -32.63
S SO4 P . -16.67 -8.50 -22.88
O1 SO4 P . -16.13 -7.20 -23.11
O2 SO4 P . -15.65 -9.47 -23.15
O3 SO4 P . -17.13 -8.67 -21.53
O4 SO4 P . -17.80 -8.71 -23.74
FE HEC Q . -1.93 15.47 -17.46
CHA HEC Q . -0.05 13.59 -15.34
CHB HEC Q . 0.97 16.74 -18.84
CHC HEC Q . -3.71 16.98 -19.96
CHD HEC Q . -4.75 14.49 -15.94
NA HEC Q . 0.01 15.29 -17.11
C1A HEC Q . 0.62 14.46 -16.17
C2A HEC Q . 2.07 14.58 -16.21
C3A HEC Q . 2.33 15.47 -17.18
C4A HEC Q . 1.08 15.91 -17.72
CMA HEC Q . 3.69 15.95 -17.63
CAA HEC Q . 3.08 13.85 -15.31
CBA HEC Q . 3.48 12.44 -15.78
CGA HEC Q . 4.04 12.45 -17.19
O1A HEC Q . 5.24 12.80 -17.34
O2A HEC Q . 3.30 12.12 -18.15
NB HEC Q . -1.46 16.63 -19.06
C1B HEC Q . -0.23 17.01 -19.52
C2B HEC Q . -0.29 17.72 -20.79
C3B HEC Q . -1.62 17.81 -21.13
C4B HEC Q . -2.34 17.14 -20.02
CMB HEC Q . 0.97 18.17 -21.53
CAB HEC Q . -2.20 18.15 -22.35
CBB HEC Q . -2.01 17.26 -23.45
NC HEC Q . -3.82 15.69 -17.82
C1C HEC Q . -4.41 16.31 -18.93
C2C HEC Q . -5.84 16.36 -18.78
C3C HEC Q . -6.17 15.74 -17.58
C4C HEC Q . -4.88 15.31 -17.04
CMC HEC Q . -6.79 17.10 -19.73
CAC HEC Q . -7.41 15.67 -16.94
CBC HEC Q . -8.69 15.31 -17.53
ND HEC Q . -2.31 14.22 -15.98
C1D HEC Q . -3.53 13.94 -15.50
C2D HEC Q . -3.47 12.95 -14.44
C3D HEC Q . -2.14 12.62 -14.29
C4D HEC Q . -1.44 13.47 -15.25
CMD HEC Q . -4.67 12.43 -13.69
CAD HEC Q . -1.59 11.52 -13.35
CBD HEC Q . -1.85 10.09 -13.80
CGD HEC Q . -0.91 9.62 -14.90
O1D HEC Q . 0.01 10.36 -15.31
O2D HEC Q . -1.08 8.48 -15.36
FE HEC R . -10.45 17.82 1.29
CHA HEC R . -12.54 15.99 3.24
CHB HEC R . -10.39 20.28 3.56
CHC HEC R . -7.99 19.41 -0.55
CHD HEC R . -10.96 15.71 -1.27
NA HEC R . -11.29 18.05 3.04
C1A HEC R . -12.18 17.24 3.70
C2A HEC R . -12.73 17.88 4.90
C3A HEC R . -12.13 19.08 4.93
C4A HEC R . -11.23 19.18 3.81
CMA HEC R . -12.32 20.14 6.02
CAA HEC R . -13.75 17.34 5.88
CBA HEC R . -13.14 16.66 7.12
CGA HEC R . -12.23 15.51 6.74
O1A HEC R . -10.99 15.67 6.81
O2A HEC R . -12.76 14.46 6.34
NB HEC R . -9.36 19.39 1.50
C1B HEC R . -9.49 20.35 2.51
C2B HEC R . -8.54 21.39 2.34
C3B HEC R . -7.83 21.12 1.21
C4B HEC R . -8.35 19.92 0.69
CMB HEC R . -8.30 22.57 3.34
CAB HEC R . -6.76 21.85 0.68
CBB HEC R . -5.54 21.98 1.45
NC HEC R . -9.66 17.63 -0.52
C1C HEC R . -8.63 18.34 -1.14
C2C HEC R . -8.49 17.97 -2.53
C3C HEC R . -9.41 16.99 -2.77
C4C HEC R . -10.08 16.76 -1.50
CMC HEC R . -7.50 18.63 -3.47
CAC HEC R . -9.75 16.35 -3.98
CBC HEC R . -8.80 15.72 -4.81
ND HEC R . -11.41 16.17 1.07
C1D HEC R . -11.53 15.39 -0.05
C2D HEC R . -12.31 14.18 0.24
C3D HEC R . -12.68 14.25 1.52
C4D HEC R . -12.16 15.48 2.03
CMD HEC R . -12.61 13.02 -0.70
CAD HEC R . -13.54 13.30 2.33
CBD HEC R . -14.99 13.78 2.26
CGD HEC R . -15.94 12.94 3.09
O1D HEC R . -15.69 11.75 3.30
O2D HEC R . -16.96 13.50 3.52
FE HEC S . -4.42 12.56 -8.67
CHA HEC S . -1.10 11.88 -9.19
CHB HEC S . -4.74 9.69 -6.88
CHC HEC S . -7.45 13.61 -7.56
CHD HEC S . -4.30 15.05 -10.96
NA HEC S . -3.17 11.13 -8.09
C1A HEC S . -1.82 11.06 -8.30
C2A HEC S . -1.24 9.95 -7.54
C3A HEC S . -2.28 9.24 -7.04
C4A HEC S . -3.47 9.99 -7.37
CMA HEC S . -2.25 7.98 -6.17
CAA HEC S . 0.23 9.72 -7.24
CBA HEC S . 0.82 10.89 -6.43
CGA HEC S . 0.11 11.14 -5.13
O1A HEC S . -0.28 10.14 -4.45
O2A HEC S . -0.03 12.32 -4.75
NB HEC S . -5.82 11.81 -7.47
C1B HEC S . -5.85 10.57 -6.89
C2B HEC S . -7.03 10.38 -6.08
C3B HEC S . -7.77 11.52 -6.15
C4B HEC S . -7.02 12.38 -7.05
CMB HEC S . -7.34 9.13 -5.25
CAB HEC S . -8.96 11.84 -5.45
CBB HEC S . -8.95 11.89 -3.97
NC HEC S . -5.61 14.04 -9.14
C1C HEC S . -6.81 14.36 -8.57
C2C HEC S . -7.35 15.56 -9.18
C3C HEC S . -6.54 15.97 -10.15
C4C HEC S . -5.43 14.99 -10.12
CMC HEC S . -8.62 16.26 -8.68
CAC HEC S . -6.74 17.03 -11.09
CBC HEC S . -6.92 18.40 -10.71
ND HEC S . -3.05 13.21 -9.90
C1D HEC S . -3.19 14.24 -10.85
C2D HEC S . -1.91 14.56 -11.46
C3D HEC S . -0.98 13.72 -10.91
C4D HEC S . -1.68 12.89 -9.95
CMD HEC S . -1.66 15.53 -12.61
CAD HEC S . 0.47 13.62 -11.37
CBD HEC S . 1.31 14.66 -10.64
CGD HEC S . 2.76 14.68 -11.08
O1D HEC S . 3.25 13.67 -11.64
O2D HEC S . 3.42 15.70 -10.84
FE HEC T . -5.69 3.60 -6.54
CHA HEC T . -2.46 2.99 -7.41
CHB HEC T . -5.72 6.40 -8.42
CHC HEC T . -9.01 3.67 -6.28
CHD HEC T . -5.53 1.15 -4.16
NA HEC T . -4.37 4.50 -7.63
C1A HEC T . -3.08 4.13 -7.91
C2A HEC T . -2.44 5.02 -8.83
C3A HEC T . -3.30 6.03 -9.05
C4A HEC T . -4.52 5.69 -8.33
CMA HEC T . -3.07 7.29 -9.89
CAA HEC T . -1.01 4.84 -9.42
CBA HEC T . -0.10 5.65 -8.50
CGA HEC T . 1.34 5.77 -9.01
O1A HEC T . 2.06 6.67 -8.53
O2A HEC T . 1.76 4.96 -9.87
NB HEC T . -7.10 4.81 -7.18
C1B HEC T . -6.95 5.93 -7.91
C2B HEC T . -8.26 6.47 -8.31
C3B HEC T . -9.22 5.65 -7.77
C4B HEC T . -8.45 4.66 -7.01
CMB HEC T . -8.39 7.82 -9.03
CAB HEC T . -10.62 5.77 -7.88
CBB HEC T . -11.16 6.02 -9.22
NC HEC T . -6.96 2.69 -5.41
C1C HEC T . -8.32 2.77 -5.47
C2C HEC T . -8.98 1.94 -4.50
C3C HEC T . -8.00 1.29 -3.82
C4C HEC T . -6.76 1.74 -4.39
CMC HEC T . -10.50 1.92 -4.29
CAC HEC T . -8.17 0.41 -2.72
CBC HEC T . -9.14 -0.64 -2.78
ND HEC T . -4.32 2.35 -5.95
C1D HEC T . -4.41 1.40 -4.93
C2D HEC T . -3.21 0.56 -4.90
C3D HEC T . -2.39 1.01 -5.90
C4D HEC T . -3.08 2.14 -6.52
CMD HEC T . -2.96 -0.58 -3.94
CAD HEC T . -1.05 0.44 -6.43
CBD HEC T . 0.12 1.16 -5.74
CGD HEC T . 1.49 0.69 -6.23
O1D HEC T . 1.59 -0.36 -6.88
O2D HEC T . 2.48 1.39 -5.94
FE HEC U . -10.17 -4.90 -0.71
CHA HEC U . -11.57 -7.47 -2.46
CHB HEC U . -7.07 -5.97 -1.45
CHC HEC U . -8.89 -2.06 0.65
CHD HEC U . -13.26 -4.06 0.48
NA HEC U . -9.47 -6.43 -1.66
C1A HEC U . -10.16 -7.39 -2.38
C2A HEC U . -9.26 -8.34 -2.99
C3A HEC U . -8.02 -7.97 -2.61
C4A HEC U . -8.14 -6.78 -1.82
CMA HEC U . -6.75 -8.70 -2.98
CAA HEC U . -9.69 -9.52 -3.88
CBA HEC U . -9.75 -9.13 -5.37
CGA HEC U . -8.43 -9.35 -6.10
O1A HEC U . -8.04 -8.51 -6.93
O2A HEC U . -7.78 -10.39 -5.86
NB HEC U . -8.39 -4.14 -0.55
C1B HEC U . -7.18 -4.73 -0.88
C2B HEC U . -6.06 -3.89 -0.56
C3B HEC U . -6.55 -2.76 -0.02
C4B HEC U . -8.00 -2.93 0.04
CMB HEC U . -4.60 -4.28 -0.84
CAB HEC U . -5.85 -1.61 0.38
CBB HEC U . -4.93 -0.92 -0.47
NC HEC U . -10.89 -3.43 0.31
C1C HEC U . -10.24 -2.29 0.76
C2C HEC U . -11.13 -1.45 1.56
C3C HEC U . -12.33 -2.09 1.62
C4C HEC U . -12.19 -3.28 0.83
CMC HEC U . -10.64 -0.20 2.31
CAC HEC U . -13.46 -1.75 2.41
CBC HEC U . -14.09 -0.49 2.25
ND HEC U . -11.98 -5.60 -0.92
C1D HEC U . -13.15 -5.14 -0.35
C2D HEC U . -14.32 -5.85 -0.86
C3D HEC U . -13.85 -6.78 -1.72
C4D HEC U . -12.41 -6.62 -1.75
CMD HEC U . -15.80 -5.54 -0.51
CAD HEC U . -14.58 -7.79 -2.61
CBD HEC U . -14.88 -9.17 -1.98
CGD HEC U . -16.12 -9.12 -1.11
O1D HEC U . -17.23 -8.95 -1.65
O2D HEC U . -15.99 -9.25 0.12
CA CA V . 20.73 20.99 31.74
S SO4 W . 14.80 25.19 35.51
O1 SO4 W . 13.65 26.02 35.43
O2 SO4 W . 15.14 25.00 34.14
O3 SO4 W . 15.89 25.87 36.07
O4 SO4 W . 14.55 23.98 36.36
S SO4 X . 18.70 1.30 25.26
O1 SO4 X . 19.07 2.60 25.78
O2 SO4 X . 19.76 0.76 24.42
O3 SO4 X . 18.47 0.41 26.38
O4 SO4 X . 17.51 1.38 24.43
S SO4 Y . 24.56 1.69 51.87
O1 SO4 Y . 23.88 1.73 53.11
O2 SO4 Y . 25.98 1.86 52.12
O3 SO4 Y . 24.38 0.42 51.21
O4 SO4 Y . 24.03 2.69 50.99
FE HEC Z . 12.61 27.64 34.79
CHA HEC Z . 10.03 26.11 36.47
CHB HEC Z . 13.51 29.28 37.67
CHC HEC Z . 15.49 28.75 33.25
CHD HEC Z . 11.57 26.24 31.93
NA HEC Z . 11.87 27.76 36.62
C1A HEC Z . 10.78 27.05 37.16
C2A HEC Z . 10.57 27.44 38.53
C3A HEC Z . 11.54 28.34 38.86
C4A HEC Z . 12.34 28.54 37.68
CMA HEC Z . 11.78 28.99 40.23
CAA HEC Z . 9.48 26.94 39.47
CBA HEC Z . 9.86 25.59 40.08
CGA HEC Z . 11.12 25.63 40.93
O1A HEC Z . 11.06 26.15 42.07
O2A HEC Z . 12.16 25.14 40.46
NB HEC Z . 14.17 28.76 35.35
C1B HEC Z . 14.39 29.32 36.59
C2B HEC Z . 15.72 29.94 36.64
C3B HEC Z . 16.33 29.76 35.42
C4B HEC Z . 15.33 29.06 34.60
CMB HEC Z . 16.33 30.58 37.87
CAB HEC Z . 17.72 29.96 35.11
CBB HEC Z . 18.71 29.03 35.59
NC HEC Z . 13.36 27.53 32.98
C1C HEC Z . 14.57 28.05 32.47
C2C HEC Z . 14.67 27.90 31.03
C3C HEC Z . 13.53 27.22 30.63
C4C HEC Z . 12.76 26.97 31.87
CMC HEC Z . 15.83 28.47 30.15
CAC HEC Z . 13.09 26.94 29.29
CBC HEC Z . 14.00 26.36 28.34
ND HEC Z . 11.14 26.43 34.32
C1D HEC Z . 10.85 25.96 33.07
C2D HEC Z . 9.75 25.00 33.10
C3D HEC Z . 9.36 24.88 34.38
C4D HEC Z . 10.21 25.80 35.14
CMD HEC Z . 9.17 24.24 31.88
CAD HEC Z . 8.27 23.95 34.92
CBD HEC Z . 8.66 22.48 34.99
CGD HEC Z . 9.52 22.13 36.21
O1D HEC Z . 9.82 23.00 37.06
O2D HEC Z . 9.88 20.96 36.33
FE HEC AA . -4.09 29.40 22.63
CHA HEC AA . -5.75 27.42 20.45
CHB HEC AA . -6.18 31.96 21.90
CHC HEC AA . -2.60 31.30 25.04
CHD HEC AA . -1.64 27.14 22.86
NA HEC AA . -5.62 29.65 21.42
C1A HEC AA . -6.16 28.74 20.55
C2A HEC AA . -7.20 29.34 19.73
C3A HEC AA . -7.26 30.63 20.09
C4A HEC AA . -6.30 30.81 21.16
CMA HEC AA . -8.19 31.69 19.54
CAA HEC AA . -8.04 28.64 18.65
CBA HEC AA . -9.40 28.13 19.13
CGA HEC AA . -9.30 27.09 20.23
O1A HEC AA . -9.61 27.42 21.39
O2A HEC AA . -8.93 25.95 19.92
NB HEC AA . -4.40 31.20 23.35
C1B HEC AA . -5.33 32.16 22.94
C2B HEC AA . -5.26 33.34 23.76
C3B HEC AA . -4.27 33.13 24.69
C4B HEC AA . -3.73 31.82 24.38
CMB HEC AA . -6.15 34.60 23.63
CAB HEC AA . -3.82 33.92 25.76
CBB HEC AA . -4.70 34.21 26.87
NC HEC AA . -2.48 29.24 23.76
C1C HEC AA . -2.02 30.07 24.72
C2C HEC AA . -0.69 29.65 25.23
C3C HEC AA . -0.34 28.56 24.50
C4C HEC AA . -1.52 28.27 23.64
CMC HEC AA . 0.09 30.41 26.30
CAC HEC AA . 0.90 27.86 24.43
CBC HEC AA . 1.51 27.22 25.59
ND HEC AA . -3.81 27.61 21.88
C1D HEC AA . -2.74 26.77 22.10
C2D HEC AA . -2.96 25.45 21.56
C3D HEC AA . -4.17 25.52 20.94
C4D HEC AA . -4.65 26.87 21.12
CMD HEC AA . -2.01 24.22 21.66
CAD HEC AA . -4.90 24.40 20.15
CBD HEC AA . -4.79 24.57 18.63
CGD HEC AA . -5.70 23.63 17.86
O1D HEC AA . -5.86 22.48 18.26
O2D HEC AA . -6.29 24.05 16.84
FE HEC BA . 4.19 24.72 31.17
CHA HEC BA . 4.10 24.58 34.56
CHB HEC BA . 2.26 21.97 30.84
CHC HEC BA . 3.75 25.37 27.87
CHD HEC BA . 6.60 27.13 31.30
NA HEC BA . 3.34 23.55 32.43
C1A HEC BA . 3.30 23.68 33.81
C2A HEC BA . 2.35 22.74 34.38
C3A HEC BA . 1.90 21.94 33.37
C4A HEC BA . 2.54 22.44 32.14
CMA HEC BA . 0.95 20.76 33.51
CAA HEC BA . 1.83 22.77 35.79
CBA HEC BA . 1.04 24.05 36.09
CGA HEC BA . -0.13 24.26 35.14
O1A HEC BA . -0.81 23.27 34.83
O2A HEC BA . -0.39 25.41 34.72
NB HEC BA . 3.21 23.87 29.67
C1B HEC BA . 2.57 22.65 29.69
C2B HEC BA . 2.01 22.33 28.43
C3B HEC BA . 2.29 23.35 27.58
C4B HEC BA . 3.07 24.29 28.39
CMB HEC BA . 1.25 21.01 28.21
CAB HEC BA . 1.86 23.51 26.22
CBB HEC BA . 0.43 23.55 25.91
NC HEC BA . 4.96 25.98 29.88
C1C HEC BA . 4.61 26.18 28.57
C2C HEC BA . 5.37 27.26 27.97
C3C HEC BA . 6.27 27.70 28.88
C4C HEC BA . 6.00 26.91 30.08
CMC HEC BA . 5.23 27.68 26.49
CAC HEC BA . 7.34 28.62 28.68
CBC HEC BA . 7.10 29.95 28.19
ND HEC BA . 5.19 25.58 32.61
C1D HEC BA . 6.18 26.54 32.49
C2D HEC BA . 6.64 26.99 33.79
C3D HEC BA . 5.92 26.34 34.71
C4D HEC BA . 5.03 25.43 33.99
CMD HEC BA . 7.79 27.95 33.98
CAD HEC BA . 6.02 26.48 36.23
CBD HEC BA . 5.32 27.76 36.73
CGD HEC BA . 5.42 27.94 38.22
O1D HEC BA . 5.79 26.99 38.95
O2D HEC BA . 5.12 29.04 38.69
FE HEC CA . 1.65 15.79 30.89
CHA HEC CA . 1.84 15.78 34.31
CHB HEC CA . 3.74 18.45 30.80
CHC HEC CA . 1.99 15.32 27.54
CHD HEC CA . -0.84 13.56 31.00
NA HEC CA . 2.53 16.87 32.21
C1A HEC CA . 2.57 16.72 33.59
C2A HEC CA . 3.35 17.73 34.24
C3A HEC CA . 3.80 18.54 33.27
C4A HEC CA . 3.31 18.02 32.01
CMA HEC CA . 4.66 19.75 33.47
CAA HEC CA . 3.67 17.82 35.75
CBA HEC CA . 2.79 18.89 36.37
CGA HEC CA . 3.07 19.14 37.86
O1A HEC CA . 2.57 20.16 38.38
O2A HEC CA . 3.75 18.31 38.51
NB HEC CA . 2.63 16.69 29.43
C1B HEC CA . 3.45 17.80 29.55
C2B HEC CA . 4.03 18.19 28.23
C3B HEC CA . 3.63 17.21 27.35
C4B HEC CA . 2.73 16.33 28.09
CMB HEC CA . 4.92 19.43 27.99
CAB HEC CA . 4.03 17.01 26.02
CBB HEC CA . 5.40 17.05 25.63
NC HEC CA . 0.71 14.74 29.55
C1C HEC CA . 0.98 14.60 28.21
C2C HEC CA . 0.06 13.68 27.60
C3C HEC CA . -0.79 13.23 28.56
C4C HEC CA . -0.36 13.90 29.78
CMC HEC CA . 0.09 13.44 26.09
CAC HEC CA . -1.94 12.41 28.44
CBC HEC CA . -1.83 11.22 27.66
ND HEC CA . 0.73 14.84 32.33
C1D HEC CA . -0.28 13.93 32.22
C2D HEC CA . -0.60 13.32 33.53
C3D HEC CA . 0.26 13.86 34.42
C4D HEC CA . 1.00 14.87 33.70
CMD HEC CA . -1.69 12.25 33.84
CAD HEC CA . 0.58 13.44 35.87
CBD HEC CA . -0.17 14.38 36.81
CGD HEC CA . 0.08 14.09 38.30
O1D HEC CA . 0.58 13.02 38.67
O2D HEC CA . -0.25 14.97 39.13
FE HEC DA . -3.88 6.87 27.02
CHA HEC DA . -2.15 4.01 26.47
CHB HEC DA . -3.69 6.31 30.38
CHC HEC DA . -5.28 9.94 27.60
CHD HEC DA . -4.47 7.20 23.77
NA HEC DA . -3.16 5.42 28.14
C1A HEC DA . -2.45 4.32 27.77
C2A HEC DA . -2.07 3.52 28.91
C3A HEC DA . -2.51 4.13 30.03
C4A HEC DA . -3.18 5.33 29.54
CMA HEC DA . -2.39 3.67 31.48
CAA HEC DA . -1.26 2.22 28.78
CBA HEC DA . 0.24 2.47 28.82
CGA HEC DA . 0.78 2.49 30.25
O1A HEC DA . 1.63 3.37 30.53
O2A HEC DA . 0.38 1.63 31.07
NB HEC DA . -4.28 7.90 28.59
C1B HEC DA . -4.16 7.53 29.94
C2B HEC DA . -4.63 8.55 30.80
C3B HEC DA . -5.04 9.60 30.03
C4B HEC DA . -4.85 9.20 28.70
CMB HEC DA . -4.62 8.41 32.35
CAB HEC DA . -5.49 10.87 30.44
CBB HEC DA . -4.69 11.69 31.30
NC HEC DA . -4.70 8.26 25.92
C1C HEC DA . -5.21 9.47 26.31
C2C HEC DA . -5.81 10.16 25.16
C3C HEC DA . -5.70 9.34 24.09
C4C HEC DA . -4.95 8.19 24.57
CMC HEC DA . -6.48 11.53 25.30
CAC HEC DA . -6.25 9.45 22.78
CBC HEC DA . -6.13 10.61 21.99
ND HEC DA . -3.42 5.85 25.48
C1D HEC DA . -3.71 6.13 24.16
C2D HEC DA . -3.12 5.19 23.26
C3D HEC DA . -2.44 4.29 24.00
C4D HEC DA . -2.62 4.69 25.38
CMD HEC DA . -3.25 5.21 21.71
CAD HEC DA . -1.52 3.20 23.48
CBD HEC DA . -2.17 1.80 23.35
CGD HEC DA . -2.98 1.63 22.06
O1D HEC DA . -2.36 1.55 20.98
O2D HEC DA . -4.22 1.55 22.15
#